data_3H9Q
#
_entry.id   3H9Q
#
_cell.length_a   56.300
_cell.length_b   138.597
_cell.length_c   81.375
_cell.angle_alpha   90.000
_cell.angle_beta   92.060
_cell.angle_gamma   90.000
#
_symmetry.space_group_name_H-M   'P 1 21 1'
#
loop_
_entity.id
_entity.type
_entity.pdbx_description
1 polymer 'MccB protein'
2 polymer 'Microcin C7 ANALOG'
3 non-polymer 'ZINC ION'
4 non-polymer 'SULFATE ION'
5 water water
#
loop_
_entity_poly.entity_id
_entity_poly.type
_entity_poly.pdbx_seq_one_letter_code
_entity_poly.pdbx_strand_id
1 'polypeptide(L)'
;GSHMDYILGRYVKIARYGSGGLVGGGGKEQYVENLVLWENIIKTAYCFITPSSYTAALETANIPEKDFSNCFRFLKENFF
IIPGEYNNSTENNRYSRNFLHYQSYGANPVLVQDKLKNAKVVILGCGGIGNHVSVILATSGIGEIILIDNDQIENTNLTR
QVLFSEDDVGKNKTEVIKRELLKRNSEISVSEIALNINDYTDLHKVPEADIWVVSADHPFNLINWVNKYCVRANQPYINA
GYVNDIAVFGPLYVPGKTGCYECQKVVADLYGSEKENIDHKIKLINSRFKPATFAPVNNVAAALCAADVIKFIGKYSEPL
SLNKRIGIWSDEIKIHSQNMGRSPVCSVCGNRM
;
A,B,C,D
2 'polypeptide(L)' (MSE)RTGNAN E,F,G,H
#
loop_
_chem_comp.id
_chem_comp.type
_chem_comp.name
_chem_comp.formula
SO4 non-polymer 'SULFATE ION' 'O4 S -2'
ZN non-polymer 'ZINC ION' 'Zn 2'
#
# COMPACT_ATOMS: atom_id res chain seq x y z
N MET A 4 8.83 10.26 -50.52
CA MET A 4 8.84 8.77 -50.63
C MET A 4 9.86 8.17 -49.67
N ASP A 5 9.89 8.71 -48.46
CA ASP A 5 10.81 8.27 -47.42
C ASP A 5 10.27 7.09 -46.63
N TYR A 6 11.21 6.29 -46.11
CA TYR A 6 10.89 5.13 -45.28
C TYR A 6 11.82 5.20 -44.06
N ILE A 7 11.38 4.63 -42.95
CA ILE A 7 12.18 4.63 -41.73
C ILE A 7 11.97 3.36 -40.90
N LEU A 8 13.05 2.81 -40.36
CA LEU A 8 12.95 1.60 -39.56
C LEU A 8 12.14 1.88 -38.28
N GLY A 9 11.09 1.09 -38.05
CA GLY A 9 10.28 1.28 -36.86
C GLY A 9 11.08 0.97 -35.61
N ARG A 10 10.84 1.72 -34.54
CA ARG A 10 11.58 1.52 -33.31
C ARG A 10 11.17 0.22 -32.60
N TYR A 11 10.13 -0.43 -33.10
CA TYR A 11 9.64 -1.68 -32.52
C TYR A 11 10.29 -2.95 -33.09
N VAL A 12 11.24 -2.79 -34.00
CA VAL A 12 11.88 -3.97 -34.55
C VAL A 12 13.18 -4.21 -33.81
N LYS A 13 13.33 -5.44 -33.33
CA LYS A 13 14.54 -5.82 -32.66
C LYS A 13 15.00 -7.02 -33.47
N ILE A 14 16.32 -7.18 -33.57
CA ILE A 14 16.88 -8.31 -34.31
C ILE A 14 17.69 -9.16 -33.33
N ALA A 15 17.99 -10.40 -33.70
CA ALA A 15 18.74 -11.26 -32.81
C ALA A 15 19.28 -12.51 -33.48
N ARG A 16 20.59 -12.74 -33.29
CA ARG A 16 21.23 -13.92 -33.86
C ARG A 16 20.52 -15.09 -33.18
N TYR A 17 19.98 -16.02 -33.97
CA TYR A 17 19.28 -17.18 -33.42
C TYR A 17 19.49 -18.40 -34.29
N GLY A 18 19.68 -19.55 -33.64
CA GLY A 18 19.90 -20.79 -34.37
C GLY A 18 21.02 -20.56 -35.37
N SER A 19 20.76 -20.88 -36.64
CA SER A 19 21.76 -20.69 -37.68
C SER A 19 21.85 -19.21 -38.06
N GLY A 20 20.71 -18.65 -38.49
CA GLY A 20 20.67 -17.25 -38.90
C GLY A 20 20.26 -16.26 -37.83
N GLY A 21 19.01 -15.82 -37.86
CA GLY A 21 18.56 -14.87 -36.86
C GLY A 21 17.11 -14.45 -36.99
N LEU A 22 16.64 -13.73 -35.97
CA LEU A 22 15.26 -13.24 -35.90
C LEU A 22 15.16 -11.77 -36.29
N VAL A 23 14.03 -11.41 -36.90
CA VAL A 23 13.80 -10.02 -37.27
C VAL A 23 12.39 -9.58 -36.83
N GLY A 24 12.34 -8.58 -35.95
CA GLY A 24 11.07 -8.10 -35.44
C GLY A 24 10.68 -8.89 -34.20
N GLY A 25 9.76 -8.36 -33.42
CA GLY A 25 9.33 -9.06 -32.22
C GLY A 25 7.83 -9.11 -32.13
N GLY A 26 7.32 -10.20 -31.54
CA GLY A 26 5.88 -10.34 -31.39
C GLY A 26 5.28 -11.23 -32.45
N GLY A 27 4.02 -10.94 -32.79
CA GLY A 27 3.32 -11.74 -33.76
C GLY A 27 3.95 -11.76 -35.14
N LYS A 28 4.68 -10.70 -35.48
CA LYS A 28 5.30 -10.60 -36.79
C LYS A 28 6.71 -11.17 -36.89
N GLU A 29 7.27 -11.61 -35.76
CA GLU A 29 8.62 -12.16 -35.73
C GLU A 29 8.91 -13.17 -36.84
N GLN A 30 9.96 -12.90 -37.61
CA GLN A 30 10.37 -13.76 -38.72
C GLN A 30 11.72 -14.40 -38.45
N TYR A 31 11.82 -15.69 -38.71
CA TYR A 31 13.08 -16.39 -38.51
C TYR A 31 13.64 -16.72 -39.87
N VAL A 32 14.86 -16.25 -40.12
CA VAL A 32 15.52 -16.51 -41.39
C VAL A 32 16.76 -17.35 -41.10
N GLU A 33 16.79 -18.54 -41.70
CA GLU A 33 17.88 -19.51 -41.50
C GLU A 33 19.20 -19.20 -42.21
N ASN A 34 19.13 -18.59 -43.39
CA ASN A 34 20.32 -18.24 -44.17
C ASN A 34 21.06 -17.04 -43.57
N LEU A 35 22.23 -17.28 -42.99
CA LEU A 35 23.02 -16.21 -42.37
C LEU A 35 23.38 -15.11 -43.35
N VAL A 36 23.67 -15.47 -44.59
CA VAL A 36 24.03 -14.48 -45.59
C VAL A 36 22.89 -13.49 -45.78
N LEU A 37 21.66 -13.99 -45.91
CA LEU A 37 20.49 -13.14 -46.11
C LEU A 37 20.13 -12.33 -44.87
N TRP A 38 20.11 -12.98 -43.73
CA TRP A 38 19.78 -12.30 -42.48
C TRP A 38 20.68 -11.10 -42.29
N GLU A 39 21.96 -11.29 -42.52
CA GLU A 39 22.94 -10.22 -42.36
C GLU A 39 22.68 -9.11 -43.36
N ASN A 40 22.23 -9.44 -44.57
CA ASN A 40 21.94 -8.41 -45.55
C ASN A 40 20.70 -7.62 -45.17
N ILE A 41 19.76 -8.27 -44.49
CA ILE A 41 18.54 -7.59 -44.06
C ILE A 41 18.93 -6.56 -43.01
N ILE A 42 19.81 -6.96 -42.10
CA ILE A 42 20.30 -6.10 -41.04
C ILE A 42 21.01 -4.88 -41.64
N LYS A 43 21.79 -5.09 -42.68
CA LYS A 43 22.50 -4.00 -43.32
C LYS A 43 21.51 -3.05 -43.99
N THR A 44 20.48 -3.59 -44.63
CA THR A 44 19.51 -2.73 -45.29
C THR A 44 18.71 -1.90 -44.28
N ALA A 45 18.22 -2.57 -43.23
CA ALA A 45 17.44 -1.92 -42.19
C ALA A 45 18.24 -0.78 -41.57
N TYR A 46 19.54 -1.00 -41.37
CA TYR A 46 20.44 -0.02 -40.78
C TYR A 46 20.48 1.24 -41.66
N CYS A 47 20.38 1.06 -42.97
CA CYS A 47 20.37 2.19 -43.91
C CYS A 47 19.10 3.02 -43.78
N PHE A 48 18.08 2.48 -43.12
CA PHE A 48 16.80 3.18 -43.00
C PHE A 48 16.53 3.75 -41.61
N ILE A 49 17.55 3.73 -40.75
CA ILE A 49 17.31 4.26 -39.43
C ILE A 49 16.87 5.73 -39.52
N THR A 50 17.35 6.44 -40.54
CA THR A 50 16.93 7.84 -40.70
C THR A 50 16.00 7.87 -41.92
N PRO A 51 14.93 8.68 -41.85
CA PRO A 51 14.02 8.73 -42.99
C PRO A 51 14.75 8.88 -44.32
N SER A 52 14.72 7.82 -45.11
CA SER A 52 15.40 7.80 -46.41
C SER A 52 14.56 7.16 -47.51
N SER A 53 14.86 7.53 -48.75
CA SER A 53 14.17 7.00 -49.90
C SER A 53 14.91 5.74 -50.31
N TYR A 54 14.28 4.91 -51.13
CA TYR A 54 14.90 3.67 -51.58
C TYR A 54 16.32 3.91 -52.09
N THR A 55 16.49 4.87 -53.00
CA THR A 55 17.81 5.14 -53.54
C THR A 55 18.82 5.78 -52.59
N ALA A 56 18.38 6.78 -51.83
CA ALA A 56 19.25 7.45 -50.89
C ALA A 56 19.78 6.43 -49.88
N ALA A 57 19.02 5.36 -49.66
CA ALA A 57 19.39 4.30 -48.72
C ALA A 57 20.32 3.27 -49.35
N LEU A 58 20.10 2.95 -50.62
CA LEU A 58 20.93 1.97 -51.33
C LEU A 58 22.38 2.46 -51.48
N GLU A 59 22.53 3.77 -51.65
CA GLU A 59 23.84 4.39 -51.81
C GLU A 59 24.72 4.22 -50.60
N THR A 60 24.11 4.21 -49.42
CA THR A 60 24.86 4.04 -48.20
C THR A 60 25.03 2.56 -47.90
N ALA A 61 24.38 1.71 -48.70
CA ALA A 61 24.50 0.26 -48.50
C ALA A 61 25.72 -0.28 -49.25
N ASN A 62 26.39 -1.24 -48.65
CA ASN A 62 27.57 -1.80 -49.29
C ASN A 62 27.26 -3.20 -49.81
N ILE A 63 26.02 -3.39 -50.27
CA ILE A 63 25.61 -4.68 -50.79
C ILE A 63 24.99 -4.47 -52.17
N PRO A 64 24.96 -5.52 -53.00
CA PRO A 64 24.40 -5.46 -54.36
C PRO A 64 22.94 -5.04 -54.45
N GLU A 65 22.63 -4.17 -55.40
CA GLU A 65 21.27 -3.68 -55.58
C GLU A 65 20.20 -4.76 -55.67
N LYS A 66 20.58 -5.99 -56.02
CA LYS A 66 19.59 -7.04 -56.11
C LYS A 66 19.19 -7.43 -54.69
N ASP A 67 20.19 -7.78 -53.87
CA ASP A 67 19.98 -8.20 -52.49
C ASP A 67 19.29 -7.11 -51.66
N PHE A 68 19.88 -5.92 -51.64
CA PHE A 68 19.32 -4.79 -50.92
C PHE A 68 17.83 -4.72 -51.25
N SER A 69 17.49 -4.99 -52.50
CA SER A 69 16.10 -4.97 -52.95
C SER A 69 15.26 -6.08 -52.30
N ASN A 70 15.81 -7.28 -52.17
CA ASN A 70 15.04 -8.34 -51.56
C ASN A 70 14.89 -8.07 -50.07
N CYS A 71 15.92 -7.46 -49.49
CA CYS A 71 15.89 -7.12 -48.08
C CYS A 71 14.86 -6.01 -47.84
N PHE A 72 14.76 -5.09 -48.79
CA PHE A 72 13.82 -3.97 -48.69
C PHE A 72 12.39 -4.46 -48.73
N ARG A 73 12.13 -5.39 -49.65
CA ARG A 73 10.79 -5.98 -49.82
C ARG A 73 10.43 -6.74 -48.55
N PHE A 74 11.40 -7.45 -47.99
CA PHE A 74 11.15 -8.15 -46.76
C PHE A 74 10.64 -7.15 -45.72
N LEU A 75 11.49 -6.19 -45.37
CA LEU A 75 11.19 -5.17 -44.37
C LEU A 75 9.87 -4.46 -44.57
N LYS A 76 9.59 -4.06 -45.81
CA LYS A 76 8.36 -3.38 -46.13
C LYS A 76 7.07 -4.17 -45.91
N GLU A 77 7.00 -5.40 -46.38
CA GLU A 77 5.76 -6.16 -46.22
C GLU A 77 5.47 -6.50 -44.77
N ASN A 78 6.51 -6.71 -43.97
CA ASN A 78 6.33 -7.03 -42.55
C ASN A 78 6.20 -5.77 -41.74
N PHE A 79 6.22 -4.64 -42.44
CA PHE A 79 6.10 -3.34 -41.80
C PHE A 79 7.23 -3.04 -40.81
N PHE A 80 8.44 -3.55 -41.09
CA PHE A 80 9.57 -3.27 -40.22
C PHE A 80 10.04 -1.89 -40.60
N ILE A 81 9.75 -1.48 -41.84
CA ILE A 81 10.02 -0.11 -42.26
C ILE A 81 8.67 0.41 -42.76
N ILE A 82 8.37 1.65 -42.42
CA ILE A 82 7.10 2.29 -42.76
C ILE A 82 7.35 3.68 -43.33
N PRO A 83 6.34 4.26 -44.01
CA PRO A 83 6.44 5.60 -44.61
C PRO A 83 6.93 6.61 -43.58
N GLY A 84 7.89 7.44 -43.97
CA GLY A 84 8.41 8.43 -43.04
C GLY A 84 7.34 9.33 -42.45
N GLU A 85 6.21 9.45 -43.13
CA GLU A 85 5.13 10.30 -42.65
C GLU A 85 4.40 9.70 -41.44
N TYR A 86 4.48 8.38 -41.27
CA TYR A 86 3.82 7.73 -40.15
C TYR A 86 4.52 7.98 -38.80
N ASN A 87 5.46 8.92 -38.75
CA ASN A 87 6.17 9.19 -37.51
C ASN A 87 6.04 10.65 -36.99
N ASN A 88 4.80 11.05 -36.66
CA ASN A 88 4.51 12.41 -36.17
C ASN A 88 3.85 12.35 -34.78
N ASN A 92 5.12 13.15 -28.97
CA ASN A 92 4.79 14.14 -27.95
C ASN A 92 3.33 14.03 -27.48
N ASN A 93 2.47 13.52 -28.37
CA ASN A 93 1.05 13.35 -28.08
C ASN A 93 0.79 12.40 -26.90
N ARG A 94 -0.38 12.51 -26.29
CA ARG A 94 -0.74 11.67 -25.17
C ARG A 94 -0.99 10.23 -25.59
N TYR A 95 -1.36 10.04 -26.87
CA TYR A 95 -1.60 8.71 -27.40
C TYR A 95 -0.38 8.27 -28.17
N SER A 96 0.76 8.90 -27.91
CA SER A 96 2.00 8.54 -28.61
C SER A 96 2.39 7.06 -28.50
N ARG A 97 2.19 6.47 -27.33
CA ARG A 97 2.54 5.08 -27.11
C ARG A 97 1.85 4.19 -28.15
N ASN A 98 0.51 4.25 -28.21
CA ASN A 98 -0.27 3.43 -29.13
C ASN A 98 0.18 3.49 -30.59
N PHE A 99 0.81 4.60 -30.98
CA PHE A 99 1.28 4.82 -32.34
C PHE A 99 2.19 3.73 -32.91
N LEU A 100 3.16 3.28 -32.11
CA LEU A 100 4.06 2.23 -32.55
C LEU A 100 3.27 0.95 -32.84
N HIS A 101 2.24 0.71 -32.02
CA HIS A 101 1.41 -0.45 -32.21
C HIS A 101 0.78 -0.38 -33.60
N TYR A 102 0.04 0.71 -33.86
CA TYR A 102 -0.59 0.86 -35.15
C TYR A 102 0.46 0.76 -36.26
N GLN A 103 1.58 1.48 -36.13
CA GLN A 103 2.62 1.40 -37.17
C GLN A 103 3.03 -0.04 -37.49
N SER A 104 3.16 -0.86 -36.46
CA SER A 104 3.57 -2.24 -36.68
C SER A 104 2.60 -3.03 -37.54
N TYR A 105 1.37 -2.54 -37.68
CA TYR A 105 0.37 -3.22 -38.50
C TYR A 105 0.17 -2.53 -39.84
N GLY A 106 1.16 -1.74 -40.25
CA GLY A 106 1.11 -1.07 -41.53
C GLY A 106 0.09 0.04 -41.62
N ALA A 107 -0.32 0.59 -40.48
CA ALA A 107 -1.31 1.65 -40.46
C ALA A 107 -0.73 3.04 -40.21
N ASN A 108 -1.56 4.05 -40.43
CA ASN A 108 -1.16 5.44 -40.22
C ASN A 108 -1.67 5.84 -38.84
N PRO A 109 -0.76 5.97 -37.87
CA PRO A 109 -1.17 6.34 -36.51
C PRO A 109 -2.22 7.43 -36.51
N VAL A 110 -1.86 8.59 -37.07
CA VAL A 110 -2.76 9.73 -37.13
C VAL A 110 -4.14 9.32 -37.62
N LEU A 111 -4.19 8.70 -38.80
CA LEU A 111 -5.45 8.27 -39.38
C LEU A 111 -6.26 7.42 -38.42
N VAL A 112 -5.61 6.42 -37.85
CA VAL A 112 -6.28 5.54 -36.88
C VAL A 112 -6.81 6.38 -35.73
N GLN A 113 -5.93 7.16 -35.11
CA GLN A 113 -6.33 7.99 -34.00
C GLN A 113 -7.54 8.82 -34.38
N ASP A 114 -7.54 9.36 -35.59
CA ASP A 114 -8.66 10.18 -36.06
C ASP A 114 -9.97 9.41 -36.04
N LYS A 115 -9.95 8.16 -36.51
CA LYS A 115 -11.16 7.36 -36.54
C LYS A 115 -11.71 7.12 -35.13
N LEU A 116 -10.82 6.92 -34.16
CA LEU A 116 -11.21 6.68 -32.77
C LEU A 116 -11.88 7.91 -32.16
N LYS A 117 -11.32 9.09 -32.44
CA LYS A 117 -11.89 10.32 -31.92
C LYS A 117 -13.32 10.59 -32.40
N ASN A 118 -13.59 10.30 -33.67
CA ASN A 118 -14.92 10.53 -34.22
C ASN A 118 -15.87 9.38 -33.93
N ALA A 119 -15.43 8.45 -33.10
CA ALA A 119 -16.26 7.31 -32.80
C ALA A 119 -17.10 7.56 -31.58
N LYS A 120 -18.20 6.83 -31.50
CA LYS A 120 -19.16 6.91 -30.42
C LYS A 120 -19.37 5.46 -30.04
N VAL A 121 -19.08 5.13 -28.78
CA VAL A 121 -19.23 3.76 -28.31
C VAL A 121 -20.22 3.65 -27.15
N VAL A 122 -21.04 2.60 -27.16
CA VAL A 122 -22.00 2.37 -26.08
C VAL A 122 -21.62 1.17 -25.22
N ILE A 123 -21.61 1.39 -23.92
CA ILE A 123 -21.28 0.36 -22.94
C ILE A 123 -22.54 -0.04 -22.19
N LEU A 124 -23.12 -1.16 -22.58
CA LEU A 124 -24.36 -1.65 -21.97
C LEU A 124 -24.06 -2.52 -20.77
N GLY A 125 -24.41 -2.04 -19.58
CA GLY A 125 -24.13 -2.81 -18.37
C GLY A 125 -22.75 -2.39 -17.92
N CYS A 126 -22.66 -1.66 -16.80
CA CYS A 126 -21.38 -1.18 -16.32
C CYS A 126 -20.79 -1.91 -15.12
N GLY A 127 -20.97 -3.23 -15.10
CA GLY A 127 -20.42 -4.04 -14.03
C GLY A 127 -18.92 -4.20 -14.26
N GLY A 128 -18.39 -5.40 -14.02
CA GLY A 128 -16.96 -5.65 -14.16
C GLY A 128 -16.38 -5.49 -15.55
N ILE A 129 -17.10 -5.99 -16.55
CA ILE A 129 -16.60 -5.89 -17.91
C ILE A 129 -16.61 -4.46 -18.40
N GLY A 130 -17.79 -3.82 -18.40
CA GLY A 130 -17.91 -2.45 -18.87
C GLY A 130 -17.00 -1.45 -18.16
N ASN A 131 -16.53 -1.84 -16.98
CA ASN A 131 -15.65 -1.01 -16.19
C ASN A 131 -14.31 -1.00 -16.89
N HIS A 132 -13.72 -2.17 -17.11
CA HIS A 132 -12.44 -2.21 -17.78
C HIS A 132 -12.49 -1.79 -19.26
N VAL A 133 -13.54 -2.19 -19.98
CA VAL A 133 -13.62 -1.83 -21.39
C VAL A 133 -13.58 -0.31 -21.56
N SER A 134 -14.40 0.38 -20.77
CA SER A 134 -14.51 1.84 -20.82
C SER A 134 -13.23 2.59 -20.50
N VAL A 135 -12.41 2.07 -19.59
CA VAL A 135 -11.18 2.74 -19.25
C VAL A 135 -10.17 2.53 -20.38
N ILE A 136 -10.20 1.35 -21.00
CA ILE A 136 -9.28 1.09 -22.10
C ILE A 136 -9.63 2.03 -23.24
N LEU A 137 -10.89 1.97 -23.65
CA LEU A 137 -11.40 2.79 -24.74
C LEU A 137 -11.20 4.29 -24.47
N ALA A 138 -11.59 4.74 -23.29
CA ALA A 138 -11.45 6.15 -22.94
C ALA A 138 -10.01 6.60 -23.15
N THR A 139 -9.08 5.97 -22.43
CA THR A 139 -7.68 6.34 -22.54
C THR A 139 -7.03 6.11 -23.91
N SER A 140 -7.66 5.29 -24.75
CA SER A 140 -7.11 5.04 -26.09
C SER A 140 -7.56 6.12 -27.06
N GLY A 141 -8.53 6.94 -26.66
CA GLY A 141 -8.97 8.01 -27.53
C GLY A 141 -10.35 7.94 -28.16
N ILE A 142 -11.22 7.09 -27.63
CA ILE A 142 -12.57 7.01 -28.16
C ILE A 142 -13.27 8.29 -27.78
N GLY A 143 -13.88 8.95 -28.76
CA GLY A 143 -14.54 10.23 -28.55
C GLY A 143 -15.71 10.31 -27.60
N GLU A 144 -16.73 9.48 -27.81
CA GLU A 144 -17.90 9.51 -26.94
C GLU A 144 -18.21 8.12 -26.42
N ILE A 145 -18.53 8.05 -25.13
CA ILE A 145 -18.87 6.81 -24.47
C ILE A 145 -20.22 7.01 -23.77
N ILE A 146 -21.13 6.08 -23.99
CA ILE A 146 -22.47 6.16 -23.40
C ILE A 146 -22.54 5.05 -22.38
N LEU A 147 -22.65 5.42 -21.10
CA LEU A 147 -22.75 4.45 -20.01
C LEU A 147 -24.20 4.13 -19.74
N ILE A 148 -24.59 2.87 -19.92
CA ILE A 148 -25.97 2.47 -19.71
C ILE A 148 -26.09 1.44 -18.60
N ASP A 149 -26.51 1.91 -17.44
CA ASP A 149 -26.67 1.06 -16.27
C ASP A 149 -27.44 1.82 -15.19
N ASN A 150 -28.47 1.19 -14.62
CA ASN A 150 -29.26 1.84 -13.57
C ASN A 150 -29.10 1.11 -12.24
N ASP A 151 -27.87 0.66 -11.96
CA ASP A 151 -27.57 -0.06 -10.74
C ASP A 151 -26.71 0.78 -9.81
N GLN A 152 -26.57 0.31 -8.57
CA GLN A 152 -25.79 1.00 -7.55
C GLN A 152 -24.56 0.20 -7.10
N ILE A 153 -23.48 0.92 -6.77
CA ILE A 153 -22.24 0.29 -6.30
C ILE A 153 -22.41 -0.23 -4.88
N GLU A 154 -21.95 -1.45 -4.66
CA GLU A 154 -22.01 -2.08 -3.35
C GLU A 154 -20.55 -2.27 -2.96
N ASN A 155 -20.29 -2.92 -1.84
CA ASN A 155 -18.89 -3.12 -1.44
C ASN A 155 -18.32 -4.34 -2.17
N THR A 156 -19.14 -5.39 -2.30
CA THR A 156 -18.72 -6.62 -2.97
C THR A 156 -18.33 -6.39 -4.42
N ASN A 157 -18.55 -5.18 -4.92
CA ASN A 157 -18.23 -4.87 -6.30
C ASN A 157 -16.79 -4.39 -6.48
N LEU A 158 -16.13 -4.09 -5.37
CA LEU A 158 -14.76 -3.59 -5.43
C LEU A 158 -13.70 -4.62 -5.78
N THR A 159 -14.11 -5.73 -6.36
CA THR A 159 -13.18 -6.80 -6.74
C THR A 159 -12.68 -6.70 -8.19
N ARG A 160 -13.61 -6.48 -9.12
CA ARG A 160 -13.23 -6.36 -10.53
C ARG A 160 -13.49 -4.98 -11.07
N GLN A 161 -14.24 -4.17 -10.35
CA GLN A 161 -14.56 -2.83 -10.81
C GLN A 161 -13.48 -1.81 -10.42
N VAL A 162 -12.35 -1.90 -11.14
CA VAL A 162 -11.16 -1.08 -10.94
C VAL A 162 -11.30 0.44 -10.74
N LEU A 163 -12.43 1.02 -11.16
CA LEU A 163 -12.60 2.46 -11.03
C LEU A 163 -13.30 2.90 -9.76
N PHE A 164 -13.62 1.96 -8.87
CA PHE A 164 -14.34 2.31 -7.66
C PHE A 164 -13.55 2.25 -6.36
N SER A 165 -13.88 3.17 -5.47
CA SER A 165 -13.28 3.23 -4.15
C SER A 165 -14.47 2.98 -3.25
N GLU A 166 -14.20 2.57 -2.02
CA GLU A 166 -15.27 2.29 -1.08
C GLU A 166 -16.23 3.47 -0.95
N ASP A 167 -15.69 4.68 -0.81
CA ASP A 167 -16.54 5.88 -0.67
C ASP A 167 -17.69 5.89 -1.66
N ASP A 168 -17.37 5.54 -2.91
CA ASP A 168 -18.35 5.54 -3.98
C ASP A 168 -19.56 4.67 -3.70
N VAL A 169 -19.44 3.76 -2.74
CA VAL A 169 -20.55 2.89 -2.39
C VAL A 169 -21.83 3.72 -2.27
N GLY A 170 -22.93 3.20 -2.80
CA GLY A 170 -24.19 3.91 -2.73
C GLY A 170 -24.51 4.79 -3.92
N LYS A 171 -23.47 5.21 -4.65
CA LYS A 171 -23.64 6.07 -5.82
C LYS A 171 -23.95 5.24 -7.06
N ASN A 172 -24.21 5.89 -8.18
CA ASN A 172 -24.53 5.18 -9.42
C ASN A 172 -23.25 4.77 -10.12
N LYS A 173 -23.29 3.60 -10.77
CA LYS A 173 -22.11 3.11 -11.47
C LYS A 173 -21.80 4.05 -12.62
N THR A 174 -22.80 4.31 -13.44
CA THR A 174 -22.64 5.18 -14.60
C THR A 174 -22.08 6.52 -14.19
N GLU A 175 -22.45 6.99 -13.00
CA GLU A 175 -21.95 8.29 -12.53
C GLU A 175 -20.48 8.20 -12.17
N VAL A 176 -20.12 7.26 -11.29
CA VAL A 176 -18.72 7.13 -10.89
C VAL A 176 -17.78 6.86 -12.07
N ILE A 177 -18.20 6.00 -13.00
CA ILE A 177 -17.35 5.71 -14.16
C ILE A 177 -17.01 6.97 -14.94
N LYS A 178 -18.03 7.77 -15.24
CA LYS A 178 -17.81 9.01 -15.99
C LYS A 178 -16.82 9.90 -15.23
N ARG A 179 -17.07 10.08 -13.94
CA ARG A 179 -16.19 10.90 -13.11
C ARG A 179 -14.76 10.39 -13.24
N GLU A 180 -14.60 9.07 -13.13
CA GLU A 180 -13.28 8.48 -13.23
C GLU A 180 -12.70 8.46 -14.64
N LEU A 181 -13.55 8.41 -15.65
CA LEU A 181 -13.09 8.41 -17.04
C LEU A 181 -12.58 9.78 -17.42
N LEU A 182 -13.32 10.82 -17.04
CA LEU A 182 -12.93 12.20 -17.36
C LEU A 182 -11.68 12.63 -16.59
N LYS A 183 -11.51 12.06 -15.41
CA LYS A 183 -10.37 12.35 -14.56
C LYS A 183 -9.09 11.79 -15.20
N ARG A 184 -9.26 10.90 -16.18
CA ARG A 184 -8.13 10.28 -16.86
C ARG A 184 -7.97 10.81 -18.28
N ASN A 185 -9.07 11.30 -18.83
CA ASN A 185 -9.04 11.86 -20.18
C ASN A 185 -10.18 12.87 -20.34
N SER A 186 -9.85 14.14 -20.14
CA SER A 186 -10.83 15.22 -20.24
C SER A 186 -11.16 15.63 -21.67
N GLU A 187 -10.40 15.10 -22.62
CA GLU A 187 -10.59 15.42 -24.03
C GLU A 187 -11.70 14.60 -24.70
N ILE A 188 -12.37 13.76 -23.94
CA ILE A 188 -13.46 12.94 -24.49
C ILE A 188 -14.73 13.25 -23.74
N SER A 189 -15.86 12.84 -24.29
CA SER A 189 -17.12 13.08 -23.63
C SER A 189 -17.75 11.77 -23.19
N VAL A 190 -18.35 11.81 -22.01
CA VAL A 190 -18.99 10.63 -21.45
C VAL A 190 -20.41 11.03 -21.08
N SER A 191 -21.36 10.11 -21.22
CA SER A 191 -22.74 10.39 -20.89
C SER A 191 -23.37 9.15 -20.25
N GLU A 192 -24.38 9.35 -19.43
CA GLU A 192 -25.05 8.25 -18.74
C GLU A 192 -26.51 8.13 -19.15
N ILE A 193 -27.06 6.92 -19.06
CA ILE A 193 -28.44 6.62 -19.38
C ILE A 193 -28.97 5.69 -18.31
N ALA A 194 -29.79 6.21 -17.40
CA ALA A 194 -30.33 5.38 -16.35
C ALA A 194 -31.32 4.41 -16.98
N LEU A 195 -30.86 3.20 -17.25
CA LEU A 195 -31.69 2.16 -17.85
C LEU A 195 -31.16 0.76 -17.52
N ASN A 196 -32.05 -0.22 -17.63
CA ASN A 196 -31.70 -1.61 -17.35
C ASN A 196 -32.56 -2.47 -18.28
N ILE A 197 -31.93 -3.17 -19.21
CA ILE A 197 -32.69 -4.00 -20.14
C ILE A 197 -33.41 -5.17 -19.44
N ASN A 198 -34.70 -5.00 -19.19
CA ASN A 198 -35.51 -6.03 -18.54
C ASN A 198 -36.23 -6.90 -19.57
N ASP A 199 -36.93 -6.27 -20.51
CA ASP A 199 -37.64 -6.98 -21.57
C ASP A 199 -36.87 -6.72 -22.84
N TYR A 200 -37.50 -7.02 -23.97
CA TYR A 200 -36.88 -6.79 -25.27
C TYR A 200 -37.18 -5.35 -25.68
N THR A 201 -38.28 -4.82 -25.14
CA THR A 201 -38.72 -3.47 -25.45
C THR A 201 -37.73 -2.37 -25.05
N ASP A 202 -37.04 -2.57 -23.94
CA ASP A 202 -36.07 -1.59 -23.44
C ASP A 202 -34.91 -1.27 -24.40
N LEU A 203 -34.58 -2.20 -25.29
CA LEU A 203 -33.48 -1.99 -26.23
C LEU A 203 -33.65 -0.74 -27.11
N HIS A 204 -34.90 -0.36 -27.37
CA HIS A 204 -35.21 0.82 -28.17
C HIS A 204 -34.71 2.06 -27.45
N LYS A 205 -34.48 1.93 -26.15
CA LYS A 205 -34.01 3.07 -25.35
C LYS A 205 -32.51 3.31 -25.45
N VAL A 206 -31.79 2.40 -26.12
CA VAL A 206 -30.34 2.56 -26.26
C VAL A 206 -30.01 3.24 -27.59
N PRO A 207 -29.24 4.36 -27.54
CA PRO A 207 -28.87 5.09 -28.76
C PRO A 207 -28.20 4.28 -29.85
N GLU A 208 -27.99 4.93 -30.99
CA GLU A 208 -27.30 4.30 -32.12
C GLU A 208 -25.83 4.67 -31.95
N ALA A 209 -24.91 3.80 -32.39
CA ALA A 209 -23.48 4.11 -32.27
C ALA A 209 -22.59 3.16 -33.07
N ASP A 210 -21.33 3.53 -33.25
CA ASP A 210 -20.38 2.71 -33.99
C ASP A 210 -20.48 1.28 -33.54
N ILE A 211 -20.42 1.06 -32.22
CA ILE A 211 -20.53 -0.29 -31.71
C ILE A 211 -21.09 -0.31 -30.29
N TRP A 212 -21.74 -1.41 -29.94
CA TRP A 212 -22.32 -1.62 -28.62
C TRP A 212 -21.54 -2.71 -27.92
N VAL A 213 -21.02 -2.40 -26.74
CA VAL A 213 -20.31 -3.38 -25.91
C VAL A 213 -21.36 -3.88 -24.90
N VAL A 214 -21.80 -5.12 -25.08
CA VAL A 214 -22.81 -5.73 -24.20
C VAL A 214 -22.14 -6.70 -23.24
N SER A 215 -22.13 -6.37 -21.96
CA SER A 215 -21.46 -7.22 -20.98
C SER A 215 -22.28 -7.65 -19.76
N ALA A 216 -23.36 -6.94 -19.47
CA ALA A 216 -24.18 -7.30 -18.32
C ALA A 216 -24.76 -8.70 -18.55
N ASP A 217 -24.86 -9.49 -17.49
CA ASP A 217 -25.37 -10.85 -17.60
C ASP A 217 -26.72 -11.06 -16.89
N HIS A 218 -27.76 -10.36 -17.34
CA HIS A 218 -29.08 -10.48 -16.71
C HIS A 218 -30.18 -9.85 -17.58
N PRO A 219 -31.26 -10.59 -17.85
CA PRO A 219 -31.52 -11.98 -17.45
C PRO A 219 -30.69 -13.00 -18.21
N PHE A 220 -31.12 -14.26 -18.15
CA PHE A 220 -30.43 -15.35 -18.82
C PHE A 220 -30.33 -15.16 -20.33
N ASN A 221 -31.42 -14.73 -20.96
CA ASN A 221 -31.45 -14.51 -22.40
C ASN A 221 -31.34 -13.04 -22.83
N LEU A 222 -30.54 -12.27 -22.12
CA LEU A 222 -30.35 -10.85 -22.45
C LEU A 222 -29.62 -10.74 -23.78
N ILE A 223 -28.56 -11.52 -23.91
CA ILE A 223 -27.76 -11.53 -25.11
C ILE A 223 -28.67 -11.78 -26.31
N ASN A 224 -29.61 -12.70 -26.18
CA ASN A 224 -30.52 -13.02 -27.27
C ASN A 224 -31.43 -11.87 -27.73
N TRP A 225 -31.73 -10.91 -26.86
CA TRP A 225 -32.58 -9.80 -27.27
C TRP A 225 -31.75 -8.71 -27.93
N VAL A 226 -30.53 -8.53 -27.43
CA VAL A 226 -29.62 -7.53 -27.99
C VAL A 226 -29.31 -7.93 -29.44
N ASN A 227 -29.18 -9.24 -29.64
CA ASN A 227 -28.90 -9.79 -30.95
C ASN A 227 -30.09 -9.49 -31.88
N LYS A 228 -31.23 -10.09 -31.54
CA LYS A 228 -32.47 -9.92 -32.29
C LYS A 228 -32.57 -8.45 -32.70
N TYR A 229 -32.69 -7.59 -31.69
CA TYR A 229 -32.80 -6.16 -31.90
C TYR A 229 -31.78 -5.60 -32.88
N CYS A 230 -30.50 -5.88 -32.63
CA CYS A 230 -29.41 -5.39 -33.48
C CYS A 230 -29.41 -5.90 -34.91
N VAL A 231 -29.97 -7.08 -35.13
CA VAL A 231 -30.02 -7.61 -36.48
C VAL A 231 -30.93 -6.74 -37.33
N ARG A 232 -32.04 -6.29 -36.75
CA ARG A 232 -32.99 -5.45 -37.48
C ARG A 232 -32.52 -3.99 -37.50
N ALA A 233 -31.90 -3.56 -36.40
CA ALA A 233 -31.42 -2.19 -36.28
C ALA A 233 -30.09 -1.94 -37.01
N ASN A 234 -29.56 -2.94 -37.71
CA ASN A 234 -28.29 -2.78 -38.43
C ASN A 234 -27.21 -2.20 -37.49
N GLN A 235 -27.36 -2.49 -36.20
CA GLN A 235 -26.44 -2.00 -35.18
C GLN A 235 -25.35 -3.00 -34.81
N PRO A 236 -24.07 -2.59 -34.95
CA PRO A 236 -22.95 -3.48 -34.61
C PRO A 236 -22.81 -3.66 -33.10
N TYR A 237 -22.46 -4.86 -32.65
CA TYR A 237 -22.32 -5.07 -31.22
C TYR A 237 -21.35 -6.20 -30.93
N ILE A 238 -20.81 -6.20 -29.72
CA ILE A 238 -19.88 -7.22 -29.31
C ILE A 238 -20.21 -7.65 -27.89
N ASN A 239 -20.23 -8.97 -27.69
CA ASN A 239 -20.53 -9.56 -26.39
C ASN A 239 -19.25 -9.93 -25.63
N ALA A 240 -19.29 -9.80 -24.31
CA ALA A 240 -18.15 -10.15 -23.47
C ALA A 240 -18.60 -10.60 -22.09
N GLY A 241 -17.80 -11.43 -21.44
CA GLY A 241 -18.17 -11.89 -20.13
C GLY A 241 -17.36 -13.07 -19.69
N TYR A 242 -18.01 -14.00 -19.02
CA TYR A 242 -17.34 -15.20 -18.56
C TYR A 242 -18.31 -16.27 -18.05
N VAL A 243 -17.79 -17.47 -17.91
CA VAL A 243 -18.57 -18.58 -17.36
C VAL A 243 -17.62 -19.08 -16.30
N ASN A 244 -17.78 -18.53 -15.10
CA ASN A 244 -16.91 -18.89 -14.00
C ASN A 244 -15.45 -18.60 -14.35
N ASP A 245 -14.62 -19.62 -14.46
CA ASP A 245 -13.21 -19.40 -14.72
C ASP A 245 -12.81 -19.17 -16.18
N ILE A 246 -13.77 -19.19 -17.09
CA ILE A 246 -13.44 -19.00 -18.51
C ILE A 246 -13.79 -17.60 -18.99
N ALA A 247 -12.78 -16.86 -19.43
CA ALA A 247 -13.01 -15.52 -19.95
C ALA A 247 -13.60 -15.74 -21.33
N VAL A 248 -14.61 -14.98 -21.67
CA VAL A 248 -15.21 -15.14 -22.97
C VAL A 248 -15.46 -13.81 -23.63
N PHE A 249 -15.17 -13.72 -24.92
CA PHE A 249 -15.45 -12.51 -25.67
C PHE A 249 -15.83 -12.85 -27.09
N GLY A 250 -16.76 -12.08 -27.62
CA GLY A 250 -17.23 -12.32 -28.96
C GLY A 250 -18.60 -12.95 -28.77
N PRO A 251 -19.41 -13.08 -29.84
CA PRO A 251 -19.01 -12.66 -31.19
C PRO A 251 -19.07 -11.16 -31.37
N LEU A 252 -18.47 -10.69 -32.45
CA LEU A 252 -18.48 -9.27 -32.81
C LEU A 252 -19.44 -9.31 -34.00
N TYR A 253 -20.68 -8.87 -33.78
CA TYR A 253 -21.69 -8.86 -34.84
C TYR A 253 -21.56 -7.64 -35.74
N VAL A 254 -21.51 -7.88 -37.05
CA VAL A 254 -21.45 -6.79 -38.01
C VAL A 254 -22.53 -7.04 -39.06
N PRO A 255 -23.50 -6.15 -39.14
CA PRO A 255 -24.64 -6.18 -40.07
C PRO A 255 -24.30 -6.49 -41.53
N GLY A 256 -24.67 -7.68 -41.98
CA GLY A 256 -24.45 -8.06 -43.37
C GLY A 256 -23.13 -8.66 -43.74
N LYS A 257 -22.19 -8.70 -42.80
CA LYS A 257 -20.88 -9.26 -43.10
C LYS A 257 -20.48 -10.32 -42.07
N THR A 258 -21.40 -10.65 -41.15
CA THR A 258 -21.08 -11.60 -40.09
C THR A 258 -22.25 -12.46 -39.59
N GLY A 259 -21.93 -13.52 -38.86
CA GLY A 259 -22.97 -14.38 -38.32
C GLY A 259 -23.49 -13.78 -37.02
N CYS A 260 -24.76 -14.03 -36.70
CA CYS A 260 -25.38 -13.50 -35.47
C CYS A 260 -25.32 -14.58 -34.41
N TYR A 261 -25.70 -14.23 -33.18
CA TYR A 261 -25.66 -15.14 -32.03
C TYR A 261 -26.45 -16.43 -32.16
N GLU A 262 -27.65 -16.36 -32.74
CA GLU A 262 -28.55 -17.52 -32.87
C GLU A 262 -28.26 -18.49 -34.02
N CYS A 263 -27.53 -18.02 -35.03
CA CYS A 263 -27.21 -18.84 -36.19
C CYS A 263 -26.85 -20.29 -35.92
N GLN A 264 -25.71 -20.51 -35.24
CA GLN A 264 -25.23 -21.84 -34.94
C GLN A 264 -25.82 -22.47 -33.68
N LYS A 265 -27.10 -22.21 -33.43
CA LYS A 265 -27.77 -22.76 -32.25
C LYS A 265 -28.40 -24.12 -32.56
N GLU A 274 -35.67 -32.96 -19.36
CA GLU A 274 -36.64 -31.88 -19.17
C GLU A 274 -38.05 -32.35 -19.56
N LYS A 275 -38.79 -32.88 -18.58
CA LYS A 275 -40.15 -33.38 -18.82
C LYS A 275 -41.22 -32.71 -17.94
N GLU A 276 -41.45 -33.28 -16.76
CA GLU A 276 -42.45 -32.76 -15.84
C GLU A 276 -41.83 -32.20 -14.57
N ASN A 277 -41.46 -33.09 -13.65
CA ASN A 277 -40.86 -32.68 -12.40
C ASN A 277 -39.40 -32.26 -12.56
N ILE A 278 -38.65 -33.02 -13.36
CA ILE A 278 -37.24 -32.73 -13.59
C ILE A 278 -37.04 -31.32 -14.13
N ASP A 279 -37.95 -30.89 -14.98
CA ASP A 279 -37.87 -29.57 -15.58
C ASP A 279 -37.94 -28.43 -14.56
N HIS A 280 -38.67 -28.63 -13.46
CA HIS A 280 -38.79 -27.61 -12.41
C HIS A 280 -37.49 -27.57 -11.61
N LYS A 281 -36.87 -28.73 -11.46
CA LYS A 281 -35.61 -28.84 -10.74
C LYS A 281 -34.52 -28.12 -11.54
N ILE A 282 -34.62 -28.20 -12.86
CA ILE A 282 -33.65 -27.55 -13.73
C ILE A 282 -33.79 -26.05 -13.51
N LYS A 283 -35.03 -25.57 -13.55
CA LYS A 283 -35.29 -24.14 -13.37
C LYS A 283 -34.91 -23.58 -12.01
N LEU A 284 -35.09 -24.37 -10.95
CA LEU A 284 -34.76 -23.88 -9.62
C LEU A 284 -33.25 -23.78 -9.44
N ILE A 285 -32.51 -24.80 -9.86
CA ILE A 285 -31.06 -24.78 -9.73
C ILE A 285 -30.44 -23.60 -10.52
N ASN A 286 -30.93 -23.36 -11.73
CA ASN A 286 -30.36 -22.26 -12.50
C ASN A 286 -30.70 -20.91 -11.94
N SER A 287 -31.97 -20.72 -11.56
CA SER A 287 -32.43 -19.45 -10.98
C SER A 287 -31.58 -19.11 -9.77
N ARG A 288 -30.95 -20.14 -9.22
CA ARG A 288 -30.09 -20.06 -8.05
C ARG A 288 -28.64 -19.78 -8.46
N PHE A 289 -28.38 -19.55 -9.76
CA PHE A 289 -27.03 -19.30 -10.27
C PHE A 289 -26.45 -17.91 -10.01
N LYS A 290 -25.18 -17.90 -9.62
CA LYS A 290 -24.44 -16.67 -9.34
C LYS A 290 -23.00 -16.96 -9.79
N PRO A 291 -22.51 -16.23 -10.81
CA PRO A 291 -21.15 -16.45 -11.31
C PRO A 291 -20.06 -16.41 -10.27
N ALA A 292 -19.08 -17.30 -10.45
CA ALA A 292 -17.92 -17.35 -9.57
C ALA A 292 -16.91 -16.34 -10.13
N THR A 293 -17.21 -15.05 -9.96
CA THR A 293 -16.35 -13.95 -10.44
C THR A 293 -14.92 -14.01 -9.94
N PHE A 294 -14.02 -13.44 -10.72
CA PHE A 294 -12.61 -13.46 -10.40
C PHE A 294 -11.91 -12.42 -11.27
N ALA A 295 -11.36 -11.39 -10.66
CA ALA A 295 -10.73 -10.32 -11.42
C ALA A 295 -9.94 -10.79 -12.61
N PRO A 296 -8.94 -11.65 -12.41
CA PRO A 296 -8.18 -12.07 -13.59
C PRO A 296 -9.06 -12.49 -14.76
N VAL A 297 -10.13 -13.25 -14.51
CA VAL A 297 -10.96 -13.67 -15.63
C VAL A 297 -11.73 -12.50 -16.24
N ASN A 298 -12.30 -11.69 -15.37
CA ASN A 298 -13.05 -10.52 -15.80
C ASN A 298 -12.14 -9.65 -16.68
N ASN A 299 -10.93 -9.35 -16.20
CA ASN A 299 -10.01 -8.50 -16.94
C ASN A 299 -9.55 -9.04 -18.30
N VAL A 300 -9.30 -10.33 -18.37
CA VAL A 300 -8.86 -10.90 -19.64
C VAL A 300 -9.99 -10.70 -20.63
N ALA A 301 -11.21 -10.98 -20.21
CA ALA A 301 -12.35 -10.82 -21.09
C ALA A 301 -12.53 -9.36 -21.52
N ALA A 302 -12.35 -8.43 -20.59
CA ALA A 302 -12.52 -7.04 -20.93
C ALA A 302 -11.42 -6.53 -21.87
N ALA A 303 -10.17 -6.86 -21.56
CA ALA A 303 -9.07 -6.40 -22.39
C ALA A 303 -9.21 -6.88 -23.82
N LEU A 304 -9.44 -8.17 -24.01
CA LEU A 304 -9.53 -8.64 -25.38
C LEU A 304 -10.77 -8.08 -26.11
N CYS A 305 -11.82 -7.78 -25.37
CA CYS A 305 -13.03 -7.22 -25.96
C CYS A 305 -12.67 -5.83 -26.47
N ALA A 306 -11.99 -5.06 -25.64
CA ALA A 306 -11.59 -3.71 -25.99
C ALA A 306 -10.62 -3.67 -27.15
N ALA A 307 -9.76 -4.68 -27.23
CA ALA A 307 -8.79 -4.72 -28.30
C ALA A 307 -9.55 -4.82 -29.59
N ASP A 308 -10.61 -5.63 -29.58
CA ASP A 308 -11.42 -5.83 -30.76
C ASP A 308 -12.24 -4.61 -31.15
N VAL A 309 -12.70 -3.85 -30.17
CA VAL A 309 -13.45 -2.64 -30.44
C VAL A 309 -12.55 -1.56 -31.05
N ILE A 310 -11.30 -1.49 -30.60
CA ILE A 310 -10.38 -0.50 -31.14
C ILE A 310 -9.99 -0.90 -32.56
N LYS A 311 -9.88 -2.20 -32.83
CA LYS A 311 -9.53 -2.63 -34.17
C LYS A 311 -10.71 -2.42 -35.12
N PHE A 312 -11.89 -2.86 -34.70
CA PHE A 312 -13.08 -2.72 -35.52
C PHE A 312 -13.30 -1.26 -35.93
N ILE A 313 -12.99 -0.34 -35.02
CA ILE A 313 -13.17 1.07 -35.29
C ILE A 313 -11.95 1.70 -35.95
N GLY A 314 -10.76 1.29 -35.52
CA GLY A 314 -9.53 1.82 -36.11
C GLY A 314 -9.29 1.27 -37.50
N LYS A 315 -9.82 0.09 -37.76
CA LYS A 315 -9.67 -0.56 -39.06
C LYS A 315 -8.21 -0.65 -39.47
N TYR A 316 -7.41 -1.46 -38.77
CA TYR A 316 -6.00 -1.61 -39.12
C TYR A 316 -5.53 -3.06 -38.97
N SER A 317 -6.42 -3.91 -38.48
CA SER A 317 -6.15 -5.33 -38.28
C SER A 317 -7.51 -5.95 -38.03
N GLU A 318 -7.66 -7.24 -38.30
CA GLU A 318 -8.96 -7.87 -38.11
C GLU A 318 -9.30 -8.19 -36.67
N PRO A 319 -10.47 -7.76 -36.22
CA PRO A 319 -10.81 -8.06 -34.82
C PRO A 319 -10.85 -9.60 -34.70
N LEU A 320 -10.39 -10.15 -33.59
CA LEU A 320 -10.41 -11.61 -33.43
C LEU A 320 -11.79 -12.25 -33.40
N SER A 321 -12.72 -11.65 -32.66
CA SER A 321 -14.06 -12.22 -32.50
C SER A 321 -15.06 -12.04 -33.62
N LEU A 322 -14.60 -11.99 -34.86
CA LEU A 322 -15.52 -11.87 -35.99
C LEU A 322 -15.95 -13.30 -36.26
N ASN A 323 -17.26 -13.55 -36.22
CA ASN A 323 -17.84 -14.89 -36.44
C ASN A 323 -17.34 -15.92 -35.44
N LYS A 324 -16.99 -15.49 -34.23
CA LYS A 324 -16.51 -16.43 -33.23
C LYS A 324 -16.77 -16.02 -31.79
N ARG A 325 -16.93 -17.01 -30.94
CA ARG A 325 -17.12 -16.78 -29.50
C ARG A 325 -15.89 -17.42 -28.91
N ILE A 326 -14.95 -16.59 -28.48
CA ILE A 326 -13.68 -17.07 -27.96
C ILE A 326 -13.63 -17.23 -26.45
N GLY A 327 -12.97 -18.29 -26.02
CA GLY A 327 -12.86 -18.56 -24.62
C GLY A 327 -11.44 -18.83 -24.19
N ILE A 328 -11.02 -18.16 -23.12
CA ILE A 328 -9.69 -18.32 -22.57
C ILE A 328 -9.83 -18.90 -21.17
N TRP A 329 -9.24 -20.06 -20.95
CA TRP A 329 -9.29 -20.74 -19.64
C TRP A 329 -8.32 -20.08 -18.66
N SER A 330 -8.59 -20.25 -17.36
CA SER A 330 -7.71 -19.69 -16.33
C SER A 330 -7.04 -20.79 -15.50
N ASP A 331 -7.60 -22.01 -15.51
CA ASP A 331 -6.96 -23.08 -14.76
C ASP A 331 -6.21 -24.08 -15.64
N GLU A 332 -5.98 -23.67 -16.88
CA GLU A 332 -5.22 -24.48 -17.82
C GLU A 332 -4.91 -23.65 -19.06
N ILE A 333 -3.73 -23.85 -19.64
CA ILE A 333 -3.29 -23.11 -20.82
C ILE A 333 -4.17 -23.51 -21.98
N LYS A 334 -5.26 -22.77 -22.18
CA LYS A 334 -6.15 -23.13 -23.27
C LYS A 334 -7.02 -21.96 -23.70
N ILE A 335 -7.22 -21.90 -25.00
CA ILE A 335 -8.05 -20.89 -25.62
C ILE A 335 -8.77 -21.69 -26.68
N HIS A 336 -10.05 -21.42 -26.89
CA HIS A 336 -10.82 -22.17 -27.87
C HIS A 336 -11.97 -21.32 -28.37
N SER A 337 -12.27 -21.39 -29.67
CA SER A 337 -13.36 -20.60 -30.22
C SER A 337 -14.48 -21.43 -30.84
N GLN A 338 -15.71 -20.97 -30.64
CA GLN A 338 -16.90 -21.64 -31.18
C GLN A 338 -17.25 -20.94 -32.49
N ASN A 339 -17.60 -21.72 -33.50
CA ASN A 339 -17.98 -21.14 -34.78
C ASN A 339 -19.35 -20.46 -34.68
N MET A 340 -19.45 -19.27 -35.28
CA MET A 340 -20.68 -18.48 -35.32
C MET A 340 -20.71 -17.69 -36.63
N GLY A 341 -20.40 -18.36 -37.73
CA GLY A 341 -20.42 -17.71 -39.03
C GLY A 341 -21.84 -17.64 -39.55
N ARG A 342 -22.07 -16.78 -40.53
CA ARG A 342 -23.40 -16.64 -41.11
C ARG A 342 -23.94 -17.96 -41.63
N SER A 343 -25.23 -18.18 -41.35
CA SER A 343 -25.96 -19.37 -41.77
C SER A 343 -27.16 -18.88 -42.56
N PRO A 344 -27.38 -19.44 -43.77
CA PRO A 344 -28.52 -18.99 -44.56
C PRO A 344 -29.80 -19.42 -43.85
N VAL A 345 -29.71 -20.58 -43.21
CA VAL A 345 -30.81 -21.18 -42.46
C VAL A 345 -30.94 -20.60 -41.05
N CYS A 346 -31.04 -19.27 -40.94
CA CYS A 346 -31.16 -18.64 -39.63
C CYS A 346 -32.54 -18.06 -39.38
N SER A 347 -33.08 -18.31 -38.20
CA SER A 347 -34.40 -17.83 -37.83
C SER A 347 -34.42 -16.38 -37.37
N VAL A 348 -33.25 -15.73 -37.33
CA VAL A 348 -33.17 -14.33 -36.89
C VAL A 348 -32.78 -13.39 -38.02
N CYS A 349 -31.87 -13.83 -38.88
CA CYS A 349 -31.45 -13.00 -40.02
C CYS A 349 -31.21 -13.82 -41.29
N GLY A 350 -31.89 -14.95 -41.40
CA GLY A 350 -31.74 -15.82 -42.56
C GLY A 350 -32.58 -15.49 -43.79
N ASN A 351 -32.81 -16.51 -44.62
CA ASN A 351 -33.59 -16.38 -45.86
C ASN A 351 -34.93 -15.67 -45.65
N MET B 4 -22.24 -33.80 9.39
CA MET B 4 -21.47 -33.37 8.19
C MET B 4 -22.41 -32.94 7.06
N ASP B 5 -22.68 -31.63 7.00
CA ASP B 5 -23.56 -31.04 5.98
C ASP B 5 -22.87 -30.72 4.66
N TYR B 6 -23.63 -30.86 3.57
CA TYR B 6 -23.13 -30.55 2.24
C TYR B 6 -24.11 -29.57 1.62
N ILE B 7 -23.60 -28.66 0.79
CA ILE B 7 -24.47 -27.68 0.14
C ILE B 7 -24.01 -27.56 -1.31
N LEU B 8 -24.95 -27.35 -2.20
CA LEU B 8 -24.64 -27.21 -3.62
C LEU B 8 -24.09 -25.80 -3.83
N GLY B 9 -23.16 -25.66 -4.76
CA GLY B 9 -22.56 -24.37 -5.05
C GLY B 9 -23.47 -23.52 -5.91
N ARG B 10 -23.36 -22.21 -5.77
CA ARG B 10 -24.20 -21.29 -6.53
C ARG B 10 -23.68 -21.10 -7.92
N TYR B 11 -22.42 -21.49 -8.09
CA TYR B 11 -21.73 -21.33 -9.34
C TYR B 11 -21.97 -22.49 -10.30
N VAL B 12 -22.84 -23.44 -9.94
CA VAL B 12 -23.09 -24.54 -10.86
C VAL B 12 -24.30 -24.18 -11.69
N LYS B 13 -24.32 -24.67 -12.93
CA LYS B 13 -25.43 -24.45 -13.82
C LYS B 13 -25.68 -25.77 -14.53
N ILE B 14 -26.84 -25.89 -15.16
CA ILE B 14 -27.23 -27.10 -15.85
C ILE B 14 -28.06 -26.74 -17.07
N ALA B 15 -28.02 -27.56 -18.10
CA ALA B 15 -28.80 -27.30 -19.30
C ALA B 15 -28.95 -28.57 -20.15
N ARG B 16 -30.06 -28.66 -20.88
CA ARG B 16 -30.27 -29.79 -21.77
C ARG B 16 -29.39 -29.55 -22.98
N TYR B 17 -28.65 -30.57 -23.39
CA TYR B 17 -27.77 -30.42 -24.54
C TYR B 17 -27.52 -31.76 -25.22
N GLY B 18 -27.67 -31.78 -26.54
CA GLY B 18 -27.45 -33.01 -27.30
C GLY B 18 -28.30 -34.19 -26.84
N SER B 19 -27.68 -35.24 -26.27
CA SER B 19 -28.42 -36.40 -25.77
C SER B 19 -28.84 -36.26 -24.31
N GLY B 20 -27.98 -35.66 -23.47
CA GLY B 20 -28.35 -35.55 -22.07
C GLY B 20 -28.31 -34.08 -21.62
N GLY B 21 -27.18 -33.65 -21.06
CA GLY B 21 -27.04 -32.29 -20.62
C GLY B 21 -25.66 -31.96 -20.09
N LEU B 22 -25.50 -30.69 -19.74
CA LEU B 22 -24.26 -30.14 -19.21
C LEU B 22 -24.41 -29.93 -17.71
N VAL B 23 -23.37 -30.24 -16.95
CA VAL B 23 -23.42 -30.01 -15.51
C VAL B 23 -22.20 -29.19 -15.17
N GLY B 24 -22.42 -27.99 -14.63
CA GLY B 24 -21.29 -27.15 -14.30
C GLY B 24 -21.00 -26.14 -15.39
N GLY B 25 -20.28 -25.09 -15.03
CA GLY B 25 -19.94 -24.05 -15.97
C GLY B 25 -18.46 -23.77 -15.84
N GLY B 26 -17.82 -23.46 -16.95
CA GLY B 26 -16.41 -23.16 -16.93
C GLY B 26 -15.58 -24.39 -17.19
N GLY B 27 -14.39 -24.43 -16.61
CA GLY B 27 -13.49 -25.55 -16.81
C GLY B 27 -13.99 -26.87 -16.25
N LYS B 28 -14.94 -26.82 -15.34
CA LYS B 28 -15.49 -28.04 -14.74
C LYS B 28 -16.68 -28.55 -15.53
N GLU B 29 -17.15 -27.78 -16.50
CA GLU B 29 -18.30 -28.16 -17.29
C GLU B 29 -18.13 -29.50 -17.98
N GLN B 30 -18.95 -30.47 -17.60
CA GLN B 30 -18.91 -31.82 -18.17
C GLN B 30 -20.19 -32.18 -18.89
N TYR B 31 -20.04 -32.72 -20.09
CA TYR B 31 -21.16 -33.13 -20.90
C TYR B 31 -21.52 -34.57 -20.53
N VAL B 32 -22.80 -34.83 -20.29
CA VAL B 32 -23.24 -36.18 -19.95
C VAL B 32 -24.09 -36.75 -21.09
N GLU B 33 -23.69 -37.90 -21.60
CA GLU B 33 -24.40 -38.54 -22.70
C GLU B 33 -25.74 -39.13 -22.23
N ASN B 34 -25.67 -40.08 -21.31
CA ASN B 34 -26.87 -40.74 -20.81
C ASN B 34 -27.90 -39.74 -20.25
N LEU B 35 -28.98 -39.50 -21.00
CA LEU B 35 -30.03 -38.57 -20.55
C LEU B 35 -30.54 -38.91 -19.16
N VAL B 36 -30.51 -40.20 -18.82
CA VAL B 36 -30.96 -40.66 -17.52
C VAL B 36 -29.95 -40.39 -16.43
N LEU B 37 -28.67 -40.53 -16.74
CA LEU B 37 -27.62 -40.25 -15.75
C LEU B 37 -27.63 -38.77 -15.45
N TRP B 38 -27.85 -37.99 -16.49
CA TRP B 38 -27.92 -36.54 -16.35
C TRP B 38 -29.03 -36.25 -15.34
N GLU B 39 -30.25 -36.62 -15.71
CA GLU B 39 -31.43 -36.44 -14.87
C GLU B 39 -31.24 -36.91 -13.43
N ASN B 40 -30.47 -37.96 -13.24
CA ASN B 40 -30.24 -38.44 -11.89
C ASN B 40 -29.28 -37.53 -11.16
N ILE B 41 -28.36 -36.90 -11.89
CA ILE B 41 -27.38 -35.99 -11.27
C ILE B 41 -28.07 -34.74 -10.74
N ILE B 42 -29.04 -34.24 -11.51
CA ILE B 42 -29.75 -33.05 -11.10
C ILE B 42 -30.69 -33.39 -9.94
N LYS B 43 -31.20 -34.62 -9.95
CA LYS B 43 -32.12 -35.03 -8.90
C LYS B 43 -31.45 -35.05 -7.54
N THR B 44 -30.19 -35.48 -7.48
CA THR B 44 -29.54 -35.53 -6.18
C THR B 44 -29.00 -34.15 -5.84
N ALA B 45 -28.60 -33.40 -6.85
CA ALA B 45 -28.07 -32.06 -6.63
C ALA B 45 -29.17 -31.20 -6.01
N TYR B 46 -30.41 -31.47 -6.45
CA TYR B 46 -31.58 -30.75 -6.00
C TYR B 46 -31.76 -30.82 -4.49
N CYS B 47 -31.31 -31.91 -3.88
CA CYS B 47 -31.43 -32.15 -2.43
C CYS B 47 -30.41 -31.38 -1.61
N PHE B 48 -29.62 -30.55 -2.28
CA PHE B 48 -28.61 -29.80 -1.57
C PHE B 48 -28.68 -28.31 -1.86
N ILE B 49 -29.77 -27.86 -2.48
CA ILE B 49 -29.88 -26.42 -2.73
C ILE B 49 -29.73 -25.85 -1.31
N THR B 50 -30.45 -26.47 -0.37
CA THR B 50 -30.36 -26.07 1.03
C THR B 50 -29.56 -27.20 1.63
N PRO B 51 -28.62 -26.88 2.52
CA PRO B 51 -27.76 -27.87 3.18
C PRO B 51 -28.43 -29.07 3.81
N SER B 52 -27.86 -30.24 3.51
CA SER B 52 -28.34 -31.51 4.07
C SER B 52 -27.18 -32.49 4.05
N SER B 53 -27.19 -33.43 5.00
CA SER B 53 -26.14 -34.43 5.09
C SER B 53 -26.41 -35.50 4.03
N TYR B 54 -25.47 -36.42 3.88
CA TYR B 54 -25.61 -37.51 2.91
C TYR B 54 -26.86 -38.31 3.18
N THR B 55 -26.85 -39.03 4.31
CA THR B 55 -27.95 -39.87 4.75
C THR B 55 -29.31 -39.24 4.51
N ALA B 56 -29.47 -37.98 4.95
CA ALA B 56 -30.72 -37.26 4.80
C ALA B 56 -31.17 -37.19 3.34
N ALA B 57 -30.36 -36.55 2.50
CA ALA B 57 -30.69 -36.40 1.08
C ALA B 57 -31.14 -37.70 0.48
N LEU B 58 -30.51 -38.80 0.91
CA LEU B 58 -30.82 -40.14 0.42
C LEU B 58 -32.25 -40.55 0.74
N GLU B 59 -32.68 -40.29 1.96
CA GLU B 59 -34.05 -40.62 2.38
C GLU B 59 -34.99 -39.52 1.83
N THR B 60 -34.40 -38.55 1.14
CA THR B 60 -35.15 -37.44 0.55
C THR B 60 -35.43 -37.69 -0.93
N ALA B 61 -34.38 -37.92 -1.71
CA ALA B 61 -34.52 -38.18 -3.13
C ALA B 61 -34.97 -39.63 -3.35
N ASN B 62 -35.94 -39.82 -4.22
CA ASN B 62 -36.46 -41.15 -4.50
C ASN B 62 -35.67 -41.88 -5.58
N ILE B 63 -34.36 -41.75 -5.57
CA ILE B 63 -33.55 -42.44 -6.56
C ILE B 63 -32.82 -43.59 -5.89
N PRO B 64 -32.61 -44.70 -6.62
CA PRO B 64 -31.93 -45.90 -6.13
C PRO B 64 -30.61 -45.62 -5.45
N GLU B 65 -30.50 -46.04 -4.20
CA GLU B 65 -29.31 -45.84 -3.39
C GLU B 65 -28.02 -46.02 -4.20
N LYS B 66 -28.07 -46.86 -5.23
CA LYS B 66 -26.89 -47.05 -6.05
C LYS B 66 -26.63 -45.78 -6.84
N ASP B 67 -27.53 -45.48 -7.78
CA ASP B 67 -27.39 -44.29 -8.61
C ASP B 67 -27.12 -43.00 -7.82
N PHE B 68 -27.64 -42.93 -6.60
CA PHE B 68 -27.44 -41.75 -5.78
C PHE B 68 -25.99 -41.64 -5.38
N SER B 69 -25.47 -42.69 -4.75
CA SER B 69 -24.07 -42.68 -4.32
C SER B 69 -23.18 -42.18 -5.46
N ASN B 70 -23.38 -42.70 -6.65
CA ASN B 70 -22.59 -42.28 -7.80
C ASN B 70 -22.71 -40.80 -8.02
N CYS B 71 -23.94 -40.31 -8.12
CA CYS B 71 -24.15 -38.89 -8.33
C CYS B 71 -23.54 -38.02 -7.23
N PHE B 72 -23.58 -38.48 -5.99
CA PHE B 72 -23.03 -37.70 -4.90
C PHE B 72 -21.53 -37.51 -5.15
N ARG B 73 -20.81 -38.62 -5.26
CA ARG B 73 -19.36 -38.58 -5.49
C ARG B 73 -19.06 -37.72 -6.72
N PHE B 74 -19.85 -37.87 -7.77
CA PHE B 74 -19.61 -37.06 -8.95
C PHE B 74 -19.61 -35.59 -8.55
N LEU B 75 -20.73 -35.13 -7.98
CA LEU B 75 -20.88 -33.75 -7.58
C LEU B 75 -19.80 -33.30 -6.56
N LYS B 76 -19.39 -34.18 -5.65
CA LYS B 76 -18.39 -33.82 -4.65
C LYS B 76 -16.96 -33.71 -5.20
N GLU B 77 -16.64 -34.58 -6.16
CA GLU B 77 -15.32 -34.62 -6.77
C GLU B 77 -15.07 -33.41 -7.67
N ASN B 78 -16.12 -32.93 -8.33
CA ASN B 78 -16.02 -31.78 -9.20
C ASN B 78 -16.25 -30.51 -8.40
N PHE B 79 -16.57 -30.69 -7.13
CA PHE B 79 -16.82 -29.59 -6.22
C PHE B 79 -18.09 -28.82 -6.50
N PHE B 80 -19.03 -29.46 -7.18
CA PHE B 80 -20.32 -28.82 -7.44
C PHE B 80 -21.10 -28.84 -6.12
N ILE B 81 -20.68 -29.72 -5.21
CA ILE B 81 -21.27 -29.84 -3.90
C ILE B 81 -20.11 -29.70 -2.94
N ILE B 82 -20.24 -28.81 -1.95
CA ILE B 82 -19.17 -28.61 -1.00
C ILE B 82 -19.65 -28.69 0.45
N PRO B 83 -18.70 -28.78 1.38
CA PRO B 83 -19.06 -28.85 2.80
C PRO B 83 -19.81 -27.58 3.19
N GLY B 84 -20.99 -27.75 3.76
CA GLY B 84 -21.78 -26.60 4.16
C GLY B 84 -21.04 -25.54 4.94
N GLU B 85 -19.97 -25.91 5.63
CA GLU B 85 -19.21 -24.94 6.41
C GLU B 85 -18.52 -23.93 5.51
N TYR B 86 -18.24 -24.33 4.28
CA TYR B 86 -17.57 -23.46 3.31
C TYR B 86 -18.48 -22.37 2.75
N ASN B 87 -19.72 -22.34 3.24
CA ASN B 87 -20.67 -21.34 2.76
C ASN B 87 -20.98 -20.32 3.86
N ASN B 88 -20.06 -19.41 4.11
CA ASN B 88 -20.24 -18.39 5.13
C ASN B 88 -20.94 -17.16 4.54
N ASN B 93 -19.70 -10.10 3.24
CA ASN B 93 -18.29 -9.84 3.47
C ASN B 93 -17.66 -9.17 2.25
N ARG B 94 -16.64 -8.35 2.49
CA ARG B 94 -15.95 -7.63 1.43
C ARG B 94 -15.50 -8.54 0.28
N TYR B 95 -14.72 -9.57 0.61
CA TYR B 95 -14.20 -10.51 -0.39
C TYR B 95 -15.20 -11.63 -0.68
N SER B 96 -16.49 -11.33 -0.54
CA SER B 96 -17.55 -12.30 -0.78
C SER B 96 -17.59 -12.86 -2.21
N ARG B 97 -17.57 -11.99 -3.20
CA ARG B 97 -17.61 -12.40 -4.60
C ARG B 97 -16.44 -13.27 -5.06
N ASN B 98 -15.42 -13.37 -4.21
CA ASN B 98 -14.26 -14.18 -4.54
C ASN B 98 -14.38 -15.57 -3.91
N PHE B 99 -15.29 -15.67 -2.96
CA PHE B 99 -15.48 -16.92 -2.27
C PHE B 99 -16.01 -18.06 -3.16
N LEU B 100 -16.91 -17.74 -4.09
CA LEU B 100 -17.45 -18.77 -4.98
C LEU B 100 -16.33 -19.30 -5.88
N HIS B 101 -15.36 -18.44 -6.22
CA HIS B 101 -14.25 -18.88 -7.04
C HIS B 101 -13.45 -19.93 -6.26
N TYR B 102 -12.97 -19.60 -5.06
CA TYR B 102 -12.21 -20.57 -4.25
C TYR B 102 -13.07 -21.80 -3.92
N GLN B 103 -14.37 -21.60 -3.72
CA GLN B 103 -15.27 -22.72 -3.42
C GLN B 103 -15.33 -23.66 -4.60
N SER B 104 -15.22 -23.10 -5.81
CA SER B 104 -15.31 -23.91 -7.01
C SER B 104 -14.08 -24.78 -7.23
N TYR B 105 -13.06 -24.57 -6.40
CA TYR B 105 -11.86 -25.39 -6.50
C TYR B 105 -11.73 -26.29 -5.28
N GLY B 106 -12.80 -26.36 -4.49
CA GLY B 106 -12.83 -27.22 -3.31
C GLY B 106 -11.99 -26.73 -2.15
N ALA B 107 -11.95 -25.42 -1.95
CA ALA B 107 -11.17 -24.90 -0.87
C ALA B 107 -12.08 -24.15 0.08
N ASN B 108 -11.63 -23.95 1.32
CA ASN B 108 -12.41 -23.20 2.29
C ASN B 108 -12.06 -21.74 2.05
N PRO B 109 -12.99 -20.96 1.49
CA PRO B 109 -12.73 -19.54 1.22
C PRO B 109 -12.12 -18.73 2.38
N VAL B 110 -12.52 -19.01 3.61
CA VAL B 110 -12.01 -18.28 4.78
C VAL B 110 -10.53 -18.57 5.02
N LEU B 111 -10.11 -19.81 4.75
CA LEU B 111 -8.72 -20.20 4.93
C LEU B 111 -7.87 -19.64 3.82
N VAL B 112 -8.43 -19.63 2.60
CA VAL B 112 -7.68 -19.07 1.48
C VAL B 112 -7.59 -17.57 1.71
N GLN B 113 -8.72 -16.97 2.07
CA GLN B 113 -8.79 -15.56 2.34
C GLN B 113 -7.86 -15.20 3.47
N ASP B 114 -7.46 -16.19 4.26
CA ASP B 114 -6.56 -15.94 5.38
C ASP B 114 -5.09 -16.00 4.93
N LYS B 115 -4.74 -16.98 4.11
CA LYS B 115 -3.37 -17.10 3.63
C LYS B 115 -2.98 -15.78 2.94
N LEU B 116 -3.91 -15.25 2.15
CA LEU B 116 -3.66 -14.00 1.44
C LEU B 116 -3.42 -12.84 2.42
N LYS B 117 -4.25 -12.72 3.44
CA LYS B 117 -4.12 -11.63 4.41
C LYS B 117 -2.76 -11.64 5.07
N ASN B 118 -2.17 -12.82 5.17
CA ASN B 118 -0.88 -12.95 5.83
C ASN B 118 0.30 -12.99 4.87
N ALA B 119 0.14 -12.44 3.68
CA ALA B 119 1.21 -12.45 2.68
C ALA B 119 1.78 -11.07 2.35
N LYS B 120 3.05 -11.07 1.94
CA LYS B 120 3.75 -9.87 1.55
C LYS B 120 4.17 -10.00 0.09
N VAL B 121 3.59 -9.17 -0.80
CA VAL B 121 3.94 -9.25 -2.20
C VAL B 121 4.73 -8.01 -2.62
N VAL B 122 5.78 -8.22 -3.40
CA VAL B 122 6.58 -7.12 -3.89
C VAL B 122 6.35 -6.89 -5.39
N ILE B 123 6.11 -5.65 -5.77
CA ILE B 123 5.89 -5.32 -7.17
C ILE B 123 7.10 -4.53 -7.69
N LEU B 124 8.04 -5.25 -8.29
CA LEU B 124 9.27 -4.66 -8.83
C LEU B 124 8.98 -4.13 -10.23
N GLY B 125 8.32 -2.97 -10.27
CA GLY B 125 7.96 -2.35 -11.54
C GLY B 125 6.55 -1.84 -11.33
N CYS B 126 6.34 -0.53 -11.42
CA CYS B 126 5.01 0.04 -11.21
C CYS B 126 4.42 0.69 -12.42
N GLY B 127 4.81 0.19 -13.60
CA GLY B 127 4.27 0.70 -14.83
C GLY B 127 2.99 -0.03 -15.18
N GLY B 128 2.83 -0.42 -16.44
CA GLY B 128 1.63 -1.12 -16.88
C GLY B 128 1.26 -2.37 -16.09
N ILE B 129 2.12 -3.38 -16.09
CA ILE B 129 1.81 -4.57 -15.34
C ILE B 129 1.67 -4.22 -13.87
N GLY B 130 2.67 -3.56 -13.29
CA GLY B 130 2.62 -3.15 -11.89
C GLY B 130 1.27 -2.60 -11.47
N ASN B 131 0.79 -1.56 -12.15
CA ASN B 131 -0.52 -0.97 -11.84
C ASN B 131 -1.59 -2.04 -11.72
N HIS B 132 -1.86 -2.74 -12.83
CA HIS B 132 -2.87 -3.79 -12.88
C HIS B 132 -2.68 -4.91 -11.88
N VAL B 133 -1.47 -5.46 -11.79
CA VAL B 133 -1.24 -6.55 -10.83
C VAL B 133 -1.52 -6.05 -9.42
N SER B 134 -1.05 -4.84 -9.15
CA SER B 134 -1.19 -4.19 -7.85
C SER B 134 -2.61 -3.98 -7.37
N VAL B 135 -3.50 -3.52 -8.24
CA VAL B 135 -4.86 -3.28 -7.82
C VAL B 135 -5.61 -4.59 -7.64
N ILE B 136 -5.30 -5.62 -8.44
CA ILE B 136 -5.98 -6.89 -8.28
C ILE B 136 -5.62 -7.55 -6.94
N LEU B 137 -4.33 -7.60 -6.60
CA LEU B 137 -3.89 -8.20 -5.34
C LEU B 137 -4.50 -7.48 -4.14
N ALA B 138 -4.51 -6.15 -4.19
CA ALA B 138 -5.05 -5.33 -3.11
C ALA B 138 -6.53 -5.61 -2.88
N THR B 139 -7.33 -5.50 -3.93
CA THR B 139 -8.77 -5.72 -3.81
C THR B 139 -9.12 -7.19 -3.56
N SER B 140 -8.15 -8.08 -3.70
CA SER B 140 -8.38 -9.48 -3.44
C SER B 140 -8.01 -9.81 -1.99
N GLY B 141 -7.27 -8.90 -1.35
CA GLY B 141 -6.89 -9.10 0.03
C GLY B 141 -5.43 -9.33 0.38
N ILE B 142 -4.53 -9.30 -0.59
CA ILE B 142 -3.12 -9.48 -0.27
C ILE B 142 -2.85 -8.49 0.85
N GLY B 143 -2.51 -9.01 2.02
CA GLY B 143 -2.29 -8.16 3.17
C GLY B 143 -1.35 -6.96 3.07
N GLU B 144 -0.15 -7.22 2.57
CA GLU B 144 0.88 -6.18 2.45
C GLU B 144 1.46 -6.22 1.05
N ILE B 145 1.68 -5.04 0.48
CA ILE B 145 2.26 -4.93 -0.86
C ILE B 145 3.40 -3.91 -0.85
N ILE B 146 4.55 -4.31 -1.38
CA ILE B 146 5.69 -3.42 -1.43
C ILE B 146 5.84 -2.86 -2.84
N LEU B 147 5.60 -1.56 -3.02
CA LEU B 147 5.73 -0.92 -4.33
C LEU B 147 7.14 -0.37 -4.54
N ILE B 148 7.86 -0.91 -5.51
CA ILE B 148 9.25 -0.50 -5.79
C ILE B 148 9.48 0.20 -7.12
N ASP B 149 10.02 1.41 -7.07
CA ASP B 149 10.22 2.15 -8.31
C ASP B 149 10.73 3.57 -8.05
N ASN B 150 11.30 4.19 -9.08
CA ASN B 150 11.76 5.56 -8.95
C ASN B 150 11.47 6.37 -10.24
N ASP B 151 10.18 6.50 -10.59
CA ASP B 151 9.82 7.26 -11.77
C ASP B 151 8.57 8.11 -11.54
N GLN B 152 8.45 9.19 -12.32
CA GLN B 152 7.31 10.09 -12.20
C GLN B 152 6.28 9.80 -13.27
N ILE B 153 5.02 10.06 -12.94
CA ILE B 153 3.91 9.86 -13.85
C ILE B 153 4.01 10.83 -15.00
N GLU B 154 3.69 10.34 -16.20
CA GLU B 154 3.71 11.15 -17.40
C GLU B 154 2.35 11.10 -18.08
N ASN B 155 2.15 11.94 -19.10
CA ASN B 155 0.88 11.97 -19.82
C ASN B 155 0.75 10.77 -20.76
N THR B 156 1.87 10.34 -21.33
CA THR B 156 1.89 9.22 -22.26
C THR B 156 1.59 7.88 -21.57
N ASN B 157 1.47 7.92 -20.25
CA ASN B 157 1.21 6.72 -19.46
C ASN B 157 -0.26 6.45 -19.15
N LEU B 158 -1.08 7.47 -19.16
CA LEU B 158 -2.49 7.27 -18.83
C LEU B 158 -3.16 6.23 -19.70
N THR B 159 -2.43 5.75 -20.70
CA THR B 159 -2.96 4.77 -21.61
C THR B 159 -3.10 3.35 -21.02
N ARG B 160 -2.16 2.97 -20.15
CA ARG B 160 -2.15 1.63 -19.53
C ARG B 160 -2.28 1.64 -18.00
N GLN B 161 -1.62 2.61 -17.34
CA GLN B 161 -1.66 2.72 -15.88
C GLN B 161 -3.03 3.18 -15.40
N VAL B 162 -3.97 2.25 -15.36
CA VAL B 162 -5.35 2.51 -14.97
C VAL B 162 -5.56 3.26 -13.64
N LEU B 163 -4.52 3.37 -12.83
CA LEU B 163 -4.66 4.05 -11.54
C LEU B 163 -4.36 5.54 -11.60
N PHE B 164 -3.52 5.93 -12.55
CA PHE B 164 -3.13 7.31 -12.71
C PHE B 164 -4.17 8.15 -13.43
N SER B 165 -4.23 9.43 -13.08
CA SER B 165 -5.18 10.37 -13.69
C SER B 165 -4.39 11.53 -14.25
N GLU B 166 -5.04 12.43 -14.98
CA GLU B 166 -4.33 13.58 -15.54
C GLU B 166 -3.78 14.44 -14.40
N ASP B 167 -4.59 14.60 -13.36
CA ASP B 167 -4.20 15.40 -12.19
C ASP B 167 -3.01 14.82 -11.42
N ASP B 168 -2.53 13.65 -11.82
CA ASP B 168 -1.41 13.01 -11.14
C ASP B 168 -0.09 13.17 -11.89
N VAL B 169 -0.18 13.59 -13.15
CA VAL B 169 1.02 13.76 -13.96
C VAL B 169 2.13 14.49 -13.20
N GLY B 170 3.34 13.94 -13.21
CA GLY B 170 4.44 14.57 -12.50
C GLY B 170 4.79 13.97 -11.14
N LYS B 171 3.77 13.59 -10.38
CA LYS B 171 3.96 12.99 -9.05
C LYS B 171 4.72 11.67 -9.13
N ASN B 172 5.17 11.14 -8.00
CA ASN B 172 5.89 9.88 -7.96
C ASN B 172 4.91 8.70 -8.12
N LYS B 173 5.23 7.76 -9.00
CA LYS B 173 4.33 6.64 -9.21
C LYS B 173 3.92 5.91 -7.92
N THR B 174 4.92 5.43 -7.18
CA THR B 174 4.62 4.73 -5.94
C THR B 174 3.67 5.52 -5.05
N GLU B 175 3.84 6.84 -5.01
CA GLU B 175 2.96 7.69 -4.21
C GLU B 175 1.50 7.54 -4.65
N VAL B 176 1.25 7.69 -5.95
CA VAL B 176 -0.11 7.59 -6.45
C VAL B 176 -0.69 6.19 -6.38
N ILE B 177 0.06 5.18 -6.85
CA ILE B 177 -0.45 3.83 -6.78
C ILE B 177 -0.89 3.53 -5.35
N LYS B 178 -0.02 3.85 -4.38
CA LYS B 178 -0.33 3.62 -2.97
C LYS B 178 -1.59 4.30 -2.49
N ARG B 179 -1.79 5.56 -2.86
CA ARG B 179 -3.00 6.27 -2.46
C ARG B 179 -4.20 5.53 -3.02
N GLU B 180 -4.19 5.32 -4.33
CA GLU B 180 -5.29 4.66 -5.02
C GLU B 180 -5.61 3.27 -4.52
N LEU B 181 -4.61 2.56 -4.01
CA LEU B 181 -4.82 1.23 -3.48
C LEU B 181 -5.54 1.31 -2.12
N LEU B 182 -4.97 2.07 -1.18
CA LEU B 182 -5.59 2.21 0.14
C LEU B 182 -7.01 2.72 -0.01
N LYS B 183 -7.23 3.50 -1.05
CA LYS B 183 -8.53 4.07 -1.32
C LYS B 183 -9.53 2.97 -1.69
N ARG B 184 -9.06 1.89 -2.30
CA ARG B 184 -9.96 0.80 -2.69
C ARG B 184 -10.07 -0.31 -1.65
N ASN B 185 -8.98 -0.60 -0.94
CA ASN B 185 -9.02 -1.62 0.11
C ASN B 185 -8.36 -1.01 1.33
N SER B 186 -9.14 -0.31 2.15
CA SER B 186 -8.61 0.36 3.32
C SER B 186 -8.05 -0.51 4.44
N GLU B 187 -8.19 -1.83 4.32
CA GLU B 187 -7.68 -2.73 5.35
C GLU B 187 -6.33 -3.35 4.98
N ILE B 188 -5.75 -2.92 3.87
CA ILE B 188 -4.46 -3.48 3.45
C ILE B 188 -3.31 -2.56 3.83
N SER B 189 -2.11 -3.12 3.83
CA SER B 189 -0.90 -2.39 4.18
C SER B 189 0.02 -2.25 2.98
N VAL B 190 0.13 -1.03 2.46
CA VAL B 190 0.99 -0.78 1.30
C VAL B 190 2.22 0.03 1.72
N SER B 191 3.26 -0.03 0.90
CA SER B 191 4.47 0.72 1.18
C SER B 191 5.21 0.94 -0.12
N GLU B 192 6.05 1.97 -0.13
CA GLU B 192 6.82 2.33 -1.32
C GLU B 192 8.34 2.44 -1.08
N ILE B 193 9.13 2.05 -2.08
CA ILE B 193 10.58 2.09 -1.98
C ILE B 193 11.09 2.75 -3.27
N ALA B 194 11.59 3.97 -3.17
CA ALA B 194 12.11 4.69 -4.33
C ALA B 194 13.37 4.04 -4.87
N LEU B 195 13.24 3.10 -5.80
CA LEU B 195 14.38 2.40 -6.36
C LEU B 195 14.15 1.81 -7.78
N ASN B 196 15.21 1.79 -8.58
CA ASN B 196 15.18 1.26 -9.95
C ASN B 196 16.40 0.36 -10.10
N ILE B 197 16.18 -0.85 -10.57
CA ILE B 197 17.25 -1.79 -10.75
C ILE B 197 18.12 -1.36 -11.92
N ASN B 198 19.29 -0.81 -11.64
CA ASN B 198 20.17 -0.39 -12.71
C ASN B 198 21.35 -1.36 -12.85
N ASP B 199 21.61 -2.12 -11.80
CA ASP B 199 22.70 -3.10 -11.83
C ASP B 199 22.39 -4.25 -10.89
N TYR B 200 22.91 -5.43 -11.23
CA TYR B 200 22.72 -6.63 -10.44
C TYR B 200 22.88 -6.45 -8.94
N THR B 201 23.48 -5.33 -8.55
CA THR B 201 23.70 -5.04 -7.13
C THR B 201 22.56 -4.24 -6.53
N ASP B 202 21.57 -3.91 -7.33
CA ASP B 202 20.43 -3.16 -6.81
C ASP B 202 19.41 -4.09 -6.17
N LEU B 203 19.34 -5.33 -6.67
CA LEU B 203 18.41 -6.34 -6.18
C LEU B 203 18.49 -6.55 -4.67
N HIS B 204 19.70 -6.53 -4.11
CA HIS B 204 19.89 -6.69 -2.67
C HIS B 204 19.05 -5.68 -1.90
N LYS B 205 18.78 -4.54 -2.52
CA LYS B 205 18.02 -3.49 -1.87
C LYS B 205 16.53 -3.83 -1.82
N VAL B 206 16.17 -4.95 -2.44
CA VAL B 206 14.77 -5.37 -2.49
C VAL B 206 14.38 -6.37 -1.39
N PRO B 207 13.37 -6.01 -0.59
CA PRO B 207 12.85 -6.81 0.52
C PRO B 207 12.58 -8.27 0.22
N GLU B 208 12.38 -9.02 1.28
CA GLU B 208 12.09 -10.44 1.24
C GLU B 208 10.58 -10.51 1.24
N ALA B 209 9.99 -11.41 0.46
CA ALA B 209 8.53 -11.53 0.42
C ALA B 209 8.07 -12.89 -0.13
N ASP B 210 6.78 -13.18 0.04
CA ASP B 210 6.19 -14.43 -0.45
C ASP B 210 6.50 -14.60 -1.93
N ILE B 211 6.39 -13.51 -2.69
CA ILE B 211 6.69 -13.53 -4.12
C ILE B 211 7.03 -12.14 -4.70
N TRP B 212 7.86 -12.16 -5.74
CA TRP B 212 8.26 -10.93 -6.40
C TRP B 212 7.59 -10.90 -7.78
N VAL B 213 6.84 -9.84 -8.05
CA VAL B 213 6.24 -9.70 -9.36
C VAL B 213 7.21 -8.84 -10.18
N VAL B 214 8.03 -9.50 -11.00
CA VAL B 214 9.00 -8.78 -11.81
C VAL B 214 8.32 -8.23 -13.06
N SER B 215 7.87 -6.98 -12.98
CA SER B 215 7.19 -6.32 -14.10
C SER B 215 8.13 -5.49 -14.97
N ALA B 216 9.01 -4.74 -14.30
CA ALA B 216 9.98 -3.87 -14.98
C ALA B 216 10.63 -4.53 -16.18
N ASP B 217 11.01 -3.72 -17.16
CA ASP B 217 11.65 -4.20 -18.38
C ASP B 217 12.79 -3.30 -18.82
N HIS B 218 13.55 -2.81 -17.84
CA HIS B 218 14.69 -1.92 -18.07
C HIS B 218 15.65 -2.11 -16.89
N PRO B 219 16.92 -2.49 -17.15
CA PRO B 219 17.54 -2.77 -18.45
C PRO B 219 16.89 -3.97 -19.13
N PHE B 220 17.43 -4.38 -20.27
CA PHE B 220 16.89 -5.51 -20.98
C PHE B 220 17.18 -6.80 -20.23
N ASN B 221 18.43 -6.95 -19.80
CA ASN B 221 18.84 -8.15 -19.09
C ASN B 221 18.60 -8.01 -17.59
N LEU B 222 17.39 -7.60 -17.24
CA LEU B 222 17.00 -7.44 -15.84
C LEU B 222 16.46 -8.77 -15.33
N ILE B 223 15.82 -9.52 -16.23
CA ILE B 223 15.22 -10.80 -15.89
C ILE B 223 16.29 -11.86 -15.69
N ASN B 224 17.42 -11.69 -16.36
CA ASN B 224 18.50 -12.65 -16.22
C ASN B 224 19.13 -12.38 -14.85
N TRP B 225 19.22 -11.11 -14.50
CA TRP B 225 19.79 -10.70 -13.21
C TRP B 225 18.95 -11.26 -12.08
N VAL B 226 17.65 -10.98 -12.14
CA VAL B 226 16.73 -11.45 -11.12
C VAL B 226 16.72 -12.96 -10.99
N ASN B 227 16.77 -13.68 -12.10
CA ASN B 227 16.77 -15.12 -12.01
C ASN B 227 17.91 -15.57 -11.11
N LYS B 228 19.12 -15.23 -11.48
CA LYS B 228 20.31 -15.61 -10.72
C LYS B 228 20.27 -15.11 -9.27
N TYR B 229 19.77 -13.90 -9.03
CA TYR B 229 19.75 -13.40 -7.65
C TYR B 229 18.70 -14.12 -6.79
N CYS B 230 17.51 -14.33 -7.34
CA CYS B 230 16.45 -14.97 -6.59
C CYS B 230 16.79 -16.39 -6.21
N VAL B 231 17.76 -16.98 -6.89
CA VAL B 231 18.15 -18.34 -6.58
C VAL B 231 19.14 -18.32 -5.42
N ARG B 232 19.80 -17.18 -5.22
CA ARG B 232 20.78 -17.02 -4.15
C ARG B 232 20.10 -16.39 -2.95
N ALA B 233 18.77 -16.40 -2.96
CA ALA B 233 18.01 -15.81 -1.89
C ALA B 233 16.81 -16.69 -1.65
N ASN B 234 16.75 -17.80 -2.38
CA ASN B 234 15.64 -18.73 -2.30
C ASN B 234 14.35 -17.89 -2.23
N GLN B 235 14.18 -17.04 -3.25
CA GLN B 235 13.04 -16.15 -3.34
C GLN B 235 12.20 -16.43 -4.58
N PRO B 236 10.87 -16.59 -4.38
CA PRO B 236 9.96 -16.86 -5.48
C PRO B 236 9.62 -15.59 -6.25
N TYR B 237 9.57 -15.70 -7.57
CA TYR B 237 9.26 -14.55 -8.38
C TYR B 237 8.53 -15.00 -9.64
N ILE B 238 7.76 -14.09 -10.22
CA ILE B 238 7.05 -14.37 -11.45
C ILE B 238 7.24 -13.19 -12.37
N ASN B 239 7.79 -13.48 -13.55
CA ASN B 239 8.05 -12.49 -14.58
C ASN B 239 6.78 -12.29 -15.39
N ALA B 240 6.54 -11.06 -15.84
CA ALA B 240 5.34 -10.74 -16.64
C ALA B 240 5.62 -9.53 -17.53
N GLY B 241 5.05 -9.51 -18.72
CA GLY B 241 5.29 -8.38 -19.60
C GLY B 241 4.67 -8.61 -20.95
N TYR B 242 5.41 -8.31 -21.99
CA TYR B 242 4.93 -8.48 -23.37
C TYR B 242 6.03 -8.26 -24.39
N VAL B 243 5.87 -8.89 -25.55
CA VAL B 243 6.83 -8.73 -26.64
C VAL B 243 5.97 -8.12 -27.74
N ASN B 244 5.75 -6.82 -27.62
CA ASN B 244 4.91 -6.06 -28.54
C ASN B 244 3.45 -6.49 -28.43
N ASP B 245 2.93 -7.19 -29.43
CA ASP B 245 1.53 -7.60 -29.40
C ASP B 245 1.24 -8.93 -28.69
N ILE B 246 2.29 -9.56 -28.14
CA ILE B 246 2.13 -10.84 -27.44
C ILE B 246 2.27 -10.68 -25.94
N ALA B 247 1.18 -10.96 -25.22
CA ALA B 247 1.19 -10.87 -23.76
C ALA B 247 2.04 -12.01 -23.22
N VAL B 248 2.70 -11.77 -22.10
CA VAL B 248 3.55 -12.81 -21.54
C VAL B 248 3.60 -12.79 -20.04
N PHE B 249 3.54 -13.98 -19.44
CA PHE B 249 3.66 -14.10 -18.00
C PHE B 249 4.34 -15.43 -17.70
N GLY B 250 5.06 -15.48 -16.59
CA GLY B 250 5.77 -16.68 -16.25
C GLY B 250 7.19 -16.54 -16.78
N PRO B 251 8.11 -17.41 -16.36
CA PRO B 251 7.85 -18.51 -15.43
C PRO B 251 7.65 -18.05 -13.99
N LEU B 252 7.04 -18.88 -13.18
CA LEU B 252 6.87 -18.61 -11.76
C LEU B 252 7.97 -19.46 -11.11
N TYR B 253 8.99 -18.82 -10.57
CA TYR B 253 10.09 -19.58 -9.96
C TYR B 253 9.85 -19.92 -8.50
N VAL B 254 9.97 -21.20 -8.19
CA VAL B 254 9.78 -21.66 -6.83
C VAL B 254 11.02 -22.44 -6.46
N PRO B 255 11.84 -21.90 -5.55
CA PRO B 255 13.07 -22.56 -5.11
C PRO B 255 12.90 -24.07 -4.94
N GLY B 256 13.86 -24.83 -5.47
CA GLY B 256 13.84 -26.28 -5.36
C GLY B 256 12.55 -27.00 -5.72
N LYS B 257 11.81 -26.47 -6.70
CA LYS B 257 10.57 -27.10 -7.12
C LYS B 257 10.38 -26.95 -8.63
N THR B 258 10.94 -25.90 -9.19
CA THR B 258 10.81 -25.64 -10.62
C THR B 258 12.16 -25.22 -11.20
N GLY B 259 12.15 -24.87 -12.48
CA GLY B 259 13.37 -24.41 -13.12
C GLY B 259 13.28 -22.89 -13.24
N CYS B 260 14.24 -22.30 -13.94
CA CYS B 260 14.22 -20.86 -14.11
C CYS B 260 14.59 -20.39 -15.52
N TYR B 261 14.77 -19.08 -15.66
CA TYR B 261 15.09 -18.45 -16.93
C TYR B 261 16.46 -18.82 -17.51
N GLU B 262 17.10 -19.85 -16.97
CA GLU B 262 18.42 -20.27 -17.47
C GLU B 262 18.46 -21.73 -17.94
N CYS B 263 17.49 -22.53 -17.50
CA CYS B 263 17.44 -23.94 -17.85
C CYS B 263 17.30 -24.22 -19.34
N GLN B 264 16.15 -23.87 -19.92
CA GLN B 264 15.92 -24.10 -21.34
C GLN B 264 15.56 -22.81 -22.08
N GLU B 274 31.24 -13.94 -34.55
CA GLU B 274 32.31 -13.01 -34.19
C GLU B 274 32.71 -12.16 -35.39
N LYS B 275 31.71 -11.80 -36.20
CA LYS B 275 31.92 -10.97 -37.39
C LYS B 275 31.59 -9.53 -37.02
N GLU B 276 32.56 -8.88 -36.37
CA GLU B 276 32.43 -7.49 -35.90
C GLU B 276 31.65 -6.51 -36.77
N ASN B 277 31.61 -6.73 -38.07
CA ASN B 277 30.90 -5.83 -38.98
C ASN B 277 29.40 -5.78 -38.69
N ILE B 278 28.73 -6.92 -38.72
CA ILE B 278 27.29 -6.98 -38.48
C ILE B 278 26.91 -6.71 -37.03
N ASP B 279 27.64 -7.32 -36.11
CA ASP B 279 27.35 -7.17 -34.69
C ASP B 279 27.28 -5.71 -34.24
N HIS B 280 27.86 -4.80 -35.02
CA HIS B 280 27.83 -3.39 -34.66
C HIS B 280 26.42 -2.88 -34.95
N LYS B 281 26.00 -3.03 -36.20
CA LYS B 281 24.68 -2.59 -36.62
C LYS B 281 23.63 -3.20 -35.70
N ILE B 282 23.80 -4.48 -35.41
CA ILE B 282 22.88 -5.19 -34.54
C ILE B 282 22.69 -4.46 -33.22
N LYS B 283 23.78 -4.17 -32.52
CA LYS B 283 23.69 -3.49 -31.24
C LYS B 283 23.07 -2.09 -31.36
N LEU B 284 23.50 -1.33 -32.36
CA LEU B 284 23.00 0.02 -32.60
C LEU B 284 21.49 0.02 -32.84
N ILE B 285 21.01 -0.95 -33.63
CA ILE B 285 19.59 -1.02 -33.90
C ILE B 285 18.78 -1.46 -32.70
N ASN B 286 19.31 -2.42 -31.94
CA ASN B 286 18.58 -2.89 -30.78
C ASN B 286 18.52 -1.85 -29.66
N SER B 287 19.48 -0.93 -29.62
CA SER B 287 19.48 0.10 -28.58
C SER B 287 18.40 1.16 -28.83
N ARG B 288 17.92 1.23 -30.06
CA ARG B 288 16.89 2.22 -30.42
C ARG B 288 15.48 1.64 -30.20
N PHE B 289 15.44 0.36 -29.85
CA PHE B 289 14.19 -0.34 -29.64
C PHE B 289 13.27 0.35 -28.67
N LYS B 290 11.97 0.31 -28.98
CA LYS B 290 10.90 0.88 -28.16
C LYS B 290 9.74 -0.10 -28.28
N PRO B 291 9.22 -0.59 -27.15
CA PRO B 291 8.11 -1.55 -27.24
C PRO B 291 6.85 -0.97 -27.86
N ALA B 292 6.14 -1.79 -28.64
CA ALA B 292 4.89 -1.37 -29.26
C ALA B 292 3.70 -1.64 -28.33
N THR B 293 3.63 -0.84 -27.26
CA THR B 293 2.59 -0.93 -26.24
C THR B 293 1.19 -1.00 -26.78
N PHE B 294 0.30 -1.59 -25.99
CA PHE B 294 -1.09 -1.73 -26.36
C PHE B 294 -1.72 -2.21 -25.05
N ALA B 295 -2.66 -1.46 -24.51
CA ALA B 295 -3.28 -1.78 -23.25
C ALA B 295 -3.91 -3.18 -23.22
N PRO B 296 -4.71 -3.55 -24.23
CA PRO B 296 -5.25 -4.90 -24.10
C PRO B 296 -4.18 -5.96 -23.77
N VAL B 297 -3.04 -5.90 -24.44
CA VAL B 297 -1.98 -6.88 -24.21
C VAL B 297 -1.43 -6.79 -22.82
N ASN B 298 -1.26 -5.55 -22.39
CA ASN B 298 -0.76 -5.24 -21.07
C ASN B 298 -1.68 -5.85 -20.03
N ASN B 299 -2.97 -5.55 -20.12
CA ASN B 299 -3.93 -6.07 -19.16
C ASN B 299 -3.99 -7.58 -19.02
N VAL B 300 -3.95 -8.29 -20.14
CA VAL B 300 -4.03 -9.75 -20.14
C VAL B 300 -2.83 -10.32 -19.39
N ALA B 301 -1.64 -9.81 -19.70
CA ALA B 301 -0.44 -10.29 -19.06
C ALA B 301 -0.53 -10.04 -17.55
N ALA B 302 -1.07 -8.89 -17.16
CA ALA B 302 -1.16 -8.59 -15.74
C ALA B 302 -2.26 -9.40 -15.08
N ALA B 303 -3.40 -9.55 -15.75
CA ALA B 303 -4.47 -10.31 -15.14
C ALA B 303 -4.02 -11.71 -14.79
N LEU B 304 -3.40 -12.39 -15.76
CA LEU B 304 -2.93 -13.76 -15.57
C LEU B 304 -1.78 -13.86 -14.59
N CYS B 305 -0.92 -12.86 -14.59
CA CYS B 305 0.19 -12.82 -13.67
C CYS B 305 -0.40 -12.79 -12.26
N ALA B 306 -1.39 -11.94 -12.05
CA ALA B 306 -2.03 -11.80 -10.76
C ALA B 306 -2.78 -13.08 -10.39
N ALA B 307 -3.43 -13.73 -11.35
CA ALA B 307 -4.13 -14.96 -11.04
C ALA B 307 -3.09 -15.97 -10.54
N ASP B 308 -1.90 -15.95 -11.11
CA ASP B 308 -0.89 -16.89 -10.66
C ASP B 308 -0.38 -16.58 -9.23
N VAL B 309 -0.24 -15.31 -8.89
CA VAL B 309 0.21 -14.94 -7.56
C VAL B 309 -0.84 -15.34 -6.51
N ILE B 310 -2.09 -15.00 -6.76
CA ILE B 310 -3.18 -15.35 -5.87
C ILE B 310 -3.23 -16.87 -5.66
N LYS B 311 -3.01 -17.64 -6.72
CA LYS B 311 -3.04 -19.08 -6.56
C LYS B 311 -1.82 -19.57 -5.80
N PHE B 312 -0.65 -19.09 -6.16
CA PHE B 312 0.56 -19.52 -5.50
C PHE B 312 0.49 -19.35 -4.00
N ILE B 313 -0.10 -18.24 -3.56
CA ILE B 313 -0.23 -17.91 -2.14
C ILE B 313 -1.43 -18.56 -1.47
N GLY B 314 -2.50 -18.83 -2.23
CA GLY B 314 -3.71 -19.42 -1.67
C GLY B 314 -3.73 -20.95 -1.70
N LYS B 315 -2.80 -21.52 -2.45
CA LYS B 315 -2.65 -22.96 -2.55
C LYS B 315 -3.86 -23.78 -2.97
N TYR B 316 -4.94 -23.12 -3.35
CA TYR B 316 -6.13 -23.85 -3.76
C TYR B 316 -6.08 -24.44 -5.17
N SER B 317 -5.19 -23.90 -6.02
CA SER B 317 -5.05 -24.40 -7.38
C SER B 317 -3.64 -24.19 -7.91
N GLU B 318 -3.24 -24.96 -8.91
CA GLU B 318 -1.90 -24.83 -9.45
C GLU B 318 -1.69 -23.61 -10.37
N PRO B 319 -0.69 -22.79 -10.08
CA PRO B 319 -0.45 -21.64 -10.95
C PRO B 319 -0.19 -22.17 -12.37
N LEU B 320 -0.64 -21.46 -13.40
CA LEU B 320 -0.45 -21.93 -14.77
C LEU B 320 1.01 -21.85 -15.24
N SER B 321 1.73 -20.83 -14.78
CA SER B 321 3.09 -20.61 -15.22
C SER B 321 4.22 -21.31 -14.47
N LEU B 322 3.90 -22.33 -13.69
CA LEU B 322 4.98 -23.05 -13.00
C LEU B 322 5.84 -23.70 -14.08
N ASN B 323 7.13 -23.42 -14.07
CA ASN B 323 8.06 -23.97 -15.07
C ASN B 323 7.73 -23.58 -16.50
N LYS B 324 6.88 -22.59 -16.70
CA LYS B 324 6.51 -22.20 -18.05
C LYS B 324 6.34 -20.71 -18.32
N ARG B 325 6.72 -20.32 -19.52
CA ARG B 325 6.62 -18.95 -20.00
C ARG B 325 5.46 -18.99 -20.98
N ILE B 326 4.36 -18.34 -20.64
CA ILE B 326 3.19 -18.37 -21.52
C ILE B 326 3.01 -17.12 -22.38
N GLY B 327 2.60 -17.36 -23.62
CA GLY B 327 2.39 -16.28 -24.57
C GLY B 327 0.96 -16.31 -25.09
N ILE B 328 0.31 -15.16 -25.08
CA ILE B 328 -1.05 -15.06 -25.58
C ILE B 328 -1.01 -14.01 -26.68
N TRP B 329 -1.25 -14.45 -27.90
CA TRP B 329 -1.23 -13.57 -29.06
C TRP B 329 -2.41 -12.64 -28.94
N SER B 330 -2.44 -11.58 -29.76
CA SER B 330 -3.56 -10.68 -29.74
C SER B 330 -4.02 -10.41 -31.15
N ASP B 331 -3.16 -10.67 -32.14
CA ASP B 331 -3.58 -10.46 -33.52
C ASP B 331 -3.93 -11.80 -34.15
N GLU B 332 -3.93 -12.84 -33.32
CA GLU B 332 -4.22 -14.20 -33.75
C GLU B 332 -4.77 -14.97 -32.53
N ILE B 333 -5.66 -15.94 -32.77
CA ILE B 333 -6.26 -16.73 -31.70
C ILE B 333 -5.22 -17.77 -31.28
N LYS B 334 -4.40 -17.47 -30.28
CA LYS B 334 -3.38 -18.44 -29.92
C LYS B 334 -2.67 -18.23 -28.60
N ILE B 335 -2.45 -19.33 -27.89
CA ILE B 335 -1.74 -19.28 -26.63
C ILE B 335 -0.69 -20.36 -26.77
N HIS B 336 0.51 -20.12 -26.28
CA HIS B 336 1.57 -21.11 -26.37
C HIS B 336 2.56 -20.98 -25.23
N SER B 337 3.03 -22.11 -24.69
CA SER B 337 3.99 -21.99 -23.60
C SER B 337 5.30 -22.68 -23.86
N GLN B 338 6.40 -22.01 -23.50
CA GLN B 338 7.74 -22.56 -23.67
C GLN B 338 8.07 -23.22 -22.36
N ASN B 339 8.19 -24.54 -22.40
CA ASN B 339 8.50 -25.28 -21.21
C ASN B 339 9.94 -25.00 -20.82
N MET B 340 10.19 -24.96 -19.53
CA MET B 340 11.53 -24.74 -19.05
C MET B 340 11.64 -25.22 -17.63
N GLY B 341 11.55 -26.55 -17.47
CA GLY B 341 11.65 -27.15 -16.16
C GLY B 341 13.09 -27.23 -15.68
N ARG B 342 13.32 -27.91 -14.57
CA ARG B 342 14.66 -28.04 -14.00
C ARG B 342 15.69 -28.54 -15.00
N SER B 343 16.93 -28.12 -14.80
CA SER B 343 18.04 -28.53 -15.65
C SER B 343 19.32 -28.49 -14.82
N PRO B 344 20.19 -29.51 -14.99
CA PRO B 344 21.45 -29.55 -14.24
C PRO B 344 22.49 -28.58 -14.78
N VAL B 345 22.77 -28.68 -16.08
CA VAL B 345 23.74 -27.82 -16.76
C VAL B 345 23.24 -26.37 -16.88
N CYS B 346 23.38 -25.61 -15.79
CA CYS B 346 22.93 -24.22 -15.76
C CYS B 346 23.95 -23.26 -15.14
N SER B 347 23.83 -21.98 -15.47
CA SER B 347 24.71 -20.94 -14.96
C SER B 347 24.15 -20.28 -13.70
N VAL B 348 23.16 -20.92 -13.08
CA VAL B 348 22.54 -20.40 -11.87
C VAL B 348 22.14 -21.51 -10.89
N CYS B 349 21.78 -22.67 -11.41
CA CYS B 349 21.39 -23.80 -10.57
C CYS B 349 21.48 -25.13 -11.30
N MET C 4 -11.86 -23.86 34.83
CA MET C 4 -10.90 -22.71 34.69
C MET C 4 -11.68 -21.44 34.31
N ASP C 5 -11.43 -20.37 35.06
CA ASP C 5 -12.09 -19.07 34.88
C ASP C 5 -11.64 -18.24 33.68
N TYR C 6 -12.55 -17.38 33.23
CA TYR C 6 -12.31 -16.47 32.10
C TYR C 6 -13.05 -15.16 32.42
N ILE C 7 -12.65 -14.06 31.80
CA ILE C 7 -13.30 -12.79 32.09
C ILE C 7 -13.13 -11.77 30.97
N LEU C 8 -14.09 -10.85 30.86
CA LEU C 8 -14.05 -9.81 29.85
C LEU C 8 -13.04 -8.74 30.24
N GLY C 9 -12.12 -8.44 29.32
CA GLY C 9 -11.12 -7.42 29.62
C GLY C 9 -11.79 -6.08 29.72
N ARG C 10 -11.37 -5.26 30.66
CA ARG C 10 -11.99 -3.94 30.81
C ARG C 10 -11.63 -2.97 29.70
N TYR C 11 -10.80 -3.42 28.76
CA TYR C 11 -10.36 -2.59 27.65
C TYR C 11 -11.14 -2.88 26.38
N VAL C 12 -12.20 -3.69 26.47
CA VAL C 12 -12.99 -4.01 25.29
C VAL C 12 -14.31 -3.26 25.26
N LYS C 13 -14.45 -2.32 24.33
CA LYS C 13 -15.70 -1.59 24.23
C LYS C 13 -16.51 -2.02 23.01
N ILE C 14 -17.81 -1.81 23.08
CA ILE C 14 -18.74 -2.20 22.04
C ILE C 14 -19.48 -1.02 21.45
N ALA C 15 -19.91 -1.15 20.20
CA ALA C 15 -20.63 -0.07 19.54
C ALA C 15 -21.33 -0.49 18.26
N ARG C 16 -22.54 0.02 18.06
CA ARG C 16 -23.31 -0.27 16.86
C ARG C 16 -22.67 0.46 15.69
N TYR C 17 -22.49 -0.24 14.58
CA TYR C 17 -21.88 0.35 13.40
C TYR C 17 -22.23 -0.41 12.10
N GLY C 18 -22.69 0.32 11.09
CA GLY C 18 -23.04 -0.32 9.83
C GLY C 18 -24.08 -1.40 10.03
N SER C 19 -23.95 -2.49 9.29
CA SER C 19 -24.90 -3.59 9.39
C SER C 19 -24.99 -4.16 10.80
N GLY C 20 -23.92 -3.99 11.58
CA GLY C 20 -23.90 -4.50 12.93
C GLY C 20 -23.13 -3.64 13.91
N GLY C 21 -22.12 -4.23 14.55
CA GLY C 21 -21.32 -3.50 15.51
C GLY C 21 -19.85 -3.85 15.43
N LEU C 22 -18.99 -3.04 16.05
CA LEU C 22 -17.57 -3.31 16.00
C LEU C 22 -16.97 -3.54 17.38
N VAL C 23 -16.78 -4.81 17.72
CA VAL C 23 -16.23 -5.24 19.01
C VAL C 23 -14.76 -4.88 19.21
N GLY C 24 -14.45 -4.25 20.34
CA GLY C 24 -13.08 -3.90 20.66
C GLY C 24 -12.58 -2.54 20.19
N GLY C 25 -11.55 -2.04 20.87
CA GLY C 25 -10.97 -0.76 20.51
C GLY C 25 -9.51 -0.84 20.11
N GLY C 26 -9.07 0.10 19.29
CA GLY C 26 -7.68 0.12 18.86
C GLY C 26 -7.29 -0.98 17.89
N GLY C 27 -6.00 -1.30 17.85
CA GLY C 27 -5.50 -2.33 16.96
C GLY C 27 -6.40 -3.53 16.80
N LYS C 28 -6.65 -4.26 17.88
CA LYS C 28 -7.49 -5.45 17.85
C LYS C 28 -8.95 -5.27 17.42
N GLU C 29 -9.38 -4.03 17.21
CA GLU C 29 -10.77 -3.74 16.81
C GLU C 29 -11.25 -4.61 15.65
N GLN C 30 -12.42 -5.23 15.83
CA GLN C 30 -13.05 -6.11 14.84
C GLN C 30 -14.43 -5.63 14.41
N TYR C 31 -14.71 -5.70 13.12
CA TYR C 31 -16.03 -5.31 12.62
C TYR C 31 -16.79 -6.60 12.27
N VAL C 32 -18.01 -6.73 12.77
CA VAL C 32 -18.81 -7.89 12.48
C VAL C 32 -20.06 -7.41 11.76
N GLU C 33 -20.22 -7.84 10.52
CA GLU C 33 -21.35 -7.45 9.69
C GLU C 33 -22.68 -8.11 10.09
N ASN C 34 -22.65 -9.42 10.37
CA ASN C 34 -23.86 -10.15 10.75
C ASN C 34 -24.39 -9.66 12.09
N LEU C 35 -25.44 -8.86 12.05
CA LEU C 35 -26.05 -8.30 13.26
C LEU C 35 -26.29 -9.41 14.29
N VAL C 36 -26.94 -10.50 13.86
CA VAL C 36 -27.24 -11.61 14.75
C VAL C 36 -25.97 -12.19 15.37
N LEU C 37 -24.83 -11.99 14.71
CA LEU C 37 -23.57 -12.49 15.23
C LEU C 37 -23.04 -11.50 16.27
N TRP C 38 -23.17 -10.22 15.97
CA TRP C 38 -22.75 -9.15 16.86
C TRP C 38 -23.48 -9.27 18.19
N GLU C 39 -24.82 -9.25 18.12
CA GLU C 39 -25.66 -9.35 19.30
C GLU C 39 -25.34 -10.60 20.11
N ASN C 40 -24.95 -11.67 19.41
CA ASN C 40 -24.58 -12.91 20.09
C ASN C 40 -23.21 -12.82 20.74
N ILE C 41 -22.36 -11.94 20.20
CA ILE C 41 -21.02 -11.75 20.74
C ILE C 41 -21.11 -10.97 22.05
N ILE C 42 -21.88 -9.90 22.06
CA ILE C 42 -21.99 -9.10 23.26
C ILE C 42 -22.88 -9.76 24.30
N LYS C 43 -23.69 -10.73 23.88
CA LYS C 43 -24.56 -11.42 24.81
C LYS C 43 -23.80 -12.53 25.54
N THR C 44 -22.69 -12.97 24.97
CA THR C 44 -21.86 -14.01 25.59
C THR C 44 -20.72 -13.37 26.36
N ALA C 45 -20.19 -12.27 25.84
CA ALA C 45 -19.13 -11.53 26.51
C ALA C 45 -19.70 -11.10 27.85
N TYR C 46 -20.94 -10.62 27.79
CA TYR C 46 -21.66 -10.16 28.96
C TYR C 46 -21.62 -11.24 30.05
N CYS C 47 -21.78 -12.49 29.65
CA CYS C 47 -21.75 -13.60 30.59
C CYS C 47 -20.42 -13.76 31.29
N PHE C 48 -19.42 -12.99 30.86
CA PHE C 48 -18.08 -13.07 31.43
C PHE C 48 -17.60 -11.85 32.18
N ILE C 49 -18.49 -10.90 32.44
CA ILE C 49 -18.07 -9.72 33.18
C ILE C 49 -17.53 -10.14 34.54
N THR C 50 -17.89 -11.35 34.98
CA THR C 50 -17.45 -11.88 36.24
C THR C 50 -16.66 -13.12 35.93
N PRO C 51 -15.59 -13.40 36.69
CA PRO C 51 -14.79 -14.60 36.41
C PRO C 51 -15.60 -15.90 36.38
N SER C 52 -15.87 -16.39 35.19
CA SER C 52 -16.66 -17.59 35.05
C SER C 52 -16.03 -18.62 34.12
N SER C 53 -16.38 -19.89 34.30
CA SER C 53 -15.85 -20.94 33.44
C SER C 53 -16.73 -21.03 32.19
N TYR C 54 -16.38 -21.92 31.27
CA TYR C 54 -17.16 -22.03 30.06
C TYR C 54 -18.62 -22.39 30.34
N THR C 55 -18.83 -23.35 31.22
CA THR C 55 -20.18 -23.79 31.56
C THR C 55 -20.94 -22.82 32.46
N ALA C 56 -20.26 -22.31 33.49
CA ALA C 56 -20.88 -21.36 34.41
C ALA C 56 -21.53 -20.21 33.64
N ALA C 57 -20.78 -19.63 32.69
CA ALA C 57 -21.29 -18.52 31.89
C ALA C 57 -22.38 -19.00 30.95
N LEU C 58 -22.21 -20.20 30.39
CA LEU C 58 -23.17 -20.81 29.46
C LEU C 58 -24.52 -21.06 30.15
N GLU C 59 -24.47 -21.36 31.43
CA GLU C 59 -25.66 -21.62 32.23
C GLU C 59 -26.43 -20.33 32.54
N THR C 60 -25.93 -19.19 32.04
CA THR C 60 -26.59 -17.90 32.28
C THR C 60 -26.85 -17.17 30.97
N ALA C 61 -26.63 -17.86 29.86
CA ALA C 61 -26.83 -17.26 28.54
C ALA C 61 -28.06 -17.85 27.85
N ASN C 62 -28.83 -16.99 27.21
CA ASN C 62 -30.03 -17.43 26.50
C ASN C 62 -29.74 -17.56 25.01
N ILE C 63 -28.70 -18.32 24.67
CA ILE C 63 -28.41 -18.53 23.25
C ILE C 63 -27.96 -19.97 23.03
N PRO C 64 -28.10 -20.48 21.80
CA PRO C 64 -27.71 -21.85 21.41
C PRO C 64 -26.27 -22.20 21.80
N GLU C 65 -26.07 -23.40 22.34
CA GLU C 65 -24.72 -23.84 22.74
C GLU C 65 -23.76 -23.76 21.56
N LYS C 66 -24.28 -23.90 20.35
CA LYS C 66 -23.45 -23.83 19.17
C LYS C 66 -22.95 -22.40 18.94
N ASP C 67 -23.82 -21.43 19.16
CA ASP C 67 -23.49 -20.03 18.98
C ASP C 67 -22.67 -19.44 20.10
N PHE C 68 -22.89 -19.95 21.31
CA PHE C 68 -22.14 -19.48 22.46
C PHE C 68 -20.71 -19.96 22.27
N SER C 69 -20.57 -21.21 21.86
CA SER C 69 -19.27 -21.84 21.62
C SER C 69 -18.51 -21.07 20.54
N ASN C 70 -19.22 -20.72 19.48
CA ASN C 70 -18.62 -19.99 18.38
C ASN C 70 -18.20 -18.59 18.85
N CYS C 71 -19.13 -17.88 19.49
CA CYS C 71 -18.86 -16.53 20.01
C CYS C 71 -17.74 -16.52 21.05
N PHE C 72 -17.70 -17.56 21.88
CA PHE C 72 -16.68 -17.69 22.91
C PHE C 72 -15.31 -17.68 22.24
N ARG C 73 -15.06 -18.70 21.41
CA ARG C 73 -13.80 -18.84 20.69
C ARG C 73 -13.42 -17.55 19.98
N PHE C 74 -14.41 -16.76 19.59
CA PHE C 74 -14.17 -15.48 18.91
C PHE C 74 -13.59 -14.49 19.92
N LEU C 75 -14.23 -14.39 21.10
CA LEU C 75 -13.79 -13.49 22.15
C LEU C 75 -12.45 -13.92 22.75
N LYS C 76 -12.24 -15.22 22.84
CA LYS C 76 -11.00 -15.75 23.40
C LYS C 76 -9.79 -15.49 22.51
N GLU C 77 -9.96 -15.67 21.20
CA GLU C 77 -8.89 -15.46 20.23
C GLU C 77 -8.38 -14.02 20.14
N ASN C 78 -9.29 -13.06 20.01
CA ASN C 78 -8.90 -11.66 19.93
C ASN C 78 -8.43 -11.14 21.30
N PHE C 79 -8.50 -12.02 22.29
CA PHE C 79 -8.09 -11.70 23.65
C PHE C 79 -9.03 -10.74 24.36
N PHE C 80 -10.27 -10.69 23.88
CA PHE C 80 -11.28 -9.83 24.47
C PHE C 80 -11.73 -10.41 25.81
N ILE C 81 -11.63 -11.73 25.97
CA ILE C 81 -11.95 -12.35 27.25
C ILE C 81 -10.64 -13.04 27.55
N ILE C 82 -10.25 -13.09 28.82
CA ILE C 82 -8.97 -13.70 29.14
C ILE C 82 -9.07 -14.57 30.38
N PRO C 83 -7.99 -15.32 30.67
CA PRO C 83 -7.99 -16.19 31.86
C PRO C 83 -8.17 -15.29 33.07
N GLY C 84 -9.04 -15.69 33.99
CA GLY C 84 -9.28 -14.90 35.18
C GLY C 84 -8.04 -14.68 36.02
N GLU C 85 -7.04 -15.54 35.84
CA GLU C 85 -5.79 -15.44 36.59
C GLU C 85 -5.02 -14.19 36.18
N TYR C 86 -5.02 -13.88 34.89
CA TYR C 86 -4.31 -12.72 34.36
C TYR C 86 -4.81 -11.43 34.99
N ASN C 87 -6.09 -11.41 35.36
CA ASN C 87 -6.67 -10.23 35.96
C ASN C 87 -6.43 -10.20 37.46
N ASN C 88 -5.48 -11.01 37.92
CA ASN C 88 -5.15 -11.10 39.34
C ASN C 88 -3.92 -10.26 39.69
N SER C 89 -4.14 -9.16 40.42
CA SER C 89 -3.05 -8.28 40.84
C SER C 89 -3.49 -7.45 42.03
N THR C 90 -2.60 -6.57 42.53
CA THR C 90 -2.91 -5.72 43.67
C THR C 90 -3.44 -4.34 43.28
N GLU C 91 -4.30 -4.33 42.28
CA GLU C 91 -4.90 -3.09 41.77
C GLU C 91 -5.23 -2.09 42.87
N ASN C 93 -1.02 -1.78 42.51
CA ASN C 93 0.20 -1.98 41.75
C ASN C 93 0.49 -0.75 40.89
N ARG C 94 1.74 -0.29 40.91
CA ARG C 94 2.12 0.89 40.13
C ARG C 94 2.03 0.60 38.63
N TYR C 95 1.96 -0.69 38.27
CA TYR C 95 1.89 -1.10 36.88
C TYR C 95 0.47 -1.54 36.49
N SER C 96 -0.52 -1.08 37.24
CA SER C 96 -1.92 -1.44 36.98
C SER C 96 -2.36 -1.27 35.52
N ARG C 97 -2.46 -0.03 35.06
CA ARG C 97 -2.92 0.22 33.70
C ARG C 97 -2.02 -0.44 32.64
N ASN C 98 -0.77 -0.70 32.99
CA ASN C 98 0.14 -1.34 32.05
C ASN C 98 -0.28 -2.80 31.79
N PHE C 99 -1.02 -3.37 32.73
CA PHE C 99 -1.48 -4.74 32.60
C PHE C 99 -2.56 -4.88 31.54
N LEU C 100 -3.49 -3.93 31.46
CA LEU C 100 -4.55 -4.02 30.45
C LEU C 100 -3.96 -4.04 29.04
N HIS C 101 -2.82 -3.39 28.87
CA HIS C 101 -2.17 -3.38 27.57
C HIS C 101 -1.73 -4.81 27.28
N TYR C 102 -0.92 -5.38 28.17
CA TYR C 102 -0.42 -6.73 28.02
C TYR C 102 -1.55 -7.78 27.85
N GLN C 103 -2.61 -7.65 28.64
CA GLN C 103 -3.74 -8.58 28.54
C GLN C 103 -4.29 -8.57 27.12
N SER C 104 -4.38 -7.39 26.53
CA SER C 104 -4.92 -7.20 25.17
C SER C 104 -4.23 -8.05 24.12
N TYR C 105 -2.96 -8.38 24.37
CA TYR C 105 -2.17 -9.17 23.44
C TYR C 105 -2.08 -10.64 23.83
N GLY C 106 -2.86 -11.04 24.82
CA GLY C 106 -2.87 -12.42 25.27
C GLY C 106 -1.70 -12.87 26.13
N ALA C 107 -1.16 -11.96 26.93
CA ALA C 107 -0.03 -12.34 27.78
C ALA C 107 -0.38 -12.30 29.25
N ASN C 108 0.29 -13.13 30.05
CA ASN C 108 0.02 -13.09 31.46
C ASN C 108 0.79 -11.86 31.92
N PRO C 109 0.09 -10.83 32.41
CA PRO C 109 0.76 -9.61 32.86
C PRO C 109 1.85 -9.82 33.93
N VAL C 110 1.65 -10.79 34.82
CA VAL C 110 2.64 -11.03 35.86
C VAL C 110 3.96 -11.51 35.27
N LEU C 111 3.90 -12.39 34.27
CA LEU C 111 5.13 -12.90 33.63
C LEU C 111 5.86 -11.78 32.87
N VAL C 112 5.10 -10.99 32.11
CA VAL C 112 5.66 -9.89 31.35
C VAL C 112 6.35 -8.96 32.33
N GLN C 113 5.60 -8.50 33.32
CA GLN C 113 6.13 -7.60 34.34
C GLN C 113 7.32 -8.21 35.04
N ASP C 114 7.42 -9.53 35.03
CA ASP C 114 8.53 -10.21 35.68
C ASP C 114 9.73 -10.29 34.77
N LYS C 115 9.48 -10.37 33.47
CA LYS C 115 10.59 -10.43 32.53
C LYS C 115 11.25 -9.06 32.51
N LEU C 116 10.45 -8.01 32.64
CA LEU C 116 11.00 -6.65 32.64
C LEU C 116 11.85 -6.45 33.89
N LYS C 117 11.41 -7.05 34.99
CA LYS C 117 12.07 -6.94 36.29
C LYS C 117 13.49 -7.51 36.31
N ASN C 118 13.65 -8.68 35.69
CA ASN C 118 14.94 -9.38 35.63
C ASN C 118 15.78 -8.93 34.45
N ALA C 119 15.31 -7.91 33.76
CA ALA C 119 16.04 -7.41 32.61
C ALA C 119 16.97 -6.28 33.01
N LYS C 120 17.98 -6.07 32.18
CA LYS C 120 18.99 -5.05 32.39
C LYS C 120 19.21 -4.35 31.04
N VAL C 121 18.96 -3.05 31.00
CA VAL C 121 19.11 -2.30 29.76
C VAL C 121 20.23 -1.30 29.83
N VAL C 122 20.92 -1.13 28.71
CA VAL C 122 22.01 -0.17 28.60
C VAL C 122 21.56 1.03 27.77
N ILE C 123 21.72 2.22 28.32
CA ILE C 123 21.37 3.43 27.58
C ILE C 123 22.71 4.05 27.19
N LEU C 124 23.13 3.83 25.95
CA LEU C 124 24.39 4.36 25.47
C LEU C 124 24.18 5.73 24.80
N GLY C 125 24.33 6.78 25.60
CA GLY C 125 24.16 8.13 25.10
C GLY C 125 22.97 8.73 25.83
N CYS C 126 23.21 9.73 26.67
CA CYS C 126 22.11 10.31 27.41
C CYS C 126 21.63 11.67 26.90
N GLY C 127 21.61 11.81 25.57
CA GLY C 127 21.14 13.05 24.99
C GLY C 127 19.64 13.10 25.14
N GLY C 128 18.95 13.55 24.10
CA GLY C 128 17.50 13.66 24.16
C GLY C 128 16.78 12.32 24.13
N ILE C 129 17.19 11.41 23.24
CA ILE C 129 16.54 10.11 23.17
C ILE C 129 16.80 9.33 24.44
N GLY C 130 18.08 9.17 24.78
CA GLY C 130 18.45 8.41 25.97
C GLY C 130 17.63 8.81 27.17
N ASN C 131 17.42 10.11 27.29
CA ASN C 131 16.64 10.73 28.36
C ASN C 131 15.23 10.16 28.43
N HIS C 132 14.46 10.37 27.37
CA HIS C 132 13.09 9.90 27.32
C HIS C 132 12.95 8.38 27.43
N VAL C 133 13.87 7.63 26.81
CA VAL C 133 13.78 6.18 26.86
C VAL C 133 13.91 5.67 28.28
N SER C 134 14.96 6.09 28.98
CA SER C 134 15.16 5.64 30.36
C SER C 134 13.95 5.92 31.25
N VAL C 135 13.36 7.09 31.12
CA VAL C 135 12.17 7.44 31.91
C VAL C 135 11.06 6.43 31.69
N ILE C 136 10.73 6.19 30.41
CA ILE C 136 9.68 5.26 30.07
C ILE C 136 10.01 3.88 30.58
N LEU C 137 11.28 3.48 30.50
CA LEU C 137 11.69 2.14 30.97
C LEU C 137 11.69 2.05 32.49
N ALA C 138 12.25 3.03 33.19
CA ALA C 138 12.23 2.99 34.65
C ALA C 138 10.77 2.84 35.11
N THR C 139 9.92 3.75 34.64
CA THR C 139 8.50 3.74 35.01
C THR C 139 7.74 2.51 34.59
N SER C 140 8.28 1.73 33.65
CA SER C 140 7.59 0.52 33.22
C SER C 140 7.99 -0.75 33.96
N GLY C 141 9.04 -0.67 34.76
CA GLY C 141 9.45 -1.83 35.53
C GLY C 141 10.80 -2.43 35.25
N ILE C 142 11.45 -2.04 34.15
CA ILE C 142 12.76 -2.60 33.85
C ILE C 142 13.59 -2.44 35.13
N GLY C 143 13.99 -3.59 35.67
CA GLY C 143 14.71 -3.61 36.92
C GLY C 143 16.11 -3.05 37.04
N GLU C 144 16.78 -2.80 35.92
CA GLU C 144 18.14 -2.29 36.00
C GLU C 144 18.53 -1.49 34.77
N ILE C 145 18.93 -0.24 34.99
CA ILE C 145 19.34 0.65 33.91
C ILE C 145 20.80 1.13 34.07
N ILE C 146 21.57 1.07 32.99
CA ILE C 146 22.94 1.53 33.04
C ILE C 146 23.13 2.72 32.08
N LEU C 147 23.36 3.90 32.67
CA LEU C 147 23.56 5.14 31.92
C LEU C 147 25.04 5.34 31.58
N ILE C 148 25.33 5.56 30.31
CA ILE C 148 26.69 5.73 29.83
C ILE C 148 26.79 7.01 29.02
N ASP C 149 27.58 7.95 29.52
CA ASP C 149 27.78 9.24 28.85
C ASP C 149 28.83 9.98 29.68
N ASN C 150 29.56 10.90 29.06
CA ASN C 150 30.55 11.70 29.77
C ASN C 150 30.34 13.19 29.53
N ASP C 151 29.12 13.59 29.23
CA ASP C 151 28.85 15.00 29.00
C ASP C 151 28.16 15.68 30.17
N GLN C 152 28.05 16.99 30.08
CA GLN C 152 27.40 17.79 31.09
C GLN C 152 26.23 18.53 30.46
N ILE C 153 25.27 18.92 31.29
CA ILE C 153 24.08 19.61 30.83
C ILE C 153 24.34 21.08 30.45
N GLU C 154 23.92 21.45 29.25
CA GLU C 154 24.08 22.82 28.77
C GLU C 154 22.68 23.43 28.72
N ASN C 155 22.59 24.76 28.74
CA ASN C 155 21.26 25.40 28.73
C ASN C 155 20.40 25.03 27.52
N THR C 156 21.05 24.78 26.38
CA THR C 156 20.34 24.42 25.16
C THR C 156 19.64 23.07 25.25
N ASN C 157 20.17 22.19 26.10
CA ASN C 157 19.63 20.83 26.27
C ASN C 157 18.22 20.77 26.85
N LEU C 158 17.81 21.85 27.51
CA LEU C 158 16.50 21.92 28.15
C LEU C 158 15.25 21.91 27.26
N THR C 159 15.43 21.66 25.96
CA THR C 159 14.29 21.62 25.03
C THR C 159 13.74 20.22 24.81
N ARG C 160 14.64 19.24 24.73
CA ARG C 160 14.28 17.85 24.47
C ARG C 160 14.46 16.95 25.69
N GLN C 161 15.46 17.29 26.50
CA GLN C 161 15.82 16.51 27.68
C GLN C 161 14.89 16.74 28.87
N VAL C 162 13.70 16.16 28.72
CA VAL C 162 12.57 16.20 29.65
C VAL C 162 12.84 16.05 31.14
N LEU C 163 13.96 15.43 31.49
CA LEU C 163 14.25 15.25 32.90
C LEU C 163 15.09 16.35 33.53
N PHE C 164 15.58 17.28 32.72
CA PHE C 164 16.45 18.34 33.21
C PHE C 164 15.79 19.67 33.55
N SER C 165 16.24 20.27 34.65
CA SER C 165 15.72 21.56 35.07
C SER C 165 16.89 22.51 35.03
N GLU C 166 16.61 23.80 35.14
CA GLU C 166 17.63 24.84 35.12
C GLU C 166 18.73 24.64 36.15
N ASP C 167 18.38 24.19 37.35
CA ASP C 167 19.37 23.96 38.40
C ASP C 167 20.25 22.74 38.08
N ASP C 168 20.08 22.17 36.90
CA ASP C 168 20.87 21.00 36.53
C ASP C 168 21.95 21.28 35.48
N VAL C 169 21.93 22.47 34.91
CA VAL C 169 22.91 22.86 33.90
C VAL C 169 24.31 22.67 34.50
N GLY C 170 25.25 22.26 33.65
CA GLY C 170 26.62 22.07 34.12
C GLY C 170 26.91 20.75 34.80
N LYS C 171 25.88 20.00 35.19
CA LYS C 171 26.05 18.72 35.86
C LYS C 171 26.17 17.56 34.89
N ASN C 172 26.59 16.41 35.42
CA ASN C 172 26.75 15.21 34.61
C ASN C 172 25.37 14.68 34.26
N LYS C 173 25.15 14.43 32.97
CA LYS C 173 23.86 13.93 32.54
C LYS C 173 23.49 12.63 33.25
N THR C 174 24.46 11.74 33.43
CA THR C 174 24.16 10.46 34.08
C THR C 174 23.82 10.61 35.56
N GLU C 175 24.33 11.66 36.18
CA GLU C 175 24.05 11.92 37.60
C GLU C 175 22.63 12.43 37.80
N VAL C 176 22.22 13.37 36.95
CA VAL C 176 20.89 13.94 37.06
C VAL C 176 19.78 12.98 36.59
N ILE C 177 20.04 12.20 35.55
CA ILE C 177 19.03 11.26 35.09
C ILE C 177 18.85 10.20 36.16
N LYS C 178 19.97 9.70 36.69
CA LYS C 178 19.88 8.68 37.72
C LYS C 178 19.03 9.10 38.90
N ARG C 179 19.21 10.33 39.40
CA ARG C 179 18.40 10.72 40.54
C ARG C 179 16.95 11.03 40.17
N GLU C 180 16.73 11.48 38.94
CA GLU C 180 15.37 11.77 38.54
C GLU C 180 14.59 10.45 38.37
N LEU C 181 15.32 9.40 38.00
CA LEU C 181 14.73 8.08 37.82
C LEU C 181 14.42 7.44 39.16
N LEU C 182 15.33 7.59 40.12
CA LEU C 182 15.12 7.02 41.46
C LEU C 182 13.96 7.70 42.17
N LYS C 183 13.62 8.91 41.75
CA LYS C 183 12.50 9.65 42.34
C LYS C 183 11.17 9.20 41.72
N ARG C 184 11.20 8.34 40.71
CA ARG C 184 9.98 7.87 40.07
C ARG C 184 9.76 6.39 40.29
N ASN C 185 10.82 5.66 40.58
CA ASN C 185 10.73 4.25 40.85
C ASN C 185 11.95 3.88 41.69
N SER C 186 11.80 3.92 43.01
CA SER C 186 12.91 3.58 43.89
C SER C 186 13.18 2.09 43.92
N GLU C 187 12.34 1.34 43.22
CA GLU C 187 12.43 -0.13 43.16
C GLU C 187 13.38 -0.70 42.10
N ILE C 188 14.17 0.15 41.45
CA ILE C 188 15.09 -0.31 40.43
C ILE C 188 16.52 0.12 40.70
N SER C 189 17.46 -0.54 40.05
CA SER C 189 18.87 -0.21 40.25
C SER C 189 19.37 0.59 39.04
N VAL C 190 20.02 1.71 39.32
CA VAL C 190 20.56 2.56 38.27
C VAL C 190 22.06 2.75 38.48
N SER C 191 22.84 2.53 37.43
CA SER C 191 24.30 2.66 37.52
C SER C 191 24.77 3.68 36.49
N GLU C 192 25.96 4.23 36.73
CA GLU C 192 26.52 5.20 35.83
C GLU C 192 27.87 4.67 35.39
N ILE C 193 28.30 5.11 34.21
CA ILE C 193 29.60 4.77 33.65
C ILE C 193 30.04 6.03 32.90
N ALA C 194 30.98 6.78 33.47
CA ALA C 194 31.45 8.00 32.82
C ALA C 194 32.22 7.64 31.55
N LEU C 195 31.53 7.53 30.43
CA LEU C 195 32.20 7.16 29.20
C LEU C 195 31.47 7.60 27.93
N ASN C 196 32.23 8.05 26.95
CA ASN C 196 31.70 8.45 25.65
C ASN C 196 32.46 7.55 24.67
N ILE C 197 31.77 7.02 23.69
CA ILE C 197 32.46 6.15 22.76
C ILE C 197 33.20 6.98 21.72
N ASN C 198 34.52 7.06 21.84
CA ASN C 198 35.32 7.83 20.88
C ASN C 198 36.01 6.91 19.86
N ASP C 199 36.21 5.65 20.24
CA ASP C 199 36.86 4.68 19.36
C ASP C 199 36.22 3.32 19.55
N TYR C 200 36.33 2.46 18.54
CA TYR C 200 35.77 1.12 18.61
C TYR C 200 36.28 0.44 19.89
N THR C 201 37.47 0.87 20.31
CA THR C 201 38.13 0.33 21.49
C THR C 201 37.38 0.53 22.81
N ASP C 202 36.73 1.67 22.98
CA ASP C 202 35.99 1.94 24.23
C ASP C 202 34.78 1.02 24.44
N LEU C 203 34.25 0.43 23.37
CA LEU C 203 33.07 -0.42 23.46
C LEU C 203 33.11 -1.60 24.42
N HIS C 204 34.20 -2.36 24.46
CA HIS C 204 34.22 -3.50 25.36
C HIS C 204 34.03 -3.11 26.84
N LYS C 205 34.11 -1.81 27.11
CA LYS C 205 33.92 -1.28 28.47
C LYS C 205 32.43 -1.24 28.83
N VAL C 206 31.57 -1.30 27.80
CA VAL C 206 30.13 -1.30 28.02
C VAL C 206 29.74 -2.71 28.44
N PRO C 207 29.03 -2.85 29.58
CA PRO C 207 28.65 -4.18 30.02
C PRO C 207 27.63 -4.79 29.09
N GLU C 208 27.52 -6.10 29.11
CA GLU C 208 26.54 -6.72 28.27
C GLU C 208 25.22 -6.62 29.04
N ALA C 209 24.11 -6.66 28.31
CA ALA C 209 22.82 -6.55 28.95
C ALA C 209 21.79 -7.21 28.07
N ASP C 210 20.52 -7.13 28.48
CA ASP C 210 19.48 -7.73 27.68
C ASP C 210 19.42 -7.00 26.36
N ILE C 211 19.66 -5.70 26.39
CA ILE C 211 19.67 -4.90 25.18
C ILE C 211 20.36 -3.55 25.40
N TRP C 212 20.93 -3.02 24.31
CA TRP C 212 21.62 -1.72 24.31
C TRP C 212 20.75 -0.74 23.54
N VAL C 213 20.37 0.36 24.20
CA VAL C 213 19.62 1.39 23.50
C VAL C 213 20.71 2.36 23.09
N VAL C 214 20.95 2.48 21.78
CA VAL C 214 21.98 3.38 21.28
C VAL C 214 21.39 4.61 20.61
N SER C 215 21.61 5.78 21.23
CA SER C 215 21.10 7.02 20.66
C SER C 215 22.23 8.02 20.40
N ALA C 216 23.41 7.74 20.94
CA ALA C 216 24.56 8.63 20.72
C ALA C 216 24.78 8.83 19.21
N ASP C 217 25.03 10.08 18.81
CA ASP C 217 25.23 10.37 17.40
C ASP C 217 26.58 10.98 17.06
N HIS C 218 27.64 10.54 17.75
CA HIS C 218 28.99 11.07 17.53
C HIS C 218 30.06 10.05 17.92
N PRO C 219 31.03 9.77 17.02
CA PRO C 219 31.13 10.30 15.65
C PRO C 219 30.13 9.67 14.68
N PHE C 220 30.06 10.20 13.47
CA PHE C 220 29.14 9.71 12.44
C PHE C 220 29.04 8.18 12.31
N ASN C 221 30.17 7.47 12.43
CA ASN C 221 30.17 6.03 12.30
C ASN C 221 30.09 5.24 13.60
N LEU C 222 29.49 5.84 14.63
CA LEU C 222 29.38 5.14 15.91
C LEU C 222 28.58 3.88 15.67
N ILE C 223 27.36 4.05 15.17
CA ILE C 223 26.47 2.94 14.92
C ILE C 223 27.17 1.81 14.18
N ASN C 224 28.13 2.15 13.30
CA ASN C 224 28.85 1.12 12.58
C ASN C 224 29.71 0.31 13.55
N TRP C 225 30.39 1.01 14.46
CA TRP C 225 31.23 0.36 15.45
C TRP C 225 30.37 -0.51 16.34
N VAL C 226 29.28 0.05 16.82
CA VAL C 226 28.36 -0.69 17.68
C VAL C 226 27.84 -1.96 17.01
N ASN C 227 27.41 -1.84 15.75
CA ASN C 227 26.88 -3.00 15.05
C ASN C 227 27.92 -4.12 14.95
N LYS C 228 29.10 -3.77 14.46
CA LYS C 228 30.17 -4.75 14.35
C LYS C 228 30.49 -5.32 15.74
N TYR C 229 30.60 -4.45 16.74
CA TYR C 229 30.90 -4.92 18.09
C TYR C 229 29.83 -5.86 18.60
N CYS C 230 28.57 -5.48 18.44
CA CYS C 230 27.46 -6.29 18.92
C CYS C 230 27.27 -7.61 18.19
N VAL C 231 27.64 -7.66 16.92
CA VAL C 231 27.51 -8.89 16.16
C VAL C 231 28.41 -10.00 16.80
N ARG C 232 29.67 -9.69 17.05
CA ARG C 232 30.58 -10.67 17.66
C ARG C 232 30.21 -10.99 19.12
N ALA C 233 29.87 -9.95 19.87
CA ALA C 233 29.51 -10.14 21.28
C ALA C 233 28.16 -10.78 21.46
N ASN C 234 27.40 -10.95 20.38
CA ASN C 234 26.09 -11.57 20.48
C ASN C 234 25.18 -10.75 21.41
N GLN C 235 25.29 -9.43 21.34
CA GLN C 235 24.50 -8.52 22.18
C GLN C 235 23.44 -7.79 21.34
N PRO C 236 22.17 -7.89 21.73
CA PRO C 236 21.13 -7.21 20.96
C PRO C 236 21.22 -5.71 21.23
N TYR C 237 20.85 -4.91 20.24
CA TYR C 237 20.83 -3.46 20.43
C TYR C 237 19.77 -2.85 19.53
N ILE C 238 19.43 -1.61 19.82
CA ILE C 238 18.46 -0.91 19.00
C ILE C 238 18.98 0.50 18.82
N ASN C 239 18.74 1.03 17.63
CA ASN C 239 19.20 2.37 17.27
C ASN C 239 18.01 3.28 17.24
N ALA C 240 18.22 4.53 17.62
CA ALA C 240 17.17 5.52 17.59
C ALA C 240 17.82 6.89 17.62
N GLY C 241 17.15 7.84 16.95
CA GLY C 241 17.64 9.21 16.86
C GLY C 241 16.73 9.96 15.91
N TYR C 242 17.32 10.85 15.12
CA TYR C 242 16.55 11.64 14.17
C TYR C 242 17.46 12.45 13.23
N VAL C 243 16.97 12.70 12.02
CA VAL C 243 17.71 13.50 11.05
C VAL C 243 16.85 14.74 10.95
N ASN C 244 17.23 15.78 11.68
CA ASN C 244 16.46 17.03 11.67
C ASN C 244 14.98 16.79 12.01
N ASP C 245 14.09 17.01 11.05
CA ASP C 245 12.67 16.85 11.28
C ASP C 245 12.11 15.45 11.08
N ILE C 246 12.98 14.46 10.91
CA ILE C 246 12.45 13.12 10.74
C ILE C 246 12.83 12.25 11.93
N ALA C 247 11.82 11.70 12.59
CA ALA C 247 12.02 10.82 13.74
C ALA C 247 12.45 9.46 13.26
N VAL C 248 13.54 8.97 13.81
CA VAL C 248 14.06 7.66 13.41
C VAL C 248 14.29 6.67 14.56
N PHE C 249 13.89 5.42 14.33
CA PHE C 249 14.15 4.36 15.30
C PHE C 249 14.35 3.01 14.57
N GLY C 250 15.15 2.14 15.16
CA GLY C 250 15.43 0.89 14.51
C GLY C 250 16.73 1.04 13.76
N PRO C 251 17.34 -0.07 13.30
CA PRO C 251 16.82 -1.42 13.48
C PRO C 251 16.99 -1.93 14.88
N LEU C 252 16.30 -3.01 15.20
CA LEU C 252 16.42 -3.67 16.49
C LEU C 252 17.18 -4.91 16.09
N TYR C 253 18.48 -4.92 16.35
CA TYR C 253 19.34 -6.05 16.01
C TYR C 253 19.16 -7.15 17.04
N VAL C 254 18.78 -8.33 16.57
CA VAL C 254 18.58 -9.50 17.44
C VAL C 254 19.47 -10.62 16.92
N PRO C 255 20.56 -10.94 17.65
CA PRO C 255 21.54 -11.98 17.30
C PRO C 255 20.97 -13.28 16.70
N GLY C 256 21.38 -13.57 15.46
CA GLY C 256 20.95 -14.77 14.75
C GLY C 256 19.56 -14.72 14.15
N LYS C 257 18.75 -13.76 14.57
CA LYS C 257 17.38 -13.66 14.08
C LYS C 257 17.06 -12.58 13.05
N THR C 258 17.77 -11.46 13.09
CA THR C 258 17.49 -10.38 12.16
C THR C 258 18.66 -10.01 11.30
N GLY C 259 18.47 -8.97 10.50
CA GLY C 259 19.55 -8.51 9.69
C GLY C 259 20.27 -7.55 10.61
N CYS C 260 21.48 -7.14 10.22
CA CYS C 260 22.21 -6.21 11.06
C CYS C 260 22.25 -4.90 10.29
N TYR C 261 22.72 -3.85 10.95
CA TYR C 261 22.77 -2.53 10.34
C TYR C 261 23.47 -2.50 8.99
N GLU C 262 24.48 -3.37 8.83
CA GLU C 262 25.26 -3.40 7.60
C GLU C 262 24.75 -4.38 6.53
N CYS C 263 23.76 -5.22 6.85
CA CYS C 263 23.22 -6.17 5.86
C CYS C 263 22.78 -5.47 4.55
N GLN C 264 22.36 -4.22 4.63
CA GLN C 264 21.96 -3.49 3.43
C GLN C 264 22.71 -2.15 3.32
N ASP C 269 28.51 2.08 0.60
CA ASP C 269 28.69 3.46 1.05
C ASP C 269 29.67 4.26 0.20
N LEU C 270 29.79 5.54 0.55
CA LEU C 270 30.66 6.50 -0.11
C LEU C 270 30.68 7.74 0.78
N TYR C 271 31.83 8.42 0.88
CA TYR C 271 31.92 9.59 1.74
C TYR C 271 33.18 10.40 1.41
N GLY C 272 33.00 11.65 0.98
CA GLY C 272 34.14 12.49 0.65
C GLY C 272 34.04 13.19 -0.69
N SER C 273 35.16 13.24 -1.41
CA SER C 273 35.19 13.88 -2.72
C SER C 273 36.45 13.48 -3.49
N GLU C 274 36.28 13.21 -4.78
CA GLU C 274 37.39 12.82 -5.64
C GLU C 274 38.40 13.97 -5.63
N LYS C 275 37.98 15.12 -6.15
CA LYS C 275 38.83 16.30 -6.18
C LYS C 275 38.96 16.81 -4.75
N GLU C 276 40.18 16.94 -4.27
CA GLU C 276 40.40 17.40 -2.91
C GLU C 276 40.06 18.88 -2.72
N ASN C 277 40.04 19.63 -3.81
CA ASN C 277 39.70 21.04 -3.73
C ASN C 277 38.24 21.12 -3.27
N ILE C 278 37.51 20.03 -3.49
CA ILE C 278 36.10 19.95 -3.13
C ILE C 278 35.96 19.24 -1.78
N ASP C 279 36.85 18.30 -1.52
CA ASP C 279 36.81 17.53 -0.27
C ASP C 279 36.99 18.39 0.98
N HIS C 280 37.99 19.28 1.00
CA HIS C 280 38.21 20.10 2.17
C HIS C 280 36.96 20.93 2.49
N LYS C 281 36.27 21.39 1.44
CA LYS C 281 35.08 22.21 1.61
C LYS C 281 33.92 21.47 2.27
N ILE C 282 33.79 20.19 1.97
CA ILE C 282 32.73 19.35 2.53
C ILE C 282 32.92 19.07 4.03
N LYS C 283 34.14 18.71 4.42
CA LYS C 283 34.45 18.41 5.82
C LYS C 283 34.22 19.63 6.70
N LEU C 284 34.48 20.82 6.16
CA LEU C 284 34.28 22.02 6.93
C LEU C 284 32.79 22.21 7.14
N ILE C 285 32.04 22.18 6.04
CA ILE C 285 30.59 22.34 6.13
C ILE C 285 30.00 21.32 7.10
N ASN C 286 30.47 20.08 6.98
CA ASN C 286 29.97 19.02 7.86
C ASN C 286 30.45 19.14 9.32
N SER C 287 31.50 19.94 9.56
CA SER C 287 32.01 20.10 10.92
C SER C 287 31.20 21.17 11.64
N ARG C 288 30.65 22.12 10.88
CA ARG C 288 29.82 23.15 11.49
C ARG C 288 28.38 22.65 11.65
N PHE C 289 28.12 21.42 11.23
CA PHE C 289 26.79 20.87 11.32
C PHE C 289 26.24 20.82 12.74
N LYS C 290 24.94 21.06 12.86
CA LYS C 290 24.27 21.02 14.15
C LYS C 290 22.87 20.62 13.75
N PRO C 291 22.33 19.56 14.35
CA PRO C 291 20.98 19.11 14.00
C PRO C 291 19.88 20.05 14.45
N ALA C 292 18.83 20.17 13.63
CA ALA C 292 17.69 21.03 13.95
C ALA C 292 16.75 20.34 14.95
N THR C 293 17.17 20.28 16.21
CA THR C 293 16.36 19.64 17.25
C THR C 293 14.93 20.15 17.28
N PHE C 294 14.04 19.34 17.81
CA PHE C 294 12.64 19.71 17.93
C PHE C 294 12.02 18.69 18.87
N ALA C 295 11.70 19.12 20.09
CA ALA C 295 11.15 18.22 21.09
C ALA C 295 10.20 17.19 20.52
N PRO C 296 9.24 17.62 19.71
CA PRO C 296 8.32 16.64 19.15
C PRO C 296 8.97 15.50 18.37
N VAL C 297 9.97 15.79 17.54
CA VAL C 297 10.61 14.72 16.77
C VAL C 297 11.41 13.77 17.67
N ASN C 298 12.08 14.34 18.67
CA ASN C 298 12.87 13.58 19.64
C ASN C 298 12.00 12.61 20.43
N ASN C 299 10.85 13.05 20.90
CA ASN C 299 9.99 12.19 21.68
C ASN C 299 9.38 11.03 20.90
N VAL C 300 8.90 11.32 19.70
CA VAL C 300 8.29 10.27 18.90
C VAL C 300 9.31 9.18 18.71
N ALA C 301 10.53 9.59 18.40
CA ALA C 301 11.63 8.65 18.20
C ALA C 301 11.82 7.84 19.47
N ALA C 302 12.07 8.52 20.57
CA ALA C 302 12.30 7.87 21.85
C ALA C 302 11.11 7.04 22.30
N ALA C 303 9.89 7.53 22.10
CA ALA C 303 8.73 6.77 22.54
C ALA C 303 8.65 5.43 21.81
N LEU C 304 8.81 5.44 20.49
CA LEU C 304 8.74 4.20 19.75
C LEU C 304 9.90 3.28 20.11
N CYS C 305 11.11 3.84 20.17
CA CYS C 305 12.27 3.05 20.55
C CYS C 305 11.99 2.32 21.85
N ALA C 306 11.44 3.02 22.83
CA ALA C 306 11.14 2.42 24.12
C ALA C 306 10.07 1.32 23.98
N ALA C 307 9.09 1.55 23.11
CA ALA C 307 8.02 0.58 22.88
C ALA C 307 8.67 -0.73 22.45
N ASP C 308 9.50 -0.68 21.41
CA ASP C 308 10.17 -1.89 20.94
C ASP C 308 11.05 -2.53 22.02
N VAL C 309 11.61 -1.74 22.94
CA VAL C 309 12.43 -2.34 24.00
C VAL C 309 11.50 -3.11 24.95
N ILE C 310 10.45 -2.45 25.43
CA ILE C 310 9.50 -3.11 26.32
C ILE C 310 8.99 -4.42 25.70
N LYS C 311 8.76 -4.41 24.39
CA LYS C 311 8.27 -5.61 23.69
C LYS C 311 9.34 -6.70 23.58
N PHE C 312 10.57 -6.32 23.25
CA PHE C 312 11.64 -7.30 23.12
C PHE C 312 11.87 -8.03 24.43
N ILE C 313 11.96 -7.30 25.53
CA ILE C 313 12.15 -7.93 26.84
C ILE C 313 10.88 -8.74 27.13
N GLY C 314 9.75 -8.05 27.04
CA GLY C 314 8.45 -8.64 27.32
C GLY C 314 8.05 -9.89 26.55
N LYS C 315 8.46 -9.97 25.29
CA LYS C 315 8.14 -11.14 24.46
C LYS C 315 6.65 -11.29 24.15
N TYR C 316 5.85 -10.27 24.46
CA TYR C 316 4.41 -10.35 24.22
C TYR C 316 3.93 -9.79 22.87
N SER C 317 4.84 -9.25 22.08
CA SER C 317 4.46 -8.71 20.77
C SER C 317 5.72 -8.41 19.98
N GLU C 318 5.68 -8.70 18.70
CA GLU C 318 6.84 -8.48 17.85
C GLU C 318 7.18 -7.01 17.76
N PRO C 319 8.43 -6.63 18.07
CA PRO C 319 8.80 -5.22 18.00
C PRO C 319 8.58 -4.76 16.57
N LEU C 320 8.36 -3.47 16.40
CA LEU C 320 8.12 -2.91 15.09
C LEU C 320 9.38 -2.79 14.26
N SER C 321 10.50 -2.47 14.92
CA SER C 321 11.76 -2.23 14.23
C SER C 321 12.66 -3.42 13.88
N LEU C 322 12.14 -4.62 14.06
CA LEU C 322 12.90 -5.82 13.70
C LEU C 322 13.15 -5.73 12.18
N ASN C 323 14.40 -5.85 11.75
CA ASN C 323 14.76 -5.82 10.33
C ASN C 323 14.41 -4.55 9.57
N LYS C 324 14.14 -3.47 10.30
CA LYS C 324 13.78 -2.23 9.64
C LYS C 324 14.27 -0.97 10.35
N ARG C 325 14.58 0.06 9.57
CA ARG C 325 14.97 1.35 10.11
C ARG C 325 13.78 2.19 9.71
N ILE C 326 13.01 2.63 10.70
CA ILE C 326 11.80 3.40 10.46
C ILE C 326 11.91 4.89 10.69
N GLY C 327 11.36 5.65 9.75
CA GLY C 327 11.37 7.08 9.84
C GLY C 327 9.96 7.60 9.90
N ILE C 328 9.73 8.64 10.70
CA ILE C 328 8.42 9.24 10.80
C ILE C 328 8.60 10.73 10.54
N TRP C 329 7.91 11.24 9.53
CA TRP C 329 7.99 12.66 9.17
C TRP C 329 7.10 13.47 10.10
N SER C 330 7.47 14.74 10.29
CA SER C 330 6.73 15.69 11.13
C SER C 330 6.24 16.87 10.30
N ASP C 331 6.67 16.94 9.05
CA ASP C 331 6.28 18.01 8.12
C ASP C 331 5.22 17.49 7.14
N GLU C 332 4.94 16.19 7.22
CA GLU C 332 3.95 15.51 6.37
C GLU C 332 3.42 14.29 7.12
N ILE C 333 2.28 13.78 6.68
CA ILE C 333 1.68 12.58 7.26
C ILE C 333 2.32 11.40 6.54
N LYS C 334 3.40 10.87 7.11
CA LYS C 334 4.12 9.76 6.48
C LYS C 334 5.09 8.97 7.37
N ILE C 335 5.07 7.65 7.20
CA ILE C 335 5.95 6.73 7.91
C ILE C 335 6.56 5.91 6.78
N HIS C 336 7.88 5.77 6.79
CA HIS C 336 8.59 5.04 5.77
C HIS C 336 9.63 4.14 6.44
N SER C 337 9.95 3.00 5.83
CA SER C 337 10.94 2.12 6.44
C SER C 337 11.92 1.52 5.44
N GLN C 338 13.20 1.61 5.77
CA GLN C 338 14.24 1.05 4.93
C GLN C 338 14.39 -0.39 5.37
N ASN C 339 14.52 -1.29 4.41
CA ASN C 339 14.66 -2.71 4.72
C ASN C 339 16.05 -3.06 5.17
N MET C 340 16.13 -3.86 6.23
CA MET C 340 17.41 -4.33 6.77
C MET C 340 17.31 -5.82 7.12
N GLY C 341 16.68 -6.59 6.23
CA GLY C 341 16.54 -8.02 6.48
C GLY C 341 17.92 -8.65 6.43
N ARG C 342 18.04 -9.87 6.92
CA ARG C 342 19.35 -10.51 6.91
C ARG C 342 19.74 -10.81 5.48
N SER C 343 21.04 -10.65 5.21
CA SER C 343 21.62 -10.92 3.90
C SER C 343 22.78 -11.91 4.07
N PRO C 344 22.82 -12.95 3.22
CA PRO C 344 23.89 -13.94 3.34
C PRO C 344 25.28 -13.42 2.96
N VAL C 345 25.33 -12.38 2.14
CA VAL C 345 26.61 -11.78 1.71
C VAL C 345 27.00 -10.52 2.49
N CYS C 346 26.58 -10.45 3.76
CA CYS C 346 26.91 -9.29 4.58
C CYS C 346 28.35 -9.34 5.03
N SER C 347 29.01 -8.20 5.01
CA SER C 347 30.41 -8.11 5.42
C SER C 347 30.64 -8.08 6.93
N VAL C 348 29.58 -8.27 7.72
CA VAL C 348 29.74 -8.26 9.18
C VAL C 348 29.14 -9.48 9.87
N CYS C 349 27.88 -9.80 9.58
CA CYS C 349 27.23 -10.94 10.23
C CYS C 349 27.09 -12.20 9.38
N GLY C 350 27.65 -12.15 8.17
CA GLY C 350 27.59 -13.30 7.28
C GLY C 350 28.01 -14.56 8.03
N ASN C 351 29.13 -14.48 8.75
CA ASN C 351 29.62 -15.62 9.51
C ASN C 351 29.62 -16.91 8.67
N MET D 4 22.36 43.28 2.19
CA MET D 4 21.85 42.13 2.99
C MET D 4 22.70 40.88 2.75
N ASP D 5 23.11 40.26 3.86
CA ASP D 5 23.94 39.06 3.83
C ASP D 5 23.09 37.78 3.84
N TYR D 6 23.73 36.68 3.48
CA TYR D 6 23.08 35.37 3.48
C TYR D 6 24.03 34.44 4.23
N ILE D 7 23.47 33.55 5.06
CA ILE D 7 24.28 32.62 5.82
C ILE D 7 23.84 31.21 5.50
N LEU D 8 24.78 30.27 5.59
CA LEU D 8 24.50 28.87 5.35
C LEU D 8 23.96 28.40 6.68
N GLY D 9 22.87 27.66 6.66
CA GLY D 9 22.29 27.16 7.89
C GLY D 9 23.17 26.07 8.50
N ARG D 10 23.23 26.03 9.83
CA ARG D 10 24.04 25.03 10.54
C ARG D 10 23.47 23.63 10.33
N TYR D 11 22.22 23.55 9.88
CA TYR D 11 21.56 22.25 9.65
C TYR D 11 21.70 21.65 8.25
N VAL D 12 22.65 22.12 7.46
CA VAL D 12 22.82 21.57 6.12
C VAL D 12 23.96 20.57 5.98
N LYS D 13 23.62 19.29 5.95
CA LYS D 13 24.63 18.25 5.79
C LYS D 13 24.92 18.05 4.31
N ILE D 14 26.03 17.36 4.05
CA ILE D 14 26.45 17.07 2.69
C ILE D 14 27.04 15.67 2.65
N ALA D 15 26.50 14.83 1.77
CA ALA D 15 26.97 13.45 1.63
C ALA D 15 27.05 13.02 0.18
N ARG D 16 28.22 12.51 -0.22
CA ARG D 16 28.41 12.02 -1.58
C ARG D 16 27.51 10.79 -1.70
N TYR D 17 26.68 10.75 -2.74
CA TYR D 17 25.76 9.65 -2.91
C TYR D 17 25.43 9.42 -4.38
N GLY D 18 25.42 8.15 -4.78
CA GLY D 18 25.10 7.79 -6.16
C GLY D 18 25.99 8.42 -7.20
N SER D 19 25.38 9.18 -8.10
CA SER D 19 26.07 9.87 -9.21
C SER D 19 26.41 11.33 -8.88
N GLY D 20 25.97 11.76 -7.70
CA GLY D 20 26.23 13.12 -7.23
C GLY D 20 26.27 13.13 -5.71
N GLY D 21 25.53 14.05 -5.09
CA GLY D 21 25.53 14.09 -3.65
C GLY D 21 24.22 14.54 -3.05
N LEU D 22 24.14 14.45 -1.72
CA LEU D 22 22.95 14.85 -0.99
C LEU D 22 23.21 16.21 -0.34
N VAL D 23 22.18 17.05 -0.28
CA VAL D 23 22.30 18.37 0.33
C VAL D 23 21.19 18.58 1.35
N GLY D 24 21.56 18.58 2.62
CA GLY D 24 20.57 18.77 3.68
C GLY D 24 20.08 17.46 4.27
N GLY D 25 19.48 17.53 5.46
CA GLY D 25 18.97 16.34 6.10
C GLY D 25 17.50 16.51 6.40
N GLY D 26 16.81 15.40 6.68
CA GLY D 26 15.40 15.48 6.98
C GLY D 26 14.54 15.46 5.74
N GLY D 27 13.36 16.06 5.83
CA GLY D 27 12.45 16.08 4.69
C GLY D 27 12.86 16.92 3.49
N LYS D 28 13.73 17.91 3.69
CA LYS D 28 14.16 18.76 2.58
C LYS D 28 15.45 18.24 1.94
N GLU D 29 15.77 16.98 2.23
CA GLU D 29 16.96 16.37 1.69
C GLU D 29 16.88 16.27 0.18
N GLN D 30 17.80 16.97 -0.50
CA GLN D 30 17.85 16.97 -1.95
C GLN D 30 18.93 16.03 -2.44
N TYR D 31 18.70 15.42 -3.59
CA TYR D 31 19.67 14.49 -4.18
C TYR D 31 20.06 14.91 -5.60
N VAL D 32 21.02 15.83 -5.70
CA VAL D 32 21.50 16.32 -7.00
C VAL D 32 22.24 15.17 -7.70
N GLU D 33 21.64 14.60 -8.74
CA GLU D 33 22.26 13.49 -9.47
C GLU D 33 23.43 13.90 -10.39
N ASN D 34 23.57 15.21 -10.64
CA ASN D 34 24.64 15.72 -11.51
C ASN D 34 25.88 16.11 -10.70
N LEU D 35 26.99 15.41 -10.91
CA LEU D 35 28.22 15.69 -10.17
C LEU D 35 28.76 17.13 -10.21
N VAL D 36 28.83 17.73 -11.38
CA VAL D 36 29.34 19.10 -11.51
C VAL D 36 28.43 20.16 -10.88
N LEU D 37 27.13 19.88 -10.84
CA LEU D 37 26.14 20.79 -10.25
C LEU D 37 26.36 20.73 -8.74
N TRP D 38 26.45 19.50 -8.24
CA TRP D 38 26.66 19.22 -6.82
C TRP D 38 27.89 19.95 -6.29
N GLU D 39 29.02 19.76 -6.97
CA GLU D 39 30.27 20.40 -6.57
C GLU D 39 30.14 21.92 -6.54
N ASN D 40 29.50 22.49 -7.56
CA ASN D 40 29.35 23.93 -7.61
C ASN D 40 28.42 24.43 -6.49
N ILE D 41 27.66 23.51 -5.91
CA ILE D 41 26.78 23.86 -4.82
C ILE D 41 27.64 23.88 -3.56
N ILE D 42 28.51 22.88 -3.43
CA ILE D 42 29.40 22.84 -2.28
C ILE D 42 30.23 24.13 -2.36
N LYS D 43 30.71 24.44 -3.56
CA LYS D 43 31.55 25.61 -3.77
C LYS D 43 30.84 26.91 -3.40
N THR D 44 29.53 26.99 -3.65
CA THR D 44 28.81 28.21 -3.31
C THR D 44 28.50 28.27 -1.82
N ALA D 45 27.95 27.19 -1.27
CA ALA D 45 27.61 27.14 0.14
C ALA D 45 28.77 27.53 1.05
N TYR D 46 29.98 27.19 0.63
CA TYR D 46 31.20 27.46 1.37
C TYR D 46 31.38 28.96 1.56
N CYS D 47 31.00 29.72 0.53
CA CYS D 47 31.10 31.16 0.55
C CYS D 47 30.16 31.78 1.56
N PHE D 48 29.23 30.96 2.04
CA PHE D 48 28.24 31.45 2.98
C PHE D 48 28.38 30.95 4.41
N ILE D 49 29.37 30.11 4.70
CA ILE D 49 29.53 29.61 6.07
C ILE D 49 29.52 30.82 7.02
N THR D 50 30.17 31.89 6.60
CA THR D 50 30.15 33.13 7.37
C THR D 50 29.27 34.05 6.51
N PRO D 51 28.45 34.91 7.16
CA PRO D 51 27.58 35.82 6.40
C PRO D 51 28.28 36.45 5.21
N SER D 52 27.57 36.52 4.09
CA SER D 52 28.09 37.09 2.86
C SER D 52 26.97 37.43 1.89
N SER D 53 27.04 38.63 1.32
CA SER D 53 26.03 39.07 0.36
C SER D 53 26.22 38.31 -0.94
N TYR D 54 25.26 38.46 -1.86
CA TYR D 54 25.33 37.76 -3.13
C TYR D 54 26.62 38.04 -3.90
N THR D 55 26.76 39.27 -4.37
CA THR D 55 27.94 39.71 -5.14
C THR D 55 29.27 39.35 -4.46
N ALA D 56 29.47 39.88 -3.25
CA ALA D 56 30.68 39.63 -2.48
C ALA D 56 31.09 38.17 -2.53
N ALA D 57 30.10 37.29 -2.60
CA ALA D 57 30.35 35.85 -2.64
C ALA D 57 30.63 35.36 -4.06
N LEU D 58 29.93 35.96 -5.02
CA LEU D 58 30.09 35.61 -6.43
C LEU D 58 31.57 35.62 -6.80
N GLU D 59 32.27 36.67 -6.39
CA GLU D 59 33.69 36.81 -6.67
C GLU D 59 34.49 35.73 -5.93
N THR D 60 34.13 35.53 -4.66
CA THR D 60 34.79 34.55 -3.79
C THR D 60 34.78 33.11 -4.31
N ALA D 61 33.81 32.80 -5.17
CA ALA D 61 33.72 31.47 -5.76
C ALA D 61 34.19 31.63 -7.21
N ASN D 62 35.25 30.95 -7.59
CA ASN D 62 35.75 31.06 -8.95
C ASN D 62 34.98 30.23 -9.96
N ILE D 63 33.65 30.33 -9.90
CA ILE D 63 32.77 29.60 -10.82
C ILE D 63 31.96 30.60 -11.65
N PRO D 64 31.62 30.23 -12.89
CA PRO D 64 30.84 31.07 -13.81
C PRO D 64 29.63 31.76 -13.16
N GLU D 65 29.40 33.00 -13.54
CA GLU D 65 28.29 33.79 -13.01
C GLU D 65 26.91 33.19 -13.30
N LYS D 66 26.80 32.43 -14.39
CA LYS D 66 25.52 31.82 -14.76
C LYS D 66 25.23 30.61 -13.88
N ASP D 67 26.26 29.79 -13.65
CA ASP D 67 26.12 28.59 -12.83
C ASP D 67 25.96 28.92 -11.33
N PHE D 68 26.53 30.05 -10.91
CA PHE D 68 26.46 30.50 -9.52
C PHE D 68 25.01 30.78 -9.17
N SER D 69 24.34 31.51 -10.06
CA SER D 69 22.94 31.88 -9.90
C SER D 69 22.11 30.64 -9.54
N ASN D 70 22.27 29.58 -10.34
CA ASN D 70 21.55 28.34 -10.12
C ASN D 70 21.78 27.78 -8.72
N CYS D 71 23.04 27.73 -8.30
CA CYS D 71 23.42 27.20 -6.99
C CYS D 71 22.91 28.06 -5.84
N PHE D 72 22.88 29.36 -6.04
CA PHE D 72 22.42 30.27 -5.01
C PHE D 72 20.90 30.12 -4.88
N ARG D 73 20.19 30.21 -6.00
CA ARG D 73 18.74 30.10 -6.01
C ARG D 73 18.33 28.75 -5.41
N PHE D 74 19.09 27.71 -5.71
CA PHE D 74 18.81 26.37 -5.19
C PHE D 74 18.89 26.33 -3.65
N LEU D 75 20.00 26.85 -3.13
CA LEU D 75 20.25 26.86 -1.69
C LEU D 75 19.31 27.80 -0.97
N LYS D 76 18.73 28.75 -1.71
CA LYS D 76 17.80 29.72 -1.13
C LYS D 76 16.38 29.13 -1.10
N GLU D 77 16.02 28.46 -2.20
CA GLU D 77 14.71 27.84 -2.35
C GLU D 77 14.45 26.85 -1.24
N ASN D 78 15.38 25.94 -1.02
CA ASN D 78 15.24 24.92 0.00
C ASN D 78 15.60 25.40 1.40
N PHE D 79 15.98 26.67 1.50
CA PHE D 79 16.34 27.27 2.77
C PHE D 79 17.66 26.76 3.35
N PHE D 80 18.53 26.27 2.47
CA PHE D 80 19.82 25.78 2.90
C PHE D 80 20.66 27.00 3.27
N ILE D 81 20.34 28.14 2.68
CA ILE D 81 21.01 29.39 3.01
C ILE D 81 19.90 30.38 3.33
N ILE D 82 20.10 31.17 4.38
CA ILE D 82 19.07 32.09 4.78
C ILE D 82 19.61 33.50 5.01
N PRO D 83 18.70 34.48 5.06
CA PRO D 83 19.05 35.89 5.29
C PRO D 83 19.87 36.07 6.58
N GLY D 84 21.01 36.74 6.46
CA GLY D 84 21.86 36.94 7.63
C GLY D 84 21.15 37.31 8.90
N GLU D 85 20.17 38.21 8.81
CA GLU D 85 19.42 38.67 9.97
C GLU D 85 18.80 37.55 10.79
N TYR D 86 18.36 36.49 10.12
CA TYR D 86 17.74 35.35 10.82
C TYR D 86 18.74 34.60 11.72
N ASN D 87 19.94 35.14 11.87
CA ASN D 87 20.98 34.51 12.67
C ASN D 87 21.17 35.14 14.05
N ASN D 88 21.54 34.31 15.02
CA ASN D 88 21.75 34.76 16.41
C ASN D 88 23.11 34.29 16.96
N ASN D 92 24.81 33.66 24.05
CA ASN D 92 24.08 32.58 24.71
C ASN D 92 22.59 32.66 24.40
N ASN D 93 21.93 31.50 24.33
CA ASN D 93 20.50 31.44 24.03
C ASN D 93 19.95 30.05 24.37
N ARG D 94 18.76 30.01 24.97
CA ARG D 94 18.16 28.73 25.35
C ARG D 94 17.33 28.09 24.22
N TYR D 95 16.87 28.90 23.28
CA TYR D 95 16.10 28.38 22.14
C TYR D 95 17.00 28.34 20.92
N SER D 96 18.31 28.27 21.16
CA SER D 96 19.30 28.22 20.10
C SER D 96 19.01 27.16 19.05
N ARG D 97 18.94 25.90 19.49
CA ARG D 97 18.68 24.77 18.61
C ARG D 97 17.28 24.85 18.01
N ASN D 98 16.33 25.37 18.77
CA ASN D 98 14.97 25.52 18.24
C ASN D 98 15.03 26.50 17.08
N PHE D 99 15.88 27.51 17.22
CA PHE D 99 16.03 28.49 16.18
C PHE D 99 16.39 27.81 14.86
N LEU D 100 17.21 26.77 14.94
CA LEU D 100 17.61 26.05 13.74
C LEU D 100 16.41 25.37 13.10
N HIS D 101 15.47 24.90 13.92
CA HIS D 101 14.29 24.28 13.38
C HIS D 101 13.51 25.28 12.54
N TYR D 102 13.25 26.47 13.08
CA TYR D 102 12.49 27.50 12.36
C TYR D 102 13.23 28.03 11.13
N GLN D 103 14.54 28.16 11.22
CA GLN D 103 15.32 28.65 10.08
C GLN D 103 15.15 27.72 8.89
N SER D 104 15.15 26.41 9.16
CA SER D 104 15.05 25.40 8.12
C SER D 104 13.73 25.42 7.40
N TYR D 105 12.71 25.97 8.04
CA TYR D 105 11.41 26.04 7.40
C TYR D 105 11.22 27.39 6.70
N GLY D 106 12.27 28.19 6.67
CA GLY D 106 12.21 29.48 6.02
C GLY D 106 11.67 30.60 6.88
N ALA D 107 11.61 30.38 8.19
CA ALA D 107 11.08 31.41 9.07
C ALA D 107 12.17 32.22 9.75
N ASN D 108 11.78 33.33 10.36
CA ASN D 108 12.66 34.21 11.10
C ASN D 108 12.56 33.70 12.54
N PRO D 109 13.58 32.96 13.03
CA PRO D 109 13.52 32.45 14.39
C PRO D 109 13.05 33.44 15.45
N VAL D 110 13.53 34.68 15.41
CA VAL D 110 13.10 35.67 16.41
C VAL D 110 11.59 35.96 16.35
N LEU D 111 11.06 36.22 15.16
CA LEU D 111 9.65 36.53 15.03
C LEU D 111 8.78 35.38 15.48
N VAL D 112 9.20 34.15 15.16
CA VAL D 112 8.46 32.97 15.57
C VAL D 112 8.55 32.81 17.07
N GLN D 113 9.67 33.21 17.64
CA GLN D 113 9.86 33.08 19.06
C GLN D 113 9.05 34.10 19.85
N ASP D 114 8.70 35.22 19.22
CA ASP D 114 7.92 36.25 19.90
C ASP D 114 6.46 35.86 19.94
N LYS D 115 5.98 35.20 18.88
CA LYS D 115 4.59 34.76 18.83
C LYS D 115 4.37 33.70 19.90
N LEU D 116 5.42 32.94 20.20
CA LEU D 116 5.35 31.91 21.23
C LEU D 116 5.39 32.58 22.60
N LYS D 117 6.21 33.62 22.74
CA LYS D 117 6.33 34.33 24.01
C LYS D 117 5.05 35.10 24.36
N ASN D 118 4.28 35.51 23.35
CA ASN D 118 3.05 36.25 23.58
C ASN D 118 1.77 35.44 23.35
N ALA D 119 1.82 34.14 23.54
CA ALA D 119 0.62 33.33 23.32
C ALA D 119 0.21 32.69 24.61
N LYS D 120 -1.03 32.21 24.66
CA LYS D 120 -1.54 31.59 25.85
C LYS D 120 -2.19 30.27 25.47
N VAL D 121 -1.79 29.19 26.11
CA VAL D 121 -2.37 27.89 25.75
C VAL D 121 -3.04 27.25 26.95
N VAL D 122 -4.20 26.64 26.71
CA VAL D 122 -4.97 25.98 27.74
C VAL D 122 -4.81 24.46 27.67
N ILE D 123 -4.53 23.84 28.82
CA ILE D 123 -4.38 22.39 28.87
C ILE D 123 -5.59 21.82 29.59
N LEU D 124 -6.60 21.38 28.84
CA LEU D 124 -7.79 20.80 29.45
C LEU D 124 -7.55 19.32 29.73
N GLY D 125 -7.09 19.05 30.95
CA GLY D 125 -6.82 17.68 31.34
C GLY D 125 -5.33 17.52 31.55
N CYS D 126 -4.92 17.24 32.79
CA CYS D 126 -3.50 17.05 33.06
C CYS D 126 -3.17 15.60 33.28
N GLY D 127 -3.77 14.76 32.44
CA GLY D 127 -3.53 13.33 32.49
C GLY D 127 -2.26 13.04 31.71
N GLY D 128 -2.27 11.97 30.91
CA GLY D 128 -1.08 11.64 30.15
C GLY D 128 -0.66 12.68 29.13
N ILE D 129 -1.53 12.97 28.18
CA ILE D 129 -1.25 13.93 27.14
C ILE D 129 -0.92 15.30 27.70
N GLY D 130 -1.87 15.88 28.44
CA GLY D 130 -1.66 17.19 29.04
C GLY D 130 -0.29 17.34 29.68
N ASN D 131 0.17 16.32 30.39
CA ASN D 131 1.49 16.37 31.02
C ASN D 131 2.56 16.59 29.95
N HIS D 132 2.63 15.70 28.97
CA HIS D 132 3.64 15.82 27.93
C HIS D 132 3.46 17.03 27.04
N VAL D 133 2.23 17.42 26.73
CA VAL D 133 2.07 18.58 25.87
C VAL D 133 2.65 19.82 26.55
N SER D 134 2.29 20.03 27.82
CA SER D 134 2.74 21.20 28.56
C SER D 134 4.24 21.30 28.73
N VAL D 135 4.93 20.16 28.82
CA VAL D 135 6.38 20.20 28.97
C VAL D 135 7.03 20.69 27.69
N ILE D 136 6.49 20.29 26.55
CA ILE D 136 7.06 20.71 25.28
C ILE D 136 6.70 22.17 25.00
N LEU D 137 5.51 22.58 25.40
CA LEU D 137 5.12 23.98 25.20
C LEU D 137 5.97 24.90 26.08
N ALA D 138 6.01 24.61 27.37
CA ALA D 138 6.78 25.42 28.32
C ALA D 138 8.24 25.47 27.90
N THR D 139 8.76 24.31 27.51
CA THR D 139 10.12 24.20 27.09
C THR D 139 10.34 25.00 25.79
N SER D 140 9.34 24.99 24.91
CA SER D 140 9.42 25.70 23.64
C SER D 140 9.33 27.22 23.81
N GLY D 141 9.02 27.66 25.02
CA GLY D 141 8.93 29.09 25.28
C GLY D 141 7.55 29.73 25.23
N ILE D 142 6.49 28.93 25.15
CA ILE D 142 5.13 29.48 25.11
C ILE D 142 4.90 30.32 26.35
N GLY D 143 4.58 31.59 26.14
CA GLY D 143 4.36 32.53 27.23
C GLY D 143 3.58 32.12 28.47
N GLU D 144 2.29 31.85 28.32
CA GLU D 144 1.47 31.45 29.47
C GLU D 144 0.76 30.13 29.27
N ILE D 145 0.51 29.41 30.37
CA ILE D 145 -0.18 28.13 30.30
C ILE D 145 -1.17 27.97 31.45
N ILE D 146 -2.42 27.66 31.11
CA ILE D 146 -3.44 27.44 32.13
C ILE D 146 -3.73 25.95 32.26
N LEU D 147 -3.30 25.36 33.37
CA LEU D 147 -3.52 23.93 33.63
C LEU D 147 -4.90 23.68 34.24
N ILE D 148 -5.80 23.06 33.47
CA ILE D 148 -7.14 22.82 33.97
C ILE D 148 -7.42 21.36 34.27
N ASP D 149 -7.37 21.00 35.55
CA ASP D 149 -7.64 19.63 35.98
C ASP D 149 -7.91 19.67 37.48
N ASN D 150 -8.79 18.80 37.95
CA ASN D 150 -9.10 18.78 39.36
C ASN D 150 -8.94 17.39 39.97
N ASP D 151 -7.81 16.75 39.70
CA ASP D 151 -7.55 15.41 40.23
C ASP D 151 -6.24 15.31 40.99
N GLN D 152 -6.09 14.21 41.73
CA GLN D 152 -4.88 13.96 42.49
C GLN D 152 -3.97 12.97 41.78
N ILE D 153 -2.71 12.96 42.19
CA ILE D 153 -1.74 12.07 41.61
C ILE D 153 -1.81 10.77 42.39
N GLU D 154 -1.63 9.66 41.70
CA GLU D 154 -1.70 8.37 42.35
C GLU D 154 -0.58 7.48 41.83
N ASN D 155 -0.50 6.26 42.36
CA ASN D 155 0.53 5.33 41.94
C ASN D 155 0.37 4.93 40.47
N THR D 156 -0.86 4.79 40.01
CA THR D 156 -1.13 4.38 38.63
C THR D 156 -0.80 5.43 37.58
N ASN D 157 -0.57 6.66 38.02
CA ASN D 157 -0.26 7.76 37.11
C ASN D 157 1.22 7.81 36.73
N LEU D 158 2.07 7.30 37.62
CA LEU D 158 3.51 7.30 37.43
C LEU D 158 4.02 6.49 36.23
N THR D 159 3.12 5.97 35.42
CA THR D 159 3.54 5.16 34.30
C THR D 159 3.52 5.93 32.97
N ARG D 160 2.91 7.11 32.97
CA ARG D 160 2.83 7.92 31.75
C ARG D 160 3.14 9.40 32.03
N GLN D 161 2.69 9.89 33.18
CA GLN D 161 2.88 11.28 33.58
C GLN D 161 4.30 11.51 34.12
N VAL D 162 5.21 11.72 33.16
CA VAL D 162 6.65 11.92 33.35
C VAL D 162 7.11 13.09 34.26
N LEU D 163 6.17 13.89 34.73
CA LEU D 163 6.58 15.01 35.59
C LEU D 163 6.42 14.71 37.08
N PHE D 164 5.70 13.63 37.39
CA PHE D 164 5.43 13.23 38.77
C PHE D 164 6.41 12.25 39.35
N SER D 165 6.53 12.29 40.68
CA SER D 165 7.43 11.44 41.44
C SER D 165 6.59 10.61 42.39
N GLU D 166 7.17 9.56 42.95
CA GLU D 166 6.45 8.72 43.91
C GLU D 166 6.02 9.63 45.04
N ASP D 167 6.87 10.59 45.35
CA ASP D 167 6.65 11.55 46.40
C ASP D 167 5.47 12.52 46.24
N ASP D 168 4.98 12.71 45.02
CA ASP D 168 3.87 13.64 44.83
C ASP D 168 2.50 12.96 44.86
N VAL D 169 2.50 11.63 45.02
CA VAL D 169 1.26 10.87 45.06
C VAL D 169 0.33 11.44 46.13
N GLY D 170 -0.79 12.00 45.69
CA GLY D 170 -1.73 12.59 46.63
C GLY D 170 -1.99 14.06 46.36
N LYS D 171 -0.95 14.80 45.95
CA LYS D 171 -1.07 16.22 45.65
C LYS D 171 -1.88 16.48 44.38
N ASN D 172 -2.24 17.73 44.13
CA ASN D 172 -3.00 18.12 42.95
C ASN D 172 -2.15 17.99 41.69
N LYS D 173 -2.69 17.36 40.66
CA LYS D 173 -1.95 17.19 39.41
C LYS D 173 -1.52 18.55 38.91
N THR D 174 -2.47 19.46 38.91
CA THR D 174 -2.23 20.81 38.44
C THR D 174 -1.08 21.48 39.22
N GLU D 175 -1.03 21.25 40.53
CA GLU D 175 -0.01 21.83 41.38
C GLU D 175 1.41 21.39 41.01
N VAL D 176 1.59 20.07 40.93
CA VAL D 176 2.88 19.47 40.61
C VAL D 176 3.37 19.80 39.20
N ILE D 177 2.46 19.88 38.24
CA ILE D 177 2.85 20.22 36.87
C ILE D 177 3.51 21.58 36.90
N LYS D 178 2.78 22.55 37.43
CA LYS D 178 3.26 23.93 37.52
C LYS D 178 4.66 24.07 38.09
N ARG D 179 4.93 23.45 39.24
CA ARG D 179 6.26 23.61 39.80
C ARG D 179 7.34 22.96 38.96
N GLU D 180 7.00 21.88 38.27
CA GLU D 180 7.99 21.19 37.44
C GLU D 180 8.28 22.02 36.20
N LEU D 181 7.24 22.64 35.65
CA LEU D 181 7.40 23.46 34.46
C LEU D 181 8.28 24.65 34.75
N LEU D 182 8.06 25.28 35.91
CA LEU D 182 8.81 26.47 36.30
C LEU D 182 10.29 26.21 36.51
N LYS D 183 10.63 25.02 37.00
CA LYS D 183 12.03 24.67 37.23
C LYS D 183 12.70 24.46 35.87
N ARG D 184 11.91 24.06 34.88
CA ARG D 184 12.45 23.81 33.55
C ARG D 184 12.49 25.08 32.74
N ASN D 185 11.62 26.01 33.08
CA ASN D 185 11.56 27.28 32.39
C ASN D 185 10.96 28.30 33.35
N SER D 186 11.78 29.23 33.81
CA SER D 186 11.31 30.24 34.75
C SER D 186 10.79 31.50 34.06
N GLU D 187 10.84 31.54 32.73
CA GLU D 187 10.38 32.72 31.99
C GLU D 187 8.91 32.66 31.61
N ILE D 188 8.20 31.66 32.11
CA ILE D 188 6.77 31.53 31.78
C ILE D 188 5.86 31.56 33.01
N SER D 189 4.64 32.02 32.79
CA SER D 189 3.66 32.11 33.86
C SER D 189 2.63 31.01 33.72
N VAL D 190 2.54 30.16 34.74
CA VAL D 190 1.59 29.05 34.74
C VAL D 190 0.49 29.30 35.77
N SER D 191 -0.75 29.14 35.35
CA SER D 191 -1.88 29.35 36.24
C SER D 191 -2.69 28.05 36.37
N GLU D 192 -3.23 27.80 37.55
CA GLU D 192 -4.03 26.59 37.78
C GLU D 192 -5.51 26.94 37.85
N ILE D 193 -6.35 25.91 37.79
CA ILE D 193 -7.81 26.04 37.88
C ILE D 193 -8.35 24.65 38.23
N ALA D 194 -8.57 24.40 39.52
CA ALA D 194 -9.08 23.11 39.99
C ALA D 194 -10.48 22.87 39.45
N LEU D 195 -10.56 22.39 38.21
CA LEU D 195 -11.85 22.17 37.59
C LEU D 195 -11.89 21.10 36.48
N ASN D 196 -12.60 20.02 36.74
CA ASN D 196 -12.76 18.97 35.76
C ASN D 196 -14.09 19.31 35.10
N ILE D 197 -14.27 18.91 33.86
CA ILE D 197 -15.50 19.20 33.13
C ILE D 197 -16.52 18.06 33.27
N ASN D 198 -17.70 18.39 33.80
CA ASN D 198 -18.75 17.41 33.97
C ASN D 198 -20.04 17.87 33.31
N ASP D 199 -20.14 19.17 33.08
CA ASP D 199 -21.32 19.77 32.45
C ASP D 199 -20.99 20.97 31.56
N TYR D 200 -21.72 21.12 30.46
CA TYR D 200 -21.52 22.21 29.51
C TYR D 200 -21.19 23.54 30.16
N THR D 201 -22.04 24.00 31.07
CA THR D 201 -21.80 25.28 31.75
C THR D 201 -20.39 25.43 32.30
N ASP D 202 -19.76 24.29 32.63
CA ASP D 202 -18.42 24.28 33.17
C ASP D 202 -17.41 24.95 32.25
N LEU D 203 -17.47 24.61 30.97
CA LEU D 203 -16.56 25.16 29.98
C LEU D 203 -16.46 26.68 30.05
N HIS D 204 -17.56 27.35 30.42
CA HIS D 204 -17.52 28.81 30.52
C HIS D 204 -16.51 29.22 31.57
N LYS D 205 -15.94 28.23 32.25
CA LYS D 205 -14.95 28.48 33.29
C LYS D 205 -13.54 28.56 32.68
N VAL D 206 -13.36 27.89 31.55
CA VAL D 206 -12.08 27.88 30.86
C VAL D 206 -11.86 29.18 30.10
N PRO D 207 -10.85 29.98 30.50
CA PRO D 207 -10.55 31.26 29.86
C PRO D 207 -10.41 31.19 28.34
N GLU D 208 -10.30 32.36 27.71
CA GLU D 208 -10.17 32.43 26.25
C GLU D 208 -8.69 32.44 25.94
N ALA D 209 -8.26 31.58 25.04
CA ALA D 209 -6.85 31.54 24.70
C ALA D 209 -6.61 31.29 23.22
N ASP D 210 -5.35 31.41 22.81
CA ASP D 210 -4.95 31.21 21.42
C ASP D 210 -5.39 29.85 20.92
N ILE D 211 -5.34 28.85 21.80
CA ILE D 211 -5.73 27.48 21.45
C ILE D 211 -5.93 26.62 22.71
N TRP D 212 -6.83 25.64 22.62
CA TRP D 212 -7.09 24.74 23.74
C TRP D 212 -6.57 23.35 23.36
N VAL D 213 -5.91 22.69 24.30
CA VAL D 213 -5.42 21.35 24.07
C VAL D 213 -6.36 20.46 24.88
N VAL D 214 -7.35 19.89 24.21
CA VAL D 214 -8.35 19.02 24.86
C VAL D 214 -7.88 17.57 24.89
N SER D 215 -7.29 17.16 26.00
CA SER D 215 -6.78 15.80 26.10
C SER D 215 -7.54 14.87 27.03
N ALA D 216 -8.36 15.44 27.90
CA ALA D 216 -9.13 14.63 28.85
C ALA D 216 -9.89 13.48 28.18
N ASP D 217 -10.18 12.44 28.93
CA ASP D 217 -10.87 11.27 28.39
C ASP D 217 -12.17 10.92 29.13
N HIS D 218 -12.71 11.89 29.86
CA HIS D 218 -13.94 11.67 30.62
C HIS D 218 -14.76 12.96 30.72
N PRO D 219 -16.06 12.89 30.39
CA PRO D 219 -16.73 11.67 29.95
C PRO D 219 -16.56 11.46 28.46
N PHE D 220 -17.42 10.61 27.89
CA PHE D 220 -17.37 10.29 26.47
C PHE D 220 -17.69 11.47 25.53
N ASN D 221 -18.87 12.06 25.68
CA ASN D 221 -19.29 13.17 24.83
C ASN D 221 -18.50 14.44 25.05
N LEU D 222 -17.33 14.32 25.68
CA LEU D 222 -16.52 15.49 25.94
C LEU D 222 -16.04 16.24 24.69
N ILE D 223 -15.56 15.51 23.68
CA ILE D 223 -15.10 16.16 22.45
C ILE D 223 -16.30 16.89 21.85
N ASN D 224 -17.39 16.15 21.72
CA ASN D 224 -18.63 16.67 21.17
C ASN D 224 -19.06 17.88 21.99
N TRP D 225 -19.02 17.74 23.31
CA TRP D 225 -19.38 18.83 24.20
C TRP D 225 -18.52 20.02 23.86
N VAL D 226 -17.22 19.89 24.15
CA VAL D 226 -16.24 20.94 23.91
C VAL D 226 -16.31 21.52 22.50
N ASN D 227 -16.49 20.67 21.50
CA ASN D 227 -16.57 21.13 20.12
C ASN D 227 -17.68 22.17 19.95
N LYS D 228 -18.90 21.78 20.32
CA LYS D 228 -20.06 22.66 20.23
C LYS D 228 -19.75 23.99 20.89
N TYR D 229 -19.25 23.95 22.12
CA TYR D 229 -18.90 25.18 22.84
C TYR D 229 -17.88 26.00 22.06
N CYS D 230 -16.75 25.38 21.72
CA CYS D 230 -15.67 26.06 20.99
C CYS D 230 -16.05 26.62 19.62
N VAL D 231 -17.05 26.04 18.98
CA VAL D 231 -17.48 26.54 17.69
C VAL D 231 -18.24 27.85 17.87
N ARG D 232 -19.01 27.94 18.96
CA ARG D 232 -19.78 29.15 19.21
C ARG D 232 -18.92 30.34 19.61
N ALA D 233 -17.97 30.12 20.52
CA ALA D 233 -17.09 31.19 21.01
C ALA D 233 -15.90 31.59 20.14
N ASN D 234 -15.74 30.94 19.00
CA ASN D 234 -14.62 31.24 18.10
C ASN D 234 -13.24 31.00 18.73
N GLN D 235 -13.10 29.92 19.50
CA GLN D 235 -11.81 29.61 20.12
C GLN D 235 -11.25 28.31 19.54
N PRO D 236 -10.03 28.37 18.99
CA PRO D 236 -9.33 27.24 18.38
C PRO D 236 -9.01 26.13 19.39
N TYR D 237 -8.93 24.89 18.91
CA TYR D 237 -8.60 23.76 19.76
C TYR D 237 -8.11 22.55 18.97
N ILE D 238 -7.49 21.61 19.68
CA ILE D 238 -6.97 20.40 19.05
C ILE D 238 -7.22 19.22 19.97
N ASN D 239 -7.81 18.16 19.42
CA ASN D 239 -8.12 16.96 20.19
C ASN D 239 -6.87 16.05 20.17
N ALA D 240 -6.58 15.41 21.29
CA ALA D 240 -5.45 14.50 21.42
C ALA D 240 -5.74 13.47 22.52
N GLY D 241 -5.53 12.21 22.20
CA GLY D 241 -5.76 11.15 23.17
C GLY D 241 -5.28 9.83 22.60
N TYR D 242 -6.05 8.77 22.82
CA TYR D 242 -5.71 7.46 22.32
C TYR D 242 -6.86 6.48 22.49
N VAL D 243 -6.83 5.43 21.68
CA VAL D 243 -7.83 4.37 21.73
C VAL D 243 -6.96 3.13 21.90
N ASN D 244 -6.69 2.78 23.15
CA ASN D 244 -5.85 1.62 23.47
C ASN D 244 -4.45 1.79 22.83
N ASP D 245 -4.07 0.87 21.95
CA ASP D 245 -2.76 0.93 21.31
C ASP D 245 -2.65 1.93 20.16
N ILE D 246 -3.72 2.66 19.86
CA ILE D 246 -3.67 3.66 18.79
C ILE D 246 -3.54 5.10 19.36
N ALA D 247 -2.51 5.81 18.91
CA ALA D 247 -2.29 7.19 19.35
C ALA D 247 -3.07 8.09 18.38
N VAL D 248 -3.82 9.02 18.94
CA VAL D 248 -4.64 9.91 18.12
C VAL D 248 -4.38 11.37 18.47
N PHE D 249 -4.41 12.23 17.46
CA PHE D 249 -4.25 13.64 17.67
C PHE D 249 -4.92 14.33 16.49
N GLY D 250 -5.62 15.42 16.76
CA GLY D 250 -6.31 16.10 15.68
C GLY D 250 -7.80 15.92 15.88
N PRO D 251 -8.63 16.77 15.29
CA PRO D 251 -8.23 17.88 14.42
C PRO D 251 -7.83 19.12 15.18
N LEU D 252 -7.31 20.08 14.42
CA LEU D 252 -6.90 21.37 14.95
C LEU D 252 -7.99 22.28 14.40
N TYR D 253 -9.08 22.44 15.14
CA TYR D 253 -10.20 23.28 14.70
C TYR D 253 -9.90 24.77 14.72
N VAL D 254 -10.08 25.42 13.58
CA VAL D 254 -9.84 26.86 13.47
C VAL D 254 -11.11 27.55 13.00
N PRO D 255 -11.61 28.52 13.77
CA PRO D 255 -12.83 29.29 13.48
C PRO D 255 -12.92 29.86 12.06
N GLY D 256 -13.80 29.27 11.26
CA GLY D 256 -14.00 29.72 9.89
C GLY D 256 -12.90 29.41 8.90
N LYS D 257 -12.13 28.35 9.15
CA LYS D 257 -11.05 27.97 8.26
C LYS D 257 -10.94 26.45 8.05
N THR D 258 -11.35 25.68 9.05
CA THR D 258 -11.29 24.23 8.93
C THR D 258 -12.66 23.59 9.09
N GLY D 259 -12.67 22.36 9.58
CA GLY D 259 -13.92 21.66 9.78
C GLY D 259 -14.07 21.15 11.21
N CYS D 260 -15.23 21.42 11.80
CA CYS D 260 -15.51 20.99 13.16
C CYS D 260 -15.50 19.46 13.29
N TYR D 261 -15.50 18.99 14.53
CA TYR D 261 -15.48 17.57 14.84
C TYR D 261 -16.70 16.80 14.33
N GLU D 262 -17.79 17.53 14.07
CA GLU D 262 -19.04 16.91 13.59
C GLU D 262 -19.17 16.67 12.07
N CYS D 263 -18.55 17.51 11.25
CA CYS D 263 -18.62 17.35 9.78
C CYS D 263 -18.54 15.88 9.38
N LYS D 275 -31.69 -0.44 20.86
CA LYS D 275 -32.84 -0.99 20.13
C LYS D 275 -33.68 -1.94 20.99
N GLU D 276 -33.03 -2.70 21.87
CA GLU D 276 -33.73 -3.64 22.75
C GLU D 276 -32.90 -3.98 23.99
N ASN D 277 -33.22 -5.10 24.64
CA ASN D 277 -32.49 -5.53 25.84
C ASN D 277 -31.00 -5.67 25.54
N ILE D 278 -30.68 -5.79 24.26
CA ILE D 278 -29.30 -5.92 23.83
C ILE D 278 -28.64 -4.54 23.91
N ASP D 279 -29.38 -3.58 24.45
CA ASP D 279 -28.88 -2.22 24.56
C ASP D 279 -28.18 -1.91 25.88
N HIS D 280 -28.85 -2.12 27.00
CA HIS D 280 -28.22 -1.82 28.28
C HIS D 280 -27.16 -2.86 28.66
N LYS D 281 -27.09 -3.93 27.89
CA LYS D 281 -26.08 -4.95 28.10
C LYS D 281 -24.76 -4.37 27.61
N ILE D 282 -24.81 -3.73 26.44
CA ILE D 282 -23.63 -3.11 25.88
C ILE D 282 -23.35 -1.82 26.65
N LYS D 283 -24.37 -1.24 27.26
CA LYS D 283 -24.19 -0.02 28.03
C LYS D 283 -23.40 -0.35 29.28
N LEU D 284 -23.78 -1.46 29.92
CA LEU D 284 -23.09 -1.89 31.13
C LEU D 284 -21.66 -2.25 30.79
N ILE D 285 -21.44 -2.96 29.70
CA ILE D 285 -20.09 -3.32 29.30
C ILE D 285 -19.29 -2.05 29.03
N ASN D 286 -19.82 -1.14 28.21
CA ASN D 286 -19.11 0.10 27.93
C ASN D 286 -18.89 0.94 29.19
N SER D 287 -19.71 0.72 30.22
CA SER D 287 -19.57 1.48 31.45
C SER D 287 -18.37 1.01 32.28
N ARG D 288 -17.99 -0.24 32.14
CA ARG D 288 -16.84 -0.77 32.87
C ARG D 288 -15.55 -0.58 32.10
N PHE D 289 -15.61 0.23 31.06
CA PHE D 289 -14.46 0.47 30.23
C PHE D 289 -13.29 1.09 30.96
N LYS D 290 -12.09 0.67 30.57
CA LYS D 290 -10.84 1.21 31.13
C LYS D 290 -9.78 1.02 30.05
N PRO D 291 -9.19 2.15 29.58
CA PRO D 291 -8.16 2.16 28.53
C PRO D 291 -6.97 1.25 28.74
N ALA D 292 -6.43 0.78 27.63
CA ALA D 292 -5.25 -0.06 27.66
C ALA D 292 -4.06 0.90 27.48
N THR D 293 -3.86 1.78 28.45
CA THR D 293 -2.78 2.76 28.38
C THR D 293 -1.44 2.09 28.15
N PHE D 294 -0.53 2.83 27.52
CA PHE D 294 0.81 2.35 27.22
C PHE D 294 1.64 3.61 26.93
N ALA D 295 2.49 3.98 27.88
CA ALA D 295 3.31 5.19 27.77
C ALA D 295 3.77 5.60 26.37
N PRO D 296 4.44 4.69 25.62
CA PRO D 296 4.88 5.07 24.27
C PRO D 296 3.76 5.67 23.43
N VAL D 297 2.65 4.94 23.31
CA VAL D 297 1.49 5.44 22.55
C VAL D 297 1.10 6.83 23.05
N ASN D 298 1.00 6.95 24.36
CA ASN D 298 0.67 8.21 25.01
C ASN D 298 1.57 9.33 24.49
N ASN D 299 2.89 9.08 24.50
CA ASN D 299 3.89 10.05 24.07
C ASN D 299 3.87 10.46 22.60
N VAL D 300 3.57 9.52 21.72
CA VAL D 300 3.49 9.86 20.30
C VAL D 300 2.37 10.88 20.12
N ALA D 301 1.23 10.61 20.76
CA ALA D 301 0.10 11.51 20.64
C ALA D 301 0.44 12.90 21.18
N ALA D 302 0.89 12.94 22.42
CA ALA D 302 1.22 14.23 23.00
C ALA D 302 2.27 14.96 22.17
N ALA D 303 3.27 14.24 21.69
CA ALA D 303 4.33 14.85 20.91
C ALA D 303 3.84 15.52 19.64
N LEU D 304 3.08 14.79 18.83
CA LEU D 304 2.59 15.33 17.58
C LEU D 304 1.55 16.43 17.79
N CYS D 305 0.84 16.34 18.91
CA CYS D 305 -0.15 17.37 19.25
C CYS D 305 0.58 18.68 19.61
N ALA D 306 1.59 18.59 20.47
CA ALA D 306 2.38 19.76 20.86
C ALA D 306 3.02 20.40 19.62
N ALA D 307 3.37 19.58 18.63
CA ALA D 307 3.98 20.07 17.40
C ALA D 307 3.02 21.02 16.68
N ASP D 308 1.80 20.56 16.42
CA ASP D 308 0.84 21.40 15.73
C ASP D 308 0.51 22.65 16.51
N VAL D 309 0.55 22.58 17.83
CA VAL D 309 0.26 23.77 18.60
C VAL D 309 1.40 24.76 18.37
N ILE D 310 2.63 24.27 18.37
CA ILE D 310 3.78 25.14 18.17
C ILE D 310 3.75 25.74 16.77
N LYS D 311 3.27 24.97 15.81
CA LYS D 311 3.19 25.47 14.45
C LYS D 311 2.01 26.40 14.31
N PHE D 312 0.86 25.99 14.84
CA PHE D 312 -0.34 26.81 14.77
C PHE D 312 -0.09 28.24 15.21
N ILE D 313 0.70 28.43 16.26
CA ILE D 313 0.95 29.80 16.71
C ILE D 313 2.23 30.41 16.14
N GLY D 314 3.19 29.57 15.74
CA GLY D 314 4.44 30.06 15.18
C GLY D 314 4.23 30.50 13.74
N LYS D 315 3.20 29.95 13.11
CA LYS D 315 2.84 30.28 11.73
C LYS D 315 3.88 30.00 10.64
N TYR D 316 4.95 29.29 10.98
CA TYR D 316 6.00 29.00 10.03
C TYR D 316 5.80 27.75 9.17
N SER D 317 4.87 26.90 9.56
CA SER D 317 4.62 25.67 8.81
C SER D 317 3.21 25.19 9.12
N GLU D 318 2.52 24.65 8.13
CA GLU D 318 1.16 24.18 8.34
C GLU D 318 0.99 22.98 9.29
N PRO D 319 0.08 23.09 10.28
CA PRO D 319 -0.14 21.98 11.21
C PRO D 319 -0.71 20.78 10.45
N LEU D 320 -0.43 19.58 10.94
CA LEU D 320 -0.87 18.34 10.31
C LEU D 320 -2.33 18.00 10.55
N SER D 321 -2.82 18.30 11.75
CA SER D 321 -4.19 17.98 12.15
C SER D 321 -5.34 18.85 11.61
N LEU D 322 -5.01 19.88 10.84
CA LEU D 322 -6.06 20.71 10.25
C LEU D 322 -6.99 19.82 9.42
N ASN D 323 -8.28 19.88 9.72
CA ASN D 323 -9.27 19.08 8.99
C ASN D 323 -8.91 17.60 9.03
N LYS D 324 -8.09 17.19 10.01
CA LYS D 324 -7.69 15.79 10.09
C LYS D 324 -7.62 15.15 11.48
N ARG D 325 -7.95 13.86 11.53
CA ARG D 325 -7.87 13.12 12.77
C ARG D 325 -6.84 12.06 12.47
N ILE D 326 -5.59 12.34 12.83
CA ILE D 326 -4.46 11.45 12.58
C ILE D 326 -4.33 10.36 13.63
N GLY D 327 -4.15 9.13 13.20
CA GLY D 327 -4.00 8.03 14.12
C GLY D 327 -2.68 7.31 13.87
N ILE D 328 -1.99 6.94 14.93
CA ILE D 328 -0.72 6.23 14.78
C ILE D 328 -0.82 4.91 15.50
N TRP D 329 -0.47 3.83 14.80
CA TRP D 329 -0.50 2.47 15.36
C TRP D 329 0.82 2.12 16.04
N SER D 330 0.75 1.30 17.07
CA SER D 330 1.94 0.90 17.79
C SER D 330 2.27 -0.59 17.63
N ASP D 331 1.31 -1.35 17.10
CA ASP D 331 1.51 -2.78 16.90
C ASP D 331 1.75 -3.08 15.42
N GLU D 332 1.93 -2.01 14.65
CA GLU D 332 2.20 -2.09 13.23
C GLU D 332 2.66 -0.75 12.69
N ILE D 333 3.35 -0.78 11.56
CA ILE D 333 3.88 0.43 10.95
C ILE D 333 2.76 1.03 10.15
N LYS D 334 2.00 1.91 10.76
CA LYS D 334 0.88 2.50 10.07
C LYS D 334 0.50 3.88 10.58
N ILE D 335 0.15 4.75 9.64
CA ILE D 335 -0.27 6.11 9.93
C ILE D 335 -1.46 6.43 9.00
N HIS D 336 -2.59 6.78 9.60
CA HIS D 336 -3.77 7.05 8.82
C HIS D 336 -4.57 8.21 9.37
N SER D 337 -4.94 9.12 8.48
CA SER D 337 -5.71 10.29 8.84
C SER D 337 -7.16 10.16 8.37
N GLN D 338 -8.07 10.81 9.09
CA GLN D 338 -9.48 10.78 8.71
C GLN D 338 -9.84 12.16 8.21
N ASN D 339 -10.89 12.27 7.41
CA ASN D 339 -11.30 13.56 6.90
C ASN D 339 -12.23 14.30 7.86
N MET D 340 -11.81 15.47 8.29
CA MET D 340 -12.59 16.30 9.20
C MET D 340 -12.65 17.70 8.57
N GLY D 341 -12.82 17.73 7.26
CA GLY D 341 -12.92 18.99 6.53
C GLY D 341 -14.33 19.53 6.64
N ARG D 342 -14.50 20.84 6.47
CA ARG D 342 -15.82 21.45 6.58
C ARG D 342 -16.87 20.86 5.64
N SER D 343 -18.04 20.57 6.20
CA SER D 343 -19.17 20.04 5.46
C SER D 343 -20.18 21.17 5.37
N PRO D 344 -20.79 21.37 4.19
CA PRO D 344 -21.78 22.45 4.09
C PRO D 344 -23.08 22.04 4.75
N VAL D 345 -23.25 20.73 4.93
CA VAL D 345 -24.45 20.15 5.51
C VAL D 345 -24.51 20.16 7.04
N CYS D 346 -23.37 19.93 7.69
CA CYS D 346 -23.32 19.90 9.16
C CYS D 346 -24.17 21.00 9.80
N SER D 347 -24.71 20.71 10.99
CA SER D 347 -25.55 21.65 11.72
C SER D 347 -24.73 22.47 12.72
N VAL D 348 -23.84 21.76 13.42
CA VAL D 348 -23.00 22.38 14.43
C VAL D 348 -22.27 23.66 13.97
N CYS D 349 -21.82 23.68 12.72
CA CYS D 349 -21.12 24.86 12.22
C CYS D 349 -21.53 25.22 10.79
N GLY D 350 -22.13 24.27 10.09
CA GLY D 350 -22.56 24.50 8.72
C GLY D 350 -23.50 25.67 8.54
N MSE E 1 -18.15 -22.74 -21.31
CA MSE E 1 -18.09 -22.20 -22.70
C MSE E 1 -19.33 -22.52 -23.52
O MSE E 1 -19.37 -22.27 -24.74
CB MSE E 1 -16.87 -22.76 -23.38
CG MSE E 1 -15.81 -21.73 -23.62
SE MSE E 1 -15.62 -21.71 -25.58
CE MSE E 1 -16.52 -20.02 -26.22
N ARG E 2 -20.34 -23.08 -22.87
CA ARG E 2 -21.59 -23.41 -23.54
C ARG E 2 -22.78 -22.72 -22.87
N THR E 3 -22.57 -21.49 -22.42
CA THR E 3 -23.62 -20.73 -21.75
C THR E 3 -23.35 -19.22 -21.81
N GLY E 4 -24.07 -18.46 -20.98
CA GLY E 4 -23.90 -17.02 -20.94
C GLY E 4 -22.48 -16.51 -20.74
N ASN E 5 -22.26 -15.26 -21.13
CA ASN E 5 -20.95 -14.62 -21.00
C ASN E 5 -20.98 -13.73 -19.75
N MSE F 1 7.35 -14.44 -28.24
CA MSE F 1 8.00 -14.36 -26.89
C MSE F 1 9.47 -14.72 -27.01
O MSE F 1 10.31 -14.14 -26.31
CB MSE F 1 7.27 -15.32 -26.01
CG MSE F 1 6.64 -16.38 -26.85
SE MSE F 1 5.98 -17.66 -25.61
CE MSE F 1 6.28 -19.52 -26.38
N ARG F 2 9.78 -15.65 -27.92
CA ARG F 2 11.13 -16.15 -28.21
C ARG F 2 12.02 -15.08 -28.88
N MSE G 1 15.97 10.63 6.09
CA MSE G 1 16.63 9.44 6.70
C MSE G 1 17.53 8.72 5.70
O MSE G 1 17.76 7.50 5.80
CB MSE G 1 15.58 8.49 7.18
CG MSE G 1 14.69 8.09 6.07
SE MSE G 1 13.53 6.69 6.77
CE MSE G 1 14.66 5.45 7.87
N ARG G 2 18.04 9.48 4.72
CA ARG G 2 18.93 8.94 3.70
C ARG G 2 20.37 8.92 4.23
N THR G 3 20.62 9.71 5.27
CA THR G 3 21.93 9.76 5.92
C THR G 3 21.72 9.12 7.30
N GLY G 4 22.73 8.43 7.81
CA GLY G 4 22.60 7.84 9.13
C GLY G 4 22.26 9.03 10.00
N ASN G 5 21.58 8.82 11.13
CA ASN G 5 21.23 9.95 11.99
C ASN G 5 22.39 10.94 11.91
N ALA G 6 22.06 12.21 11.69
CA ALA G 6 23.01 13.32 11.49
C ALA G 6 24.16 13.67 12.46
N ASN G 7 25.29 14.10 11.88
CA ASN G 7 26.50 14.54 12.59
C ASN G 7 27.52 15.04 11.58
N MSE H 1 -9.46 3.43 15.47
CA MSE H 1 -9.84 4.86 15.41
C MSE H 1 -11.36 5.04 15.47
O MSE H 1 -11.81 6.21 15.59
CB MSE H 1 -9.32 5.42 14.11
CG MSE H 1 -7.86 5.44 13.98
SE MSE H 1 -8.01 7.25 14.50
CE MSE H 1 -7.87 8.54 12.92
N ARG H 2 -12.07 4.03 15.38
ZN ZN I . -28.24 -15.20 -38.27
ZN ZN J . 18.29 -22.73 -14.11
S SO4 K . 5.69 1.19 -18.56
O1 SO4 K . 5.46 0.66 -17.21
O2 SO4 K . 4.99 0.31 -19.53
O3 SO4 K . 5.20 2.57 -18.65
O4 SO4 K . 7.13 1.15 -18.84
S SO4 L . -29.87 -13.49 -3.68
O1 SO4 L . -30.74 -14.55 -3.15
O2 SO4 L . -29.56 -13.74 -5.10
O3 SO4 L . -30.56 -12.19 -3.56
O4 SO4 L . -28.61 -13.48 -2.90
ZN ZN M . 24.58 -8.24 8.64
ZN ZN N . -19.09 20.64 11.34
#